data_7LS0
#
_entry.id   7LS0
#
_cell.length_a   66.262
_cell.length_b   177.754
_cell.length_c   94.855
_cell.angle_alpha   90.000
_cell.angle_beta   104.800
_cell.angle_gamma   90.000
#
_symmetry.space_group_name_H-M   'P 1 21 1'
#
loop_
_entity.id
_entity.type
_entity.pdbx_description
1 polymer 'ALK tyrosine kinase receptor fused with ALK and LTK ligand 2'
2 non-polymer 'CITRIC ACID'
3 non-polymer 2-acetamido-2-deoxy-beta-D-glucopyranose
#
_entity_poly.entity_id   1
_entity_poly.type   'polypeptide(L)'
_entity_poly.pdbx_seq_one_letter_code
;GHHHHHHHHIEGRSLDPTVHWLFTTCGASGPHGPTQAQCNNAYQNSNLSVEVGSEGPLKGIQIWKVPATDTYSISGYGAA
GGKGGKNTMMRSHGVSVLGIFNLEKDDMLYILVGQQGEDACPSTNQLIQKVCIGENNVIEEEIRVNRSVHEWAGGGGGGG
GATYVFKMKDGVPVPLIIAAGGGGRAYGAKTDTFHPERLENNSSVLGLNGNSGAAGGGGGWNDNTSLLWAGKSLQEGATG
GHSCPQAMKKWGWETRGGFGGGGGGCSSGGGGGGYIGGNAASNNDPEMDGEDGVSFISPLGILYTPALKVMEGHGEVNIK
HYLNCSHCEVDECHMDPESHKVICFCDHGTVLAEDGVSCIVSPTPEPHGGSGGSGGSGGSGGAEIVPRDLRMKDKFLKHL
TGPLYFSPKCSKHFHRLYHNTRDCTIPAYYKRCARLLTRLAVSPVCMEDKQ
;
_entity_poly.pdbx_strand_id   A,B,C,D
#
loop_
_chem_comp.id
_chem_comp.type
_chem_comp.name
_chem_comp.formula
CIT non-polymer 'CITRIC ACID' 'C6 H8 O7'
NAG D-saccharide, beta linking 2-acetamido-2-deoxy-beta-D-glucopyranose 'C8 H15 N O6'
#
# COMPACT_ATOMS: atom_id res chain seq x y z
N VAL A 19 -29.99 13.50 -6.05
CA VAL A 19 -30.10 14.31 -7.26
C VAL A 19 -28.89 14.10 -8.17
N HIS A 20 -27.68 14.26 -7.61
CA HIS A 20 -26.46 14.17 -8.40
C HIS A 20 -25.42 13.34 -7.67
N TRP A 21 -24.42 12.87 -8.42
CA TRP A 21 -23.33 12.08 -7.86
C TRP A 21 -22.00 12.69 -8.28
N LEU A 22 -21.17 13.03 -7.30
CA LEU A 22 -19.86 13.63 -7.53
C LEU A 22 -18.78 12.61 -7.19
N PHE A 23 -17.91 12.32 -8.16
CA PHE A 23 -16.82 11.36 -8.02
C PHE A 23 -15.52 12.13 -7.91
N THR A 24 -14.82 11.95 -6.81
CA THR A 24 -13.56 12.63 -6.54
C THR A 24 -12.42 11.61 -6.46
N THR A 25 -11.25 12.09 -6.04
CA THR A 25 -10.09 11.23 -5.86
C THR A 25 -10.09 10.50 -4.54
N CYS A 26 -11.14 10.67 -3.73
CA CYS A 26 -11.29 9.97 -2.44
C CYS A 26 -10.13 10.27 -1.51
N GLY A 27 -9.55 11.46 -1.62
CA GLY A 27 -8.44 11.83 -0.76
C GLY A 27 -7.10 11.33 -1.25
N ALA A 28 -7.07 10.49 -2.27
CA ALA A 28 -5.82 10.01 -2.82
C ALA A 28 -5.18 11.09 -3.67
N SER A 29 -3.86 11.21 -3.56
CA SER A 29 -3.12 12.22 -4.29
C SER A 29 -1.78 11.62 -4.68
N GLY A 30 -1.33 11.94 -5.88
CA GLY A 30 -0.05 11.47 -6.35
C GLY A 30 -0.19 10.59 -7.58
N PRO A 31 0.60 9.52 -7.65
CA PRO A 31 0.61 8.72 -8.87
C PRO A 31 -0.32 7.53 -8.81
N HIS A 32 -0.61 7.07 -7.59
CA HIS A 32 -1.44 5.91 -7.37
C HIS A 32 -2.73 6.41 -6.76
N GLY A 33 -3.80 5.64 -6.95
CA GLY A 33 -5.13 6.13 -6.70
C GLY A 33 -5.67 5.69 -5.37
N PRO A 34 -6.98 5.73 -5.25
CA PRO A 34 -7.62 5.43 -3.97
C PRO A 34 -7.79 3.93 -3.79
N THR A 35 -7.87 3.55 -2.53
CA THR A 35 -8.25 2.20 -2.15
C THR A 35 -9.75 2.16 -1.96
N GLN A 36 -10.28 0.95 -1.76
CA GLN A 36 -11.71 0.83 -1.46
C GLN A 36 -12.06 1.55 -0.16
N ALA A 37 -11.19 1.47 0.85
CA ALA A 37 -11.49 2.12 2.12
C ALA A 37 -11.39 3.63 2.00
N GLN A 38 -10.52 4.13 1.13
CA GLN A 38 -10.42 5.57 0.92
C GLN A 38 -11.71 6.14 0.35
N CYS A 39 -12.30 5.46 -0.65
CA CYS A 39 -13.59 5.89 -1.18
C CYS A 39 -14.76 5.52 -0.28
N ASN A 40 -14.61 4.50 0.58
CA ASN A 40 -15.63 4.23 1.58
C ASN A 40 -15.73 5.38 2.56
N ASN A 41 -14.58 5.89 3.04
CA ASN A 41 -14.60 7.07 3.90
C ASN A 41 -14.96 8.33 3.13
N ALA A 42 -14.64 8.40 1.84
CA ALA A 42 -14.97 9.61 1.07
C ALA A 42 -16.46 9.74 0.76
N TYR A 43 -17.24 8.65 0.82
CA TYR A 43 -18.69 8.71 0.63
C TYR A 43 -19.35 7.76 1.64
N GLN A 44 -19.35 8.12 2.93
CA GLN A 44 -19.91 7.16 3.90
C GLN A 44 -21.40 7.40 4.13
N ASN A 45 -21.77 8.62 4.53
CA ASN A 45 -23.19 8.95 4.68
C ASN A 45 -23.78 9.57 3.42
N SER A 46 -23.03 9.61 2.34
CA SER A 46 -23.52 10.07 1.05
C SER A 46 -24.15 8.92 0.27
N ASN A 47 -25.18 9.25 -0.52
CA ASN A 47 -25.86 8.28 -1.36
C ASN A 47 -25.03 7.97 -2.61
N LEU A 48 -23.85 7.40 -2.37
CA LEU A 48 -22.93 7.04 -3.44
C LEU A 48 -22.05 5.88 -2.99
N SER A 49 -22.03 4.81 -3.79
CA SER A 49 -21.22 3.65 -3.48
C SER A 49 -20.54 3.19 -4.77
N VAL A 50 -19.24 2.89 -4.67
CA VAL A 50 -18.46 2.49 -5.83
C VAL A 50 -17.62 1.27 -5.47
N GLU A 51 -17.32 0.47 -6.49
CA GLU A 51 -16.43 -0.68 -6.37
C GLU A 51 -15.05 -0.24 -6.82
N VAL A 52 -14.10 -0.16 -5.89
CA VAL A 52 -12.75 0.25 -6.22
C VAL A 52 -11.91 -1.01 -6.46
N GLY A 53 -11.29 -1.08 -7.64
CA GLY A 53 -10.44 -2.20 -7.97
C GLY A 53 -9.27 -2.39 -7.04
N SER A 54 -9.04 -3.63 -6.59
CA SER A 54 -7.96 -3.92 -5.66
C SER A 54 -6.65 -4.25 -6.35
N GLU A 55 -6.70 -4.82 -7.55
CA GLU A 55 -5.49 -5.22 -8.27
C GLU A 55 -5.73 -5.07 -9.76
N GLY A 56 -4.71 -5.42 -10.55
CA GLY A 56 -4.80 -5.37 -11.98
C GLY A 56 -4.64 -3.95 -12.49
N PRO A 57 -4.98 -3.74 -13.77
CA PRO A 57 -4.93 -2.37 -14.32
C PRO A 57 -6.08 -1.48 -13.87
N LEU A 58 -7.20 -2.05 -13.43
CA LEU A 58 -8.31 -1.30 -12.89
C LEU A 58 -8.07 -0.85 -11.44
N LYS A 59 -6.82 -0.88 -10.98
CA LYS A 59 -6.50 -0.51 -9.61
C LYS A 59 -6.64 0.99 -9.43
N GLY A 60 -7.53 1.41 -8.53
CA GLY A 60 -7.78 2.81 -8.30
C GLY A 60 -8.89 3.43 -9.13
N ILE A 61 -9.52 2.66 -10.01
CA ILE A 61 -10.66 3.10 -10.79
C ILE A 61 -11.94 2.74 -10.06
N GLN A 62 -12.83 3.73 -9.89
CA GLN A 62 -14.11 3.55 -9.22
C GLN A 62 -15.13 3.01 -10.21
N ILE A 63 -15.89 1.99 -9.83
CA ILE A 63 -16.93 1.42 -10.69
C ILE A 63 -18.28 1.71 -10.06
N TRP A 64 -19.16 2.37 -10.82
CA TRP A 64 -20.44 2.87 -10.32
C TRP A 64 -21.59 2.30 -11.16
N LYS A 65 -22.66 1.93 -10.47
CA LYS A 65 -23.85 1.36 -11.11
C LYS A 65 -24.88 2.46 -11.31
N VAL A 66 -25.42 2.55 -12.53
CA VAL A 66 -26.43 3.58 -12.83
C VAL A 66 -27.76 3.13 -12.24
N PRO A 67 -28.51 4.02 -11.60
CA PRO A 67 -29.77 3.60 -10.93
C PRO A 67 -31.01 3.67 -11.80
N ALA A 68 -30.89 4.14 -13.05
CA ALA A 68 -32.04 4.26 -13.94
C ALA A 68 -31.55 4.19 -15.38
N THR A 69 -32.52 4.15 -16.29
CA THR A 69 -32.25 4.10 -17.73
C THR A 69 -32.73 5.41 -18.36
N ASP A 70 -32.04 6.50 -18.01
CA ASP A 70 -32.39 7.84 -18.44
C ASP A 70 -31.19 8.47 -19.15
N THR A 71 -31.37 9.71 -19.60
CA THR A 71 -30.29 10.49 -20.20
C THR A 71 -29.56 11.27 -19.13
N TYR A 72 -28.23 11.09 -19.08
CA TYR A 72 -27.36 11.68 -18.07
C TYR A 72 -26.41 12.68 -18.71
N SER A 73 -25.86 13.58 -17.90
CA SER A 73 -24.93 14.59 -18.37
C SER A 73 -23.64 14.44 -17.57
N ILE A 74 -22.70 13.68 -18.11
CA ILE A 74 -21.42 13.42 -17.45
C ILE A 74 -20.50 14.61 -17.70
N SER A 75 -20.03 15.22 -16.62
CA SER A 75 -19.15 16.36 -16.65
C SER A 75 -17.80 15.88 -16.13
N GLY A 76 -16.83 15.71 -17.02
CA GLY A 76 -15.51 15.26 -16.64
C GLY A 76 -14.56 16.44 -16.52
N TYR A 77 -13.73 16.42 -15.47
CA TYR A 77 -12.77 17.48 -15.20
C TYR A 77 -11.43 16.83 -14.91
N GLY A 78 -10.45 17.11 -15.77
CA GLY A 78 -9.08 16.67 -15.60
C GLY A 78 -8.43 17.29 -14.38
N ALA A 79 -7.10 17.24 -14.30
CA ALA A 79 -6.39 17.71 -13.14
C ALA A 79 -5.25 18.62 -13.57
N ALA A 80 -4.82 19.47 -12.65
CA ALA A 80 -3.79 20.44 -12.95
C ALA A 80 -2.41 19.79 -12.92
N GLY A 81 -1.46 20.43 -13.61
CA GLY A 81 -0.07 20.06 -13.53
C GLY A 81 0.60 20.68 -12.32
N GLY A 82 1.85 20.33 -12.13
CA GLY A 82 2.60 20.81 -10.99
C GLY A 82 3.18 22.20 -11.19
N LYS A 83 3.69 22.75 -10.10
CA LYS A 83 4.34 24.05 -10.09
C LYS A 83 5.85 23.87 -10.11
N GLY A 84 6.54 24.89 -10.60
CA GLY A 84 7.99 24.87 -10.64
C GLY A 84 8.61 25.23 -9.31
N GLY A 85 9.94 25.35 -9.33
CA GLY A 85 10.66 25.74 -8.13
C GLY A 85 10.45 27.18 -7.73
N LYS A 86 9.85 27.98 -8.60
CA LYS A 86 9.54 29.38 -8.33
C LYS A 86 8.04 29.52 -8.12
N ASN A 87 7.59 30.76 -7.91
CA ASN A 87 6.17 31.07 -7.85
C ASN A 87 5.73 31.91 -9.04
N THR A 88 6.60 32.07 -10.03
CA THR A 88 6.34 32.92 -11.19
C THR A 88 5.53 32.18 -12.25
N MET A 89 4.60 31.32 -11.81
CA MET A 89 3.80 30.57 -12.77
C MET A 89 2.53 30.09 -12.09
N MET A 90 1.47 30.00 -12.88
CA MET A 90 0.21 29.41 -12.45
C MET A 90 0.18 27.99 -13.01
N ARG A 91 -0.16 27.03 -12.17
CA ARG A 91 -0.09 25.65 -12.61
C ARG A 91 -1.12 25.40 -13.71
N SER A 92 -0.67 24.76 -14.80
CA SER A 92 -1.47 24.53 -15.99
C SER A 92 -2.76 23.79 -15.62
N HIS A 93 -3.89 24.47 -15.75
CA HIS A 93 -5.16 23.96 -15.27
C HIS A 93 -5.63 22.75 -16.08
N GLY A 94 -6.45 21.94 -15.42
CA GLY A 94 -7.00 20.75 -16.07
C GLY A 94 -8.21 21.07 -16.92
N VAL A 95 -8.30 20.34 -18.05
CA VAL A 95 -9.32 20.54 -19.07
C VAL A 95 -10.65 19.95 -18.63
N SER A 96 -11.72 20.57 -19.09
CA SER A 96 -13.08 20.13 -18.81
C SER A 96 -13.76 19.68 -20.09
N VAL A 97 -14.52 18.60 -19.99
CA VAL A 97 -15.29 18.05 -21.10
C VAL A 97 -16.66 17.66 -20.57
N LEU A 98 -17.70 18.29 -21.09
CA LEU A 98 -19.07 17.99 -20.69
C LEU A 98 -19.76 17.27 -21.84
N GLY A 99 -20.40 16.13 -21.54
CA GLY A 99 -21.09 15.39 -22.57
C GLY A 99 -22.38 14.80 -22.02
N ILE A 100 -23.39 14.74 -22.89
CA ILE A 100 -24.67 14.14 -22.56
C ILE A 100 -24.75 12.76 -23.21
N PHE A 101 -25.05 11.75 -22.40
CA PHE A 101 -25.00 10.36 -22.79
C PHE A 101 -26.30 9.66 -22.39
N ASN A 102 -26.59 8.54 -23.06
CA ASN A 102 -27.77 7.73 -22.79
C ASN A 102 -27.32 6.43 -22.12
N LEU A 103 -27.81 6.19 -20.91
CA LEU A 103 -27.40 5.05 -20.12
C LEU A 103 -28.59 4.15 -19.79
N GLU A 104 -28.30 2.86 -19.62
CA GLU A 104 -29.28 1.83 -19.32
C GLU A 104 -29.06 1.30 -17.91
N LYS A 105 -30.15 1.11 -17.17
CA LYS A 105 -30.08 0.74 -15.75
C LYS A 105 -29.17 -0.47 -15.54
N ASP A 106 -28.46 -0.45 -14.39
CA ASP A 106 -27.53 -1.49 -13.96
C ASP A 106 -26.27 -1.56 -14.82
N ASP A 107 -25.98 -0.52 -15.60
CA ASP A 107 -24.72 -0.47 -16.34
C ASP A 107 -23.56 -0.15 -15.41
N MET A 108 -22.37 -0.52 -15.83
CA MET A 108 -21.17 -0.32 -15.05
C MET A 108 -20.34 0.80 -15.68
N LEU A 109 -20.12 1.87 -14.91
CA LEU A 109 -19.34 3.02 -15.33
C LEU A 109 -18.00 3.00 -14.59
N TYR A 110 -16.92 2.78 -15.35
CA TYR A 110 -15.57 2.77 -14.82
C TYR A 110 -15.02 4.20 -14.92
N ILE A 111 -14.71 4.81 -13.78
CA ILE A 111 -14.35 6.21 -13.66
C ILE A 111 -13.00 6.33 -12.96
N LEU A 112 -12.05 6.95 -13.64
CA LEU A 112 -10.73 7.27 -13.10
C LEU A 112 -10.67 8.77 -12.89
N VAL A 113 -10.75 9.21 -11.64
CA VAL A 113 -10.70 10.64 -11.31
C VAL A 113 -9.22 11.03 -11.24
N GLY A 114 -8.72 11.63 -12.32
CA GLY A 114 -7.29 11.90 -12.41
C GLY A 114 -6.78 12.79 -11.29
N GLN A 115 -5.54 12.56 -10.89
CA GLN A 115 -4.97 13.27 -9.77
C GLN A 115 -3.96 14.32 -10.23
N GLN A 116 -3.66 15.24 -9.32
CA GLN A 116 -2.82 16.40 -9.61
C GLN A 116 -1.35 16.01 -9.69
N GLY A 117 -0.64 16.60 -10.66
CA GLY A 117 0.81 16.43 -10.72
C GLY A 117 1.48 17.13 -9.56
N GLU A 118 2.64 16.59 -9.16
CA GLU A 118 3.28 17.05 -7.93
C GLU A 118 3.97 18.40 -8.13
N ASP A 119 3.80 19.29 -7.15
CA ASP A 119 4.49 20.57 -7.16
C ASP A 119 5.91 20.40 -6.65
N ALA A 120 6.79 21.24 -7.15
CA ALA A 120 8.18 21.19 -6.71
C ALA A 120 8.34 21.76 -5.30
N CYS A 121 7.47 22.67 -4.90
CA CYS A 121 7.52 23.29 -3.59
C CYS A 121 6.16 23.26 -2.94
N PRO A 122 6.09 23.15 -1.60
CA PRO A 122 7.20 23.09 -0.64
C PRO A 122 7.79 21.68 -0.48
N SER A 123 9.05 21.60 -0.06
CA SER A 123 9.76 20.34 0.03
C SER A 123 10.10 20.00 1.47
N THR A 124 10.09 18.71 1.79
CA THR A 124 10.50 18.28 3.12
C THR A 124 12.01 18.24 3.28
N ASN A 125 12.74 18.29 2.17
CA ASN A 125 14.19 18.29 2.20
C ASN A 125 14.71 19.71 2.43
N GLN A 126 15.57 19.88 3.44
CA GLN A 126 16.06 21.22 3.79
C GLN A 126 16.79 21.86 2.63
N LEU A 127 17.66 21.11 1.94
CA LEU A 127 18.44 21.67 0.84
C LEU A 127 17.55 22.07 -0.32
N ILE A 128 16.51 21.30 -0.58
CA ILE A 128 15.58 21.62 -1.67
C ILE A 128 14.63 22.75 -1.26
N GLN A 129 14.17 22.73 0.00
CA GLN A 129 13.37 23.84 0.50
C GLN A 129 14.15 25.15 0.46
N LYS A 130 15.47 25.09 0.62
CA LYS A 130 16.30 26.29 0.47
C LYS A 130 16.18 26.88 -0.93
N VAL A 131 16.14 26.03 -1.95
CA VAL A 131 15.88 26.50 -3.31
C VAL A 131 14.48 27.07 -3.40
N CYS A 132 13.53 26.46 -2.71
CA CYS A 132 12.15 26.91 -2.81
C CYS A 132 11.94 28.29 -2.20
N ILE A 133 12.70 28.65 -1.16
CA ILE A 133 12.53 29.98 -0.56
C ILE A 133 13.51 31.02 -1.11
N GLY A 134 14.53 30.60 -1.85
CA GLY A 134 15.51 31.53 -2.40
C GLY A 134 16.89 31.46 -1.78
N GLU A 135 17.10 30.59 -0.79
CA GLU A 135 18.40 30.53 -0.11
C GLU A 135 19.46 29.86 -0.96
N ASN A 136 19.09 28.88 -1.79
CA ASN A 136 20.03 28.15 -2.63
C ASN A 136 19.96 28.62 -4.07
N ASN A 137 21.12 28.80 -4.70
CA ASN A 137 21.20 29.38 -6.04
C ASN A 137 22.04 28.53 -6.98
N VAL A 138 22.10 27.22 -6.74
CA VAL A 138 22.99 26.38 -7.54
C VAL A 138 22.49 26.28 -8.98
N ILE A 139 21.16 26.18 -9.17
CA ILE A 139 20.61 25.98 -10.51
C ILE A 139 20.76 27.24 -11.36
N GLU A 140 20.45 28.40 -10.77
CA GLU A 140 20.66 29.65 -11.49
C GLU A 140 22.13 29.82 -11.88
N GLU A 141 23.03 29.39 -10.99
CA GLU A 141 24.47 29.44 -11.28
C GLU A 141 24.82 28.52 -12.45
N GLU A 142 24.20 27.34 -12.52
CA GLU A 142 24.52 26.44 -13.63
C GLU A 142 24.00 26.99 -14.96
N ILE A 143 22.81 27.60 -14.96
CA ILE A 143 22.33 28.22 -16.19
C ILE A 143 23.12 29.48 -16.52
N ARG A 144 23.89 30.01 -15.58
CA ARG A 144 24.75 31.15 -15.90
C ARG A 144 26.17 30.76 -16.35
N VAL A 145 26.81 29.78 -15.70
CA VAL A 145 28.19 29.43 -16.03
C VAL A 145 28.28 28.40 -17.14
N ASN A 146 27.26 27.55 -17.29
CA ASN A 146 27.23 26.51 -18.32
C ASN A 146 26.04 26.66 -19.26
N ARG A 147 25.15 27.63 -19.02
CA ARG A 147 24.00 27.94 -19.86
C ARG A 147 23.06 26.74 -20.07
N SER A 148 23.12 25.76 -19.17
CA SER A 148 22.27 24.58 -19.26
C SER A 148 22.34 23.82 -17.94
N VAL A 149 21.32 23.00 -17.70
CA VAL A 149 21.21 22.21 -16.48
C VAL A 149 21.52 20.76 -16.79
N HIS A 150 22.64 20.26 -16.27
CA HIS A 150 23.00 18.86 -16.36
C HIS A 150 23.33 18.23 -15.02
N GLU A 151 23.67 19.02 -14.00
CA GLU A 151 24.04 18.53 -12.68
C GLU A 151 22.85 18.57 -11.72
N TRP A 152 22.32 19.78 -11.47
CA TRP A 152 21.25 20.00 -10.50
C TRP A 152 19.88 19.88 -11.18
N ALA A 153 19.57 18.67 -11.61
CA ALA A 153 18.29 18.44 -12.26
C ALA A 153 17.17 18.39 -11.23
N GLY A 154 15.97 18.68 -11.69
CA GLY A 154 14.78 18.63 -10.87
C GLY A 154 14.12 19.99 -10.74
N GLY A 155 12.96 19.96 -10.11
CA GLY A 155 12.17 21.17 -9.87
C GLY A 155 11.05 21.41 -10.86
N GLY A 156 11.01 20.67 -11.96
CA GLY A 156 9.92 20.85 -12.89
C GLY A 156 8.75 20.02 -12.43
N GLY A 157 7.59 20.65 -12.26
CA GLY A 157 6.45 19.95 -11.72
C GLY A 157 6.02 18.81 -12.63
N GLY A 158 5.43 17.79 -12.01
CA GLY A 158 4.99 16.64 -12.76
C GLY A 158 3.67 16.92 -13.46
N GLY A 159 3.48 16.26 -14.61
CA GLY A 159 2.25 16.42 -15.35
C GLY A 159 1.04 15.94 -14.59
N GLY A 160 -0.08 16.59 -14.84
CA GLY A 160 -1.31 16.22 -14.19
C GLY A 160 -2.03 15.08 -14.89
N GLY A 161 -2.94 14.45 -14.15
CA GLY A 161 -3.62 13.26 -14.62
C GLY A 161 -4.96 13.57 -15.23
N ALA A 162 -5.34 12.78 -16.23
CA ALA A 162 -6.61 13.03 -16.89
C ALA A 162 -7.71 12.22 -16.23
N THR A 163 -8.95 12.64 -16.48
CA THR A 163 -10.14 11.97 -15.97
C THR A 163 -10.75 11.10 -17.05
N TYR A 164 -10.84 9.79 -16.78
CA TYR A 164 -11.29 8.79 -17.75
C TYR A 164 -12.64 8.23 -17.30
N VAL A 165 -13.69 8.52 -18.05
CA VAL A 165 -15.01 7.94 -17.82
C VAL A 165 -15.29 7.01 -18.99
N PHE A 166 -15.43 5.72 -18.71
CA PHE A 166 -15.58 4.73 -19.77
C PHE A 166 -16.41 3.57 -19.25
N LYS A 167 -16.73 2.63 -20.15
CA LYS A 167 -17.47 1.44 -19.80
C LYS A 167 -16.88 0.25 -20.52
N MET A 168 -17.26 -0.95 -20.08
CA MET A 168 -16.71 -2.19 -20.60
C MET A 168 -17.70 -2.82 -21.59
N LYS A 169 -17.22 -3.14 -22.78
CA LYS A 169 -18.02 -3.74 -23.84
C LYS A 169 -17.39 -5.09 -24.21
N ASP A 170 -17.94 -6.17 -23.66
CA ASP A 170 -17.44 -7.52 -23.91
C ASP A 170 -15.95 -7.62 -23.61
N GLY A 171 -15.58 -7.18 -22.42
CA GLY A 171 -14.18 -7.23 -21.99
C GLY A 171 -13.31 -6.07 -22.41
N VAL A 172 -13.37 -5.67 -23.68
CA VAL A 172 -12.59 -4.55 -24.18
C VAL A 172 -13.23 -3.25 -23.71
N PRO A 173 -12.45 -2.29 -23.22
CA PRO A 173 -13.04 -1.03 -22.73
C PRO A 173 -13.25 -0.02 -23.84
N VAL A 174 -14.37 0.68 -23.75
CA VAL A 174 -14.77 1.69 -24.72
C VAL A 174 -14.79 3.04 -24.01
N PRO A 175 -14.10 4.07 -24.52
CA PRO A 175 -14.04 5.34 -23.80
C PRO A 175 -15.23 6.23 -24.09
N LEU A 176 -15.74 6.88 -23.04
CA LEU A 176 -16.84 7.84 -23.17
C LEU A 176 -16.33 9.27 -23.12
N ILE A 177 -15.77 9.70 -21.99
CA ILE A 177 -15.23 11.04 -21.83
C ILE A 177 -13.81 10.91 -21.29
N ILE A 178 -12.88 11.68 -21.86
CA ILE A 178 -11.52 11.78 -21.31
C ILE A 178 -11.19 13.27 -21.21
N ALA A 179 -11.30 13.81 -20.00
CA ALA A 179 -10.95 15.20 -19.72
C ALA A 179 -9.47 15.27 -19.40
N ALA A 180 -8.69 15.86 -20.31
CA ALA A 180 -7.24 15.81 -20.23
C ALA A 180 -6.72 16.51 -18.98
N GLY A 181 -5.50 16.13 -18.58
CA GLY A 181 -4.82 16.74 -17.47
C GLY A 181 -3.74 17.71 -17.93
N GLY A 182 -3.48 18.72 -17.11
CA GLY A 182 -2.56 19.77 -17.51
C GLY A 182 -1.11 19.37 -17.34
N GLY A 183 -0.26 19.91 -18.19
CA GLY A 183 1.16 19.62 -18.11
C GLY A 183 1.82 20.37 -16.97
N GLY A 184 2.82 19.73 -16.37
CA GLY A 184 3.51 20.36 -15.25
C GLY A 184 4.33 21.55 -15.69
N ARG A 185 4.52 22.48 -14.77
CA ARG A 185 5.29 23.68 -15.08
C ARG A 185 6.77 23.43 -14.88
N ALA A 186 7.59 24.12 -15.66
CA ALA A 186 9.03 23.97 -15.55
C ALA A 186 9.57 24.76 -14.36
N TYR A 187 10.81 24.46 -13.99
CA TYR A 187 11.43 25.10 -12.84
C TYR A 187 11.53 26.61 -13.06
N GLY A 188 12.21 27.03 -14.11
CA GLY A 188 12.40 28.44 -14.38
C GLY A 188 11.40 29.00 -15.37
N ALA A 189 10.16 28.53 -15.29
CA ALA A 189 9.13 29.01 -16.18
C ALA A 189 8.77 30.45 -15.86
N LYS A 190 8.49 31.24 -16.90
CA LYS A 190 8.13 32.64 -16.70
C LYS A 190 6.93 33.05 -17.57
N THR A 191 6.94 32.66 -18.85
CA THR A 191 5.88 33.04 -19.77
C THR A 191 4.72 32.06 -19.68
N ASP A 192 3.53 32.56 -19.98
CA ASP A 192 2.30 31.77 -19.86
C ASP A 192 1.91 31.13 -21.19
N THR A 193 1.00 30.16 -21.10
CA THR A 193 0.68 29.31 -22.23
C THR A 193 -0.11 30.06 -23.30
N PHE A 194 0.17 29.71 -24.56
CA PHE A 194 -0.53 30.24 -25.71
C PHE A 194 -1.26 29.15 -26.49
N HIS A 195 -0.98 27.87 -26.22
CA HIS A 195 -1.43 26.70 -26.98
C HIS A 195 -2.90 26.39 -26.69
N PRO A 196 -3.70 26.11 -27.71
CA PRO A 196 -5.13 25.84 -27.51
C PRO A 196 -5.36 24.45 -26.95
N GLU A 197 -6.64 24.15 -26.68
CA GLU A 197 -7.06 22.87 -26.15
C GLU A 197 -7.35 21.89 -27.28
N ARG A 198 -6.69 20.74 -27.24
CA ARG A 198 -6.89 19.70 -28.25
C ARG A 198 -7.95 18.71 -27.78
N LEU A 199 -8.89 18.39 -28.67
CA LEU A 199 -9.98 17.47 -28.38
C LEU A 199 -10.19 16.56 -29.58
N GLU A 200 -10.49 15.28 -29.32
CA GLU A 200 -10.67 14.29 -30.36
C GLU A 200 -12.03 13.62 -30.24
N ASN A 201 -12.61 13.29 -31.39
CA ASN A 201 -13.91 12.65 -31.47
C ASN A 201 -13.89 11.29 -32.14
N ASN A 202 -12.90 11.01 -32.99
CA ASN A 202 -12.83 9.77 -33.74
C ASN A 202 -11.92 8.77 -33.02
N SER A 203 -12.36 7.51 -32.99
CA SER A 203 -11.53 6.42 -32.51
C SER A 203 -10.55 5.91 -33.56
N SER A 204 -10.60 6.44 -34.79
CA SER A 204 -9.69 6.00 -35.83
C SER A 204 -8.24 6.32 -35.46
N VAL A 205 -8.00 7.50 -34.89
CA VAL A 205 -6.67 7.84 -34.39
C VAL A 205 -6.45 7.14 -33.05
N LEU A 206 -5.21 6.75 -32.80
CA LEU A 206 -4.90 5.95 -31.62
C LEU A 206 -4.59 6.85 -30.43
N GLY A 207 -4.90 6.35 -29.24
CA GLY A 207 -4.61 7.09 -28.02
C GLY A 207 -3.21 6.84 -27.48
N LEU A 208 -2.20 7.27 -28.23
CA LEU A 208 -0.82 6.97 -27.91
C LEU A 208 -0.31 7.84 -26.78
N ASN A 209 0.83 7.43 -26.21
CA ASN A 209 1.52 8.17 -25.17
C ASN A 209 2.27 9.34 -25.77
N GLY A 210 2.54 10.34 -24.92
CA GLY A 210 3.30 11.50 -25.35
C GLY A 210 4.79 11.26 -25.37
N ASN A 211 5.51 12.22 -25.96
CA ASN A 211 6.97 12.12 -26.03
C ASN A 211 7.59 12.32 -24.66
N SER A 212 8.69 11.62 -24.42
CA SER A 212 9.45 11.73 -23.18
C SER A 212 10.89 12.07 -23.51
N GLY A 213 11.41 13.09 -22.84
CA GLY A 213 12.81 13.42 -22.96
C GLY A 213 13.47 13.30 -21.60
N ALA A 214 13.88 14.42 -21.01
CA ALA A 214 14.37 14.34 -19.63
C ALA A 214 13.23 14.08 -18.68
N ALA A 215 12.15 14.84 -18.79
CA ALA A 215 10.94 14.55 -18.08
C ALA A 215 10.09 13.59 -18.88
N GLY A 216 9.13 12.96 -18.22
CA GLY A 216 8.31 11.97 -18.87
C GLY A 216 7.07 12.57 -19.49
N GLY A 217 6.65 11.97 -20.60
CA GLY A 217 5.44 12.41 -21.28
C GLY A 217 4.19 11.74 -20.76
N GLY A 218 3.05 12.37 -21.02
CA GLY A 218 1.79 11.87 -20.53
C GLY A 218 1.42 10.54 -21.14
N GLY A 219 0.59 9.80 -20.40
CA GLY A 219 0.13 8.51 -20.85
C GLY A 219 -1.16 8.64 -21.66
N GLY A 220 -1.21 7.91 -22.77
CA GLY A 220 -2.38 7.92 -23.63
C GLY A 220 -3.50 7.05 -23.11
N TRP A 221 -4.40 6.68 -24.01
CA TRP A 221 -5.51 5.79 -23.69
C TRP A 221 -5.11 4.33 -23.79
N ASN A 222 -4.19 4.02 -24.70
CA ASN A 222 -3.74 2.64 -24.90
C ASN A 222 -2.42 2.68 -25.66
N ASP A 223 -1.34 2.27 -25.01
CA ASP A 223 -0.01 2.30 -25.60
C ASP A 223 0.88 1.31 -24.84
N ASN A 224 2.20 1.44 -25.01
CA ASN A 224 3.18 0.59 -24.33
C ASN A 224 4.21 1.52 -23.68
N THR A 225 4.11 1.68 -22.36
CA THR A 225 5.05 2.53 -21.64
C THR A 225 6.33 1.74 -21.29
N SER A 226 7.47 2.33 -21.62
CA SER A 226 8.77 1.69 -21.40
C SER A 226 9.57 2.35 -20.31
N LEU A 227 9.61 3.68 -20.25
CA LEU A 227 10.44 4.35 -19.28
C LEU A 227 9.67 4.53 -17.96
N LEU A 228 10.44 4.64 -16.88
CA LEU A 228 9.86 4.82 -15.56
C LEU A 228 9.31 6.22 -15.37
N TRP A 229 10.02 7.24 -15.85
CA TRP A 229 9.60 8.62 -15.63
C TRP A 229 8.41 9.03 -16.49
N ALA A 230 8.07 8.28 -17.53
CA ALA A 230 6.89 8.58 -18.33
C ALA A 230 5.65 7.94 -17.71
N GLY A 231 4.55 8.66 -17.76
CA GLY A 231 3.32 8.13 -17.20
C GLY A 231 2.72 7.05 -18.07
N LYS A 232 1.94 6.19 -17.45
CA LYS A 232 1.38 5.04 -18.15
C LYS A 232 0.02 5.36 -18.75
N SER A 233 -0.38 4.57 -19.74
CA SER A 233 -1.69 4.71 -20.34
C SER A 233 -2.75 4.03 -19.47
N LEU A 234 -4.03 4.28 -19.79
CA LEU A 234 -5.12 3.77 -18.96
C LEU A 234 -5.18 2.24 -18.96
N GLN A 235 -5.18 1.63 -20.15
CA GLN A 235 -5.18 0.18 -20.22
C GLN A 235 -3.91 -0.43 -19.64
N GLU A 236 -2.88 0.38 -19.40
CA GLU A 236 -1.67 -0.05 -18.72
C GLU A 236 -1.72 0.18 -17.22
N GLY A 237 -2.85 0.66 -16.69
CA GLY A 237 -3.01 0.94 -15.27
C GLY A 237 -2.99 2.41 -14.91
N ALA A 238 -2.57 3.28 -15.82
CA ALA A 238 -2.59 4.73 -15.67
C ALA A 238 -1.91 5.15 -14.36
N THR A 239 -0.59 5.12 -14.38
CA THR A 239 0.22 5.43 -13.21
C THR A 239 1.06 6.67 -13.50
N GLY A 240 1.22 7.50 -12.48
CA GLY A 240 2.05 8.69 -12.61
C GLY A 240 3.52 8.33 -12.73
N GLY A 241 4.17 8.80 -13.79
CA GLY A 241 5.57 8.46 -13.99
C GLY A 241 6.47 8.99 -12.88
N HIS A 242 7.65 8.38 -12.76
CA HIS A 242 8.64 8.77 -11.78
C HIS A 242 9.37 10.03 -12.21
N SER A 243 10.27 10.50 -11.37
CA SER A 243 11.11 11.61 -11.78
C SER A 243 12.34 11.08 -12.51
N CYS A 244 13.06 11.99 -13.15
CA CYS A 244 14.27 11.55 -13.85
C CYS A 244 15.32 11.12 -12.83
N PRO A 245 16.20 10.19 -13.20
CA PRO A 245 17.21 9.73 -12.24
C PRO A 245 18.21 10.80 -11.86
N GLN A 246 18.59 11.68 -12.78
CA GLN A 246 19.56 12.71 -12.46
C GLN A 246 19.14 13.50 -11.21
N ALA A 247 17.85 13.86 -11.12
CA ALA A 247 17.30 14.62 -10.00
C ALA A 247 17.18 13.79 -8.73
N MET A 248 16.73 12.53 -8.82
CA MET A 248 16.61 11.71 -7.62
C MET A 248 17.98 11.31 -7.08
N LYS A 249 18.98 11.22 -7.96
CA LYS A 249 20.34 10.90 -7.57
C LYS A 249 21.04 12.09 -6.94
N LYS A 250 20.83 13.30 -7.45
CA LYS A 250 21.56 14.44 -6.93
C LYS A 250 21.06 14.85 -5.53
N TRP A 251 19.75 15.05 -5.37
CA TRP A 251 19.20 15.48 -4.07
C TRP A 251 17.82 14.94 -3.76
N GLY A 252 17.15 14.24 -4.68
CA GLY A 252 15.91 13.57 -4.35
C GLY A 252 14.70 14.45 -4.49
N TRP A 253 14.65 15.23 -5.57
CA TRP A 253 13.58 16.18 -5.83
C TRP A 253 12.52 15.45 -6.65
N GLU A 254 11.62 14.77 -5.95
CA GLU A 254 10.63 13.92 -6.61
C GLU A 254 9.42 14.75 -7.02
N THR A 255 9.18 14.85 -8.33
CA THR A 255 8.01 15.54 -8.86
C THR A 255 7.23 14.57 -9.77
N ARG A 256 6.53 13.64 -9.14
CA ARG A 256 5.87 12.56 -9.86
C ARG A 256 4.53 13.01 -10.46
N GLY A 257 4.17 12.38 -11.59
CA GLY A 257 2.93 12.68 -12.28
C GLY A 257 1.71 12.19 -11.53
N GLY A 258 0.56 12.47 -12.10
CA GLY A 258 -0.68 12.19 -11.40
C GLY A 258 -1.36 10.92 -11.88
N PHE A 259 -2.37 10.50 -11.12
CA PHE A 259 -2.97 9.20 -11.35
C PHE A 259 -3.55 8.98 -12.74
N GLY A 260 -3.71 10.00 -13.57
CA GLY A 260 -4.11 9.68 -14.92
C GLY A 260 -2.92 9.20 -15.73
N GLY A 261 -2.57 9.94 -16.76
CA GLY A 261 -1.42 9.59 -17.55
C GLY A 261 -0.22 10.42 -17.15
N GLY A 262 -0.26 11.00 -15.95
CA GLY A 262 0.71 12.00 -15.56
C GLY A 262 2.15 11.57 -15.71
N GLY A 263 2.90 12.24 -16.59
CA GLY A 263 4.31 11.98 -16.74
C GLY A 263 5.10 12.74 -15.68
N GLY A 264 6.01 12.04 -15.00
CA GLY A 264 6.82 12.71 -14.01
C GLY A 264 7.80 13.68 -14.66
N GLY A 265 8.18 14.68 -13.88
CA GLY A 265 8.93 15.83 -14.38
C GLY A 265 10.33 15.94 -13.78
N CYS A 266 11.30 16.22 -14.64
CA CYS A 266 12.69 16.46 -14.20
C CYS A 266 12.81 17.99 -14.11
N SER A 267 13.87 18.57 -14.66
CA SER A 267 13.97 20.02 -14.67
C SER A 267 12.88 20.63 -15.54
N SER A 268 12.53 19.96 -16.63
CA SER A 268 11.39 20.34 -17.44
C SER A 268 10.13 19.73 -16.85
N GLY A 269 9.02 20.42 -17.06
CA GLY A 269 7.75 19.92 -16.57
C GLY A 269 7.35 18.65 -17.31
N GLY A 270 6.73 17.73 -16.57
CA GLY A 270 6.25 16.51 -17.18
C GLY A 270 4.95 16.73 -17.94
N GLY A 271 4.70 15.83 -18.90
CA GLY A 271 3.50 15.95 -19.70
C GLY A 271 2.26 15.48 -18.96
N GLY A 272 1.11 16.00 -19.38
CA GLY A 272 -0.14 15.61 -18.78
C GLY A 272 -0.81 14.48 -19.52
N GLY A 273 -1.76 13.84 -18.86
CA GLY A 273 -2.44 12.71 -19.46
C GLY A 273 -3.70 13.10 -20.22
N GLY A 274 -4.18 12.15 -21.02
CA GLY A 274 -5.39 12.35 -21.80
C GLY A 274 -5.60 11.17 -22.72
N TYR A 275 -6.42 11.38 -23.75
CA TYR A 275 -6.52 10.36 -24.79
C TYR A 275 -5.17 10.20 -25.48
N ILE A 276 -4.52 11.32 -25.81
CA ILE A 276 -3.14 11.32 -26.29
C ILE A 276 -2.32 12.11 -25.29
N GLY A 277 -1.20 11.53 -24.87
CA GLY A 277 -0.43 12.14 -23.80
C GLY A 277 0.26 13.41 -24.24
N GLY A 278 0.48 14.31 -23.27
CA GLY A 278 1.14 15.56 -23.55
C GLY A 278 2.63 15.38 -23.67
N ASN A 279 3.20 15.82 -24.79
CA ASN A 279 4.61 15.59 -25.07
C ASN A 279 5.48 16.44 -24.15
N ALA A 280 6.49 15.80 -23.57
CA ALA A 280 7.40 16.50 -22.68
C ALA A 280 8.64 16.96 -23.44
N ALA A 281 9.39 17.87 -22.82
CA ALA A 281 10.57 18.44 -23.46
C ALA A 281 11.57 17.37 -23.84
N SER A 282 12.07 17.45 -25.07
CA SER A 282 13.03 16.45 -25.57
C SER A 282 14.32 16.44 -24.75
N ASN A 283 14.72 17.59 -24.21
CA ASN A 283 15.90 17.64 -23.36
C ASN A 283 15.55 18.12 -21.96
N ASN A 284 16.53 18.65 -21.25
CA ASN A 284 16.35 19.12 -19.88
C ASN A 284 16.31 20.64 -19.84
N ASP A 285 15.41 21.24 -20.61
CA ASP A 285 15.26 22.68 -20.72
C ASP A 285 14.46 23.23 -19.54
N PRO A 286 15.09 24.00 -18.63
CA PRO A 286 14.40 24.40 -17.41
C PRO A 286 13.32 25.45 -17.62
N GLU A 287 13.10 25.91 -18.86
CA GLU A 287 12.00 26.81 -19.17
C GLU A 287 10.87 26.12 -19.94
N MET A 288 11.05 24.85 -20.31
CA MET A 288 10.07 24.14 -21.14
C MET A 288 9.07 23.43 -20.26
N ASP A 289 7.83 23.91 -20.26
CA ASP A 289 6.77 23.24 -19.52
C ASP A 289 6.31 22.00 -20.27
N GLY A 290 5.63 21.12 -19.54
CA GLY A 290 5.01 19.98 -20.15
C GLY A 290 3.71 20.33 -20.83
N GLU A 291 3.42 19.61 -21.91
CA GLU A 291 2.19 19.83 -22.67
C GLU A 291 1.01 19.18 -21.96
N ASP A 292 -0.16 19.78 -22.13
CA ASP A 292 -1.37 19.18 -21.63
C ASP A 292 -1.73 17.98 -22.50
N GLY A 293 -2.64 17.15 -21.99
CA GLY A 293 -3.10 16.02 -22.76
C GLY A 293 -4.15 16.41 -23.78
N VAL A 294 -4.53 15.44 -24.60
CA VAL A 294 -5.55 15.59 -25.62
C VAL A 294 -6.84 14.97 -25.11
N SER A 295 -7.91 15.75 -25.04
CA SER A 295 -9.18 15.25 -24.52
C SER A 295 -9.90 14.42 -25.58
N PHE A 296 -10.95 13.73 -25.12
CA PHE A 296 -11.69 12.81 -25.97
C PHE A 296 -13.18 12.84 -25.64
N ILE A 297 -14.01 12.88 -26.69
CA ILE A 297 -15.45 12.74 -26.57
C ILE A 297 -15.89 11.65 -27.53
N SER A 298 -16.77 10.77 -27.05
CA SER A 298 -17.24 9.63 -27.84
C SER A 298 -18.36 10.07 -28.79
N PRO A 299 -18.38 9.56 -30.02
CA PRO A 299 -19.50 9.87 -30.92
C PRO A 299 -20.82 9.29 -30.41
N LEU A 300 -20.78 8.38 -29.44
CA LEU A 300 -22.00 7.87 -28.81
C LEU A 300 -22.70 8.92 -27.97
N GLY A 301 -22.01 10.00 -27.61
CA GLY A 301 -22.59 11.11 -26.92
C GLY A 301 -22.40 12.41 -27.70
N ILE A 302 -22.89 13.49 -27.11
CA ILE A 302 -22.87 14.81 -27.74
C ILE A 302 -22.10 15.77 -26.85
N LEU A 303 -21.18 16.53 -27.45
CA LEU A 303 -20.33 17.46 -26.72
C LEU A 303 -21.15 18.66 -26.27
N TYR A 304 -21.40 18.77 -24.97
CA TYR A 304 -22.17 19.89 -24.43
C TYR A 304 -21.39 21.19 -24.55
N THR A 305 -20.20 21.25 -23.96
CA THR A 305 -19.33 22.41 -24.00
C THR A 305 -17.94 21.96 -24.44
N PRO A 306 -17.19 22.79 -25.15
CA PRO A 306 -15.89 22.34 -25.66
C PRO A 306 -14.82 22.24 -24.58
N ALA A 307 -13.63 21.82 -24.99
CA ALA A 307 -12.53 21.57 -24.06
C ALA A 307 -11.99 22.88 -23.52
N LEU A 308 -12.03 23.08 -22.20
CA LEU A 308 -11.61 24.33 -21.60
C LEU A 308 -10.88 24.07 -20.29
N LYS A 309 -9.70 24.66 -20.12
CA LYS A 309 -8.93 24.49 -18.90
C LYS A 309 -9.53 25.31 -17.78
N VAL A 310 -9.77 24.67 -16.64
CA VAL A 310 -10.44 25.34 -15.53
C VAL A 310 -9.97 24.79 -14.19
N MET A 311 -9.44 23.57 -14.16
CA MET A 311 -9.14 22.89 -12.90
C MET A 311 -7.85 23.35 -12.23
N GLU A 312 -7.96 23.64 -10.92
CA GLU A 312 -6.88 24.10 -10.03
C GLU A 312 -6.14 22.97 -9.34
N GLY A 313 -6.80 21.85 -9.02
CA GLY A 313 -6.14 20.74 -8.36
C GLY A 313 -6.50 19.39 -8.94
N HIS A 314 -7.07 18.50 -8.12
CA HIS A 314 -7.47 17.18 -8.56
C HIS A 314 -8.70 17.26 -9.46
N GLY A 315 -8.90 16.23 -10.27
CA GLY A 315 -10.04 16.17 -11.17
C GLY A 315 -11.32 15.83 -10.44
N GLU A 316 -12.36 15.70 -11.22
CA GLU A 316 -13.63 15.28 -10.61
C GLU A 316 -14.64 14.99 -11.72
N VAL A 317 -15.69 14.28 -11.36
CA VAL A 317 -16.71 13.85 -12.30
C VAL A 317 -18.08 14.12 -11.70
N ASN A 318 -18.89 14.92 -12.39
CA ASN A 318 -20.23 15.23 -11.95
C ASN A 318 -21.23 14.52 -12.85
N ILE A 319 -22.13 13.73 -12.26
CA ILE A 319 -23.17 13.07 -13.03
C ILE A 319 -24.53 13.48 -12.48
N LYS A 320 -25.35 14.08 -13.36
CA LYS A 320 -26.72 14.46 -13.06
C LYS A 320 -27.63 14.07 -14.22
N HIS A 321 -28.93 14.00 -13.94
CA HIS A 321 -29.90 13.65 -14.96
C HIS A 321 -30.09 14.80 -15.95
N TYR A 322 -30.09 14.49 -17.24
CA TYR A 322 -30.31 15.51 -18.26
C TYR A 322 -31.79 15.85 -18.36
N LEU A 323 -32.09 17.15 -18.41
CA LEU A 323 -33.45 17.70 -18.46
C LEU A 323 -34.28 17.34 -17.21
N ARG A 391 -28.36 38.30 -10.27
CA ARG A 391 -28.23 39.72 -10.60
C ARG A 391 -26.86 40.27 -10.24
N MET A 392 -26.51 40.21 -8.95
CA MET A 392 -25.19 40.68 -8.50
C MET A 392 -24.09 39.72 -8.93
N LYS A 393 -24.43 38.43 -9.07
CA LYS A 393 -23.50 37.42 -9.51
C LYS A 393 -23.05 37.64 -10.95
N ASP A 394 -23.83 38.38 -11.75
CA ASP A 394 -23.43 38.70 -13.11
C ASP A 394 -22.36 39.79 -13.13
N LYS A 395 -22.54 40.83 -12.32
CA LYS A 395 -21.56 41.90 -12.24
C LYS A 395 -20.27 41.44 -11.59
N PHE A 396 -20.34 40.38 -10.77
CA PHE A 396 -19.14 39.88 -10.10
C PHE A 396 -18.14 39.25 -11.08
N LEU A 397 -18.60 38.62 -12.16
CA LEU A 397 -17.71 37.83 -13.02
C LEU A 397 -16.83 38.70 -13.90
N LYS A 398 -17.35 39.85 -14.37
CA LYS A 398 -16.54 40.74 -15.19
C LYS A 398 -15.42 41.40 -14.40
N HIS A 399 -15.50 41.40 -13.08
CA HIS A 399 -14.38 41.88 -12.27
C HIS A 399 -13.22 40.91 -12.35
N LEU A 400 -13.51 39.61 -12.33
CA LEU A 400 -12.46 38.59 -12.35
C LEU A 400 -11.82 38.49 -13.74
N THR A 401 -12.64 38.38 -14.78
CA THR A 401 -12.17 38.30 -16.15
C THR A 401 -12.49 39.59 -16.89
N GLY A 402 -11.49 40.12 -17.62
CA GLY A 402 -11.63 41.39 -18.26
C GLY A 402 -12.56 41.38 -19.46
N PRO A 403 -12.42 42.38 -20.32
CA PRO A 403 -13.27 42.44 -21.52
C PRO A 403 -13.02 41.26 -22.45
N LEU A 404 -14.01 40.38 -22.60
CA LEU A 404 -13.86 39.15 -23.36
C LEU A 404 -14.53 39.29 -24.73
N TYR A 405 -13.73 39.19 -25.78
CA TYR A 405 -14.24 39.24 -27.15
C TYR A 405 -14.97 37.95 -27.46
N PHE A 406 -16.21 38.06 -27.92
CA PHE A 406 -16.97 36.88 -28.29
C PHE A 406 -17.53 37.03 -29.69
N SER A 407 -17.95 35.91 -30.23
CA SER A 407 -18.52 35.83 -31.56
C SER A 407 -20.00 35.45 -31.47
N PRO A 408 -20.83 35.87 -32.43
CA PRO A 408 -22.23 35.42 -32.42
C PRO A 408 -22.37 33.92 -32.59
N LYS A 409 -21.27 33.22 -32.90
CA LYS A 409 -21.25 31.78 -32.93
C LYS A 409 -21.08 31.18 -31.53
N CYS A 410 -20.21 31.82 -30.73
CA CYS A 410 -19.87 31.33 -29.36
C CYS A 410 -20.95 31.73 -28.34
N SER A 411 -22.11 32.23 -28.81
CA SER A 411 -23.15 32.60 -27.87
C SER A 411 -23.83 31.36 -27.36
N LYS A 412 -24.01 30.34 -28.22
CA LYS A 412 -24.66 29.11 -27.79
C LYS A 412 -23.87 28.46 -26.65
N HIS A 413 -22.57 28.28 -26.90
CA HIS A 413 -21.67 27.73 -25.89
C HIS A 413 -21.65 28.62 -24.65
N PHE A 414 -21.70 29.95 -24.85
CA PHE A 414 -21.68 30.89 -23.73
C PHE A 414 -22.88 30.67 -22.82
N HIS A 415 -24.08 30.52 -23.39
CA HIS A 415 -25.27 30.36 -22.54
C HIS A 415 -25.22 29.04 -21.79
N ARG A 416 -24.95 27.93 -22.51
CA ARG A 416 -24.90 26.66 -21.79
C ARG A 416 -23.90 26.72 -20.65
N LEU A 417 -22.76 27.38 -20.87
CA LEU A 417 -21.74 27.55 -19.85
C LEU A 417 -22.17 28.49 -18.71
N TYR A 418 -22.84 29.61 -19.04
CA TYR A 418 -23.13 30.63 -18.05
C TYR A 418 -24.22 30.18 -17.09
N HIS A 419 -25.17 29.35 -17.55
CA HIS A 419 -26.28 29.02 -16.69
C HIS A 419 -26.41 27.55 -16.33
N ASN A 420 -25.79 26.62 -17.07
CA ASN A 420 -26.11 25.21 -16.81
C ASN A 420 -24.96 24.35 -16.28
N THR A 421 -23.76 24.87 -16.09
CA THR A 421 -22.70 24.07 -15.48
C THR A 421 -22.58 24.36 -14.00
N ARG A 422 -22.02 23.39 -13.29
CA ARG A 422 -21.89 23.41 -11.81
C ARG A 422 -20.86 24.45 -11.36
N ASP A 423 -20.05 24.97 -12.28
CA ASP A 423 -19.09 25.98 -11.91
C ASP A 423 -19.71 27.37 -11.87
N CYS A 424 -20.53 27.70 -12.87
CA CYS A 424 -21.11 29.03 -12.99
C CYS A 424 -22.40 29.21 -12.18
N THR A 425 -22.73 28.26 -11.31
CA THR A 425 -23.90 28.38 -10.45
C THR A 425 -23.55 28.40 -8.98
N ILE A 426 -22.62 27.56 -8.54
CA ILE A 426 -22.15 27.56 -7.15
C ILE A 426 -21.20 28.72 -6.98
N PRO A 427 -21.51 29.69 -6.11
CA PRO A 427 -20.63 30.87 -5.98
C PRO A 427 -19.21 30.52 -5.57
N ALA A 428 -19.00 29.52 -4.71
CA ALA A 428 -17.64 29.13 -4.34
C ALA A 428 -16.79 28.76 -5.57
N TYR A 429 -17.41 28.14 -6.57
CA TYR A 429 -16.70 27.78 -7.79
C TYR A 429 -16.79 28.86 -8.87
N TYR A 430 -17.18 30.08 -8.50
CA TYR A 430 -17.25 31.16 -9.49
C TYR A 430 -15.87 31.48 -10.05
N LYS A 431 -14.82 31.32 -9.25
CA LYS A 431 -13.45 31.47 -9.75
C LYS A 431 -13.19 30.52 -10.90
N ARG A 432 -13.78 29.34 -10.88
CA ARG A 432 -13.68 28.43 -12.01
C ARG A 432 -14.39 29.01 -13.23
N CYS A 433 -15.60 29.55 -13.03
CA CYS A 433 -16.37 30.07 -14.15
C CYS A 433 -15.61 31.19 -14.86
N ALA A 434 -14.97 32.08 -14.10
CA ALA A 434 -14.14 33.12 -14.69
C ALA A 434 -13.05 32.55 -15.57
N ARG A 435 -12.40 31.47 -15.12
CA ARG A 435 -11.42 30.80 -15.98
C ARG A 435 -12.09 30.24 -17.23
N LEU A 436 -13.23 29.55 -17.05
CA LEU A 436 -13.89 28.89 -18.17
C LEU A 436 -14.20 29.87 -19.29
N LEU A 437 -14.69 31.05 -18.93
CA LEU A 437 -15.02 32.05 -19.95
C LEU A 437 -13.78 32.53 -20.69
N THR A 438 -12.67 32.78 -19.97
CA THR A 438 -11.52 33.34 -20.67
C THR A 438 -11.06 32.42 -21.78
N ARG A 439 -10.94 31.12 -21.48
CA ARG A 439 -10.57 30.12 -22.49
C ARG A 439 -11.66 29.95 -23.55
N LEU A 440 -12.92 30.25 -23.21
CA LEU A 440 -13.95 30.22 -24.25
C LEU A 440 -13.79 31.38 -25.22
N ALA A 441 -13.07 32.44 -24.85
CA ALA A 441 -12.93 33.57 -25.77
C ALA A 441 -11.89 33.30 -26.85
N VAL A 442 -10.76 32.69 -26.46
CA VAL A 442 -9.72 32.31 -27.41
C VAL A 442 -9.99 30.97 -28.08
N SER A 443 -11.08 30.29 -27.70
CA SER A 443 -11.40 28.94 -28.15
C SER A 443 -11.37 28.81 -29.67
N PRO A 444 -11.04 27.64 -30.21
CA PRO A 444 -11.00 27.49 -31.66
C PRO A 444 -12.37 27.56 -32.30
N VAL A 445 -13.44 27.26 -31.57
CA VAL A 445 -14.79 27.30 -32.11
C VAL A 445 -15.43 28.68 -31.87
N CYS A 446 -14.61 29.72 -32.08
CA CYS A 446 -15.06 31.12 -31.90
C CYS A 446 -14.62 31.96 -33.09
N VAL B 19 21.94 -17.59 20.88
CA VAL B 19 21.14 -16.39 20.69
C VAL B 19 21.46 -15.73 19.35
N HIS B 20 20.42 -15.56 18.53
CA HIS B 20 20.59 -15.09 17.16
C HIS B 20 19.45 -14.17 16.76
N TRP B 21 19.63 -13.48 15.64
CA TRP B 21 18.51 -12.74 15.09
C TRP B 21 18.36 -13.07 13.61
N LEU B 22 17.14 -13.37 13.20
CA LEU B 22 16.81 -13.77 11.84
C LEU B 22 15.84 -12.79 11.23
N PHE B 23 16.19 -12.28 10.05
CA PHE B 23 15.42 -11.29 9.31
C PHE B 23 14.68 -11.98 8.18
N THR B 24 13.38 -11.75 8.12
CA THR B 24 12.40 -12.32 7.23
C THR B 24 11.88 -11.22 6.32
N THR B 25 11.21 -11.60 5.23
CA THR B 25 10.44 -10.64 4.44
C THR B 25 9.24 -10.07 5.18
N CYS B 26 9.08 -10.37 6.47
CA CYS B 26 8.01 -9.88 7.35
C CYS B 26 6.62 -10.23 6.84
N GLY B 27 6.52 -11.06 5.80
CA GLY B 27 5.26 -11.44 5.19
C GLY B 27 5.09 -10.88 3.81
N ALA B 28 5.93 -9.92 3.43
CA ALA B 28 5.83 -9.26 2.14
C ALA B 28 6.35 -10.16 1.03
N SER B 29 5.72 -10.05 -0.14
CA SER B 29 6.09 -10.85 -1.29
C SER B 29 5.87 -10.03 -2.54
N GLY B 30 6.68 -10.28 -3.56
CA GLY B 30 6.51 -9.62 -4.82
C GLY B 30 7.52 -8.51 -5.05
N PRO B 31 7.12 -7.48 -5.77
CA PRO B 31 8.07 -6.44 -6.15
C PRO B 31 8.37 -5.44 -5.05
N HIS B 32 7.42 -5.21 -4.14
CA HIS B 32 7.56 -4.19 -3.10
C HIS B 32 7.75 -4.84 -1.74
N GLY B 33 8.65 -4.24 -0.94
CA GLY B 33 9.07 -4.80 0.34
C GLY B 33 8.06 -4.70 1.48
N PRO B 34 8.56 -4.90 2.69
CA PRO B 34 7.69 -4.90 3.86
C PRO B 34 7.55 -3.53 4.50
N THR B 35 6.48 -3.39 5.28
CA THR B 35 6.24 -2.17 6.03
C THR B 35 6.57 -2.38 7.50
N GLN B 36 6.67 -1.26 8.22
CA GLN B 36 6.93 -1.32 9.65
C GLN B 36 5.84 -2.10 10.35
N ALA B 37 4.58 -1.97 9.93
CA ALA B 37 3.51 -2.73 10.55
C ALA B 37 3.74 -4.22 10.38
N GLN B 38 4.12 -4.62 9.17
CA GLN B 38 4.37 -6.04 8.86
C GLN B 38 5.51 -6.60 9.69
N CYS B 39 6.60 -5.82 9.86
CA CYS B 39 7.74 -6.35 10.59
C CYS B 39 7.53 -6.31 12.10
N ASN B 40 6.84 -5.28 12.61
CA ASN B 40 6.47 -5.29 14.01
C ASN B 40 5.55 -6.46 14.31
N ASN B 41 4.69 -6.84 13.37
CA ASN B 41 3.87 -8.02 13.61
C ASN B 41 4.65 -9.32 13.44
N ALA B 42 5.65 -9.33 12.55
CA ALA B 42 6.46 -10.53 12.37
C ALA B 42 7.35 -10.78 13.56
N TYR B 43 7.97 -9.73 14.09
CA TYR B 43 8.77 -9.87 15.29
C TYR B 43 8.09 -9.25 16.51
N GLN B 44 6.92 -9.77 16.89
CA GLN B 44 6.21 -9.14 18.01
C GLN B 44 6.65 -9.69 19.36
N ASN B 45 6.66 -11.01 19.51
CA ASN B 45 7.16 -11.64 20.74
C ASN B 45 8.60 -12.12 20.51
N SER B 46 9.51 -11.15 20.41
CA SER B 46 10.90 -11.47 20.15
C SER B 46 11.80 -10.33 20.59
N ASN B 47 13.10 -10.64 20.66
CA ASN B 47 14.10 -9.64 20.99
C ASN B 47 14.36 -8.70 19.81
N LEU B 48 14.13 -9.18 18.59
CA LEU B 48 14.45 -8.41 17.39
C LEU B 48 13.47 -7.25 17.19
N SER B 49 14.02 -6.08 16.85
CA SER B 49 13.22 -4.91 16.54
C SER B 49 13.96 -4.09 15.50
N VAL B 50 13.28 -3.74 14.42
CA VAL B 50 13.92 -3.06 13.30
C VAL B 50 13.14 -1.81 12.94
N GLU B 51 13.74 -1.03 12.05
CA GLU B 51 13.12 0.16 11.49
C GLU B 51 13.10 -0.03 9.98
N VAL B 52 11.92 0.05 9.37
CA VAL B 52 11.78 -0.10 7.92
C VAL B 52 11.33 1.24 7.34
N GLY B 53 12.05 1.70 6.32
CA GLY B 53 11.73 2.97 5.72
C GLY B 53 10.43 2.93 4.94
N SER B 54 9.80 4.11 4.79
CA SER B 54 8.52 4.24 4.12
C SER B 54 8.56 5.08 2.85
N GLU B 55 9.68 5.74 2.54
CA GLU B 55 9.79 6.50 1.31
C GLU B 55 11.25 6.58 0.89
N GLY B 56 11.46 6.81 -0.41
CA GLY B 56 12.79 6.94 -0.96
C GLY B 56 13.35 5.63 -1.44
N PRO B 57 14.66 5.59 -1.67
CA PRO B 57 15.31 4.32 -2.02
C PRO B 57 15.44 3.35 -0.84
N LEU B 58 15.38 3.82 0.40
CA LEU B 58 15.46 2.94 1.56
C LEU B 58 14.08 2.43 1.98
N LYS B 59 13.08 2.52 1.10
CA LYS B 59 11.72 2.08 1.41
C LYS B 59 11.66 0.56 1.45
N GLY B 60 11.31 0.01 2.61
CA GLY B 60 11.22 -1.42 2.79
C GLY B 60 12.45 -2.09 3.37
N ILE B 61 13.58 -1.38 3.44
CA ILE B 61 14.81 -1.94 4.01
C ILE B 61 14.75 -1.81 5.53
N GLN B 62 15.10 -2.91 6.22
CA GLN B 62 15.07 -2.97 7.67
C GLN B 62 16.39 -2.50 8.25
N ILE B 63 16.35 -1.53 9.14
CA ILE B 63 17.56 -1.08 9.84
C ILE B 63 17.57 -1.68 11.23
N TRP B 64 18.71 -2.26 11.59
CA TRP B 64 18.89 -2.99 12.85
C TRP B 64 20.12 -2.41 13.54
N LYS B 65 19.98 -2.11 14.83
CA LYS B 65 21.04 -1.48 15.61
C LYS B 65 21.82 -2.54 16.37
N VAL B 66 23.14 -2.53 16.22
CA VAL B 66 24.00 -3.54 16.84
C VAL B 66 23.96 -3.40 18.35
N PRO B 67 23.80 -4.50 19.12
CA PRO B 67 23.65 -4.37 20.58
C PRO B 67 24.97 -4.18 21.31
N ALA B 68 26.03 -4.85 20.88
CA ALA B 68 27.32 -4.76 21.54
C ALA B 68 28.43 -4.98 20.53
N THR B 69 29.63 -4.49 20.87
CA THR B 69 30.77 -4.59 19.97
C THR B 69 31.30 -6.01 19.95
N ASP B 70 31.37 -6.61 18.77
CA ASP B 70 31.82 -8.00 18.69
C ASP B 70 32.06 -8.32 17.22
N THR B 71 32.51 -9.53 16.98
CA THR B 71 32.75 -10.02 15.63
C THR B 71 31.59 -10.95 15.30
N TYR B 72 30.67 -10.45 14.49
CA TYR B 72 29.46 -11.16 14.15
C TYR B 72 29.64 -11.98 12.88
N SER B 73 28.86 -13.03 12.77
CA SER B 73 28.75 -13.84 11.55
C SER B 73 27.36 -13.60 10.97
N ILE B 74 27.35 -13.00 9.78
CA ILE B 74 26.16 -12.68 9.00
C ILE B 74 26.00 -13.75 7.94
N SER B 75 24.83 -14.37 7.89
CA SER B 75 24.50 -15.42 6.93
C SER B 75 23.39 -14.85 6.06
N GLY B 76 23.73 -14.44 4.83
CA GLY B 76 22.74 -13.88 3.92
C GLY B 76 22.26 -14.93 2.94
N TYR B 77 20.96 -14.91 2.67
CA TYR B 77 20.33 -15.86 1.76
C TYR B 77 19.44 -15.08 0.82
N GLY B 78 19.78 -15.09 -0.48
CA GLY B 78 18.96 -14.49 -1.50
C GLY B 78 17.75 -15.35 -1.82
N ALA B 79 16.90 -14.81 -2.67
CA ALA B 79 15.62 -15.42 -2.98
C ALA B 79 15.71 -16.18 -4.31
N ALA B 80 14.72 -17.01 -4.56
CA ALA B 80 14.68 -17.85 -5.74
C ALA B 80 13.85 -17.20 -6.84
N GLY B 81 14.05 -17.68 -8.07
CA GLY B 81 13.31 -17.23 -9.21
C GLY B 81 11.87 -17.72 -9.21
N GLY B 82 11.31 -17.85 -10.41
CA GLY B 82 9.92 -18.23 -10.55
C GLY B 82 9.74 -19.29 -11.62
N LYS B 83 8.68 -20.08 -11.45
CA LYS B 83 8.39 -21.16 -12.37
C LYS B 83 7.83 -20.62 -13.69
N GLY B 84 7.96 -21.40 -14.75
CA GLY B 84 7.41 -21.04 -16.04
C GLY B 84 6.10 -21.71 -16.36
N GLY B 85 6.05 -22.42 -17.48
CA GLY B 85 4.83 -23.05 -17.95
C GLY B 85 4.33 -24.19 -17.10
N LYS B 86 5.15 -25.23 -16.92
CA LYS B 86 4.77 -26.36 -16.10
C LYS B 86 5.23 -26.17 -14.66
N ASN B 87 4.51 -26.80 -13.73
CA ASN B 87 4.87 -26.81 -12.32
C ASN B 87 5.87 -27.91 -11.97
N THR B 88 6.16 -28.81 -12.92
CA THR B 88 7.14 -29.86 -12.68
C THR B 88 8.56 -29.31 -12.65
N MET B 89 8.81 -28.19 -13.34
CA MET B 89 10.17 -27.68 -13.50
C MET B 89 10.70 -27.06 -12.21
N MET B 90 12.00 -27.16 -12.03
CA MET B 90 12.67 -26.65 -10.85
C MET B 90 12.95 -25.16 -10.98
N ARG B 91 12.94 -24.47 -9.84
CA ARG B 91 13.16 -23.04 -9.75
C ARG B 91 14.64 -22.79 -9.52
N SER B 92 15.17 -21.73 -10.14
CA SER B 92 16.54 -21.32 -9.83
C SER B 92 16.62 -20.82 -8.40
N HIS B 93 17.36 -21.53 -7.56
CA HIS B 93 17.34 -21.29 -6.12
C HIS B 93 18.19 -20.09 -5.74
N GLY B 94 17.90 -19.56 -4.54
CA GLY B 94 18.58 -18.37 -4.06
C GLY B 94 19.92 -18.71 -3.42
N VAL B 95 20.94 -17.93 -3.83
CA VAL B 95 22.34 -18.08 -3.44
C VAL B 95 22.53 -17.64 -1.98
N SER B 96 23.38 -18.37 -1.26
CA SER B 96 23.68 -18.08 0.13
C SER B 96 25.15 -17.76 0.30
N VAL B 97 25.43 -16.73 1.08
CA VAL B 97 26.80 -16.28 1.35
C VAL B 97 26.92 -15.98 2.84
N LEU B 98 27.90 -16.59 3.48
CA LEU B 98 28.17 -16.39 4.89
C LEU B 98 29.47 -15.64 5.04
N GLY B 99 29.49 -14.63 5.89
CA GLY B 99 30.69 -13.85 6.12
C GLY B 99 30.72 -13.36 7.56
N ILE B 100 31.93 -13.20 8.09
CA ILE B 100 32.13 -12.73 9.45
C ILE B 100 32.72 -11.33 9.40
N PHE B 101 32.09 -10.40 10.10
CA PHE B 101 32.46 -8.99 10.07
C PHE B 101 32.66 -8.47 11.49
N ASN B 102 33.71 -7.66 11.66
CA ASN B 102 33.98 -6.99 12.92
C ASN B 102 33.09 -5.76 13.03
N LEU B 103 32.24 -5.69 14.05
CA LEU B 103 31.29 -4.58 14.11
C LEU B 103 31.27 -3.94 15.49
N GLU B 104 31.01 -2.63 15.45
CA GLU B 104 30.93 -1.74 16.59
C GLU B 104 29.48 -1.68 17.11
N LYS B 105 29.36 -1.28 18.37
CA LYS B 105 28.04 -1.13 18.99
C LYS B 105 27.32 0.09 18.43
N ASP B 106 25.99 0.03 18.45
CA ASP B 106 25.10 1.08 17.97
C ASP B 106 25.29 1.39 16.48
N ASP B 107 26.04 0.56 15.76
CA ASP B 107 26.15 0.72 14.32
C ASP B 107 24.84 0.36 13.65
N MET B 108 24.42 1.19 12.70
CA MET B 108 23.18 0.96 11.98
C MET B 108 23.45 0.03 10.80
N LEU B 109 22.74 -1.10 10.75
CA LEU B 109 22.90 -2.11 9.71
C LEU B 109 21.62 -2.16 8.89
N TYR B 110 21.72 -1.87 7.59
CA TYR B 110 20.59 -1.82 6.67
C TYR B 110 20.52 -3.14 5.92
N ILE B 111 19.46 -3.91 6.14
CA ILE B 111 19.28 -5.25 5.59
C ILE B 111 18.02 -5.29 4.74
N LEU B 112 18.16 -5.76 3.51
CA LEU B 112 17.08 -5.98 2.56
C LEU B 112 16.94 -7.47 2.34
N VAL B 113 15.82 -8.03 2.77
CA VAL B 113 15.56 -9.46 2.63
C VAL B 113 14.94 -9.68 1.25
N GLY B 114 15.68 -10.32 0.35
CA GLY B 114 15.22 -10.46 -1.02
C GLY B 114 13.93 -11.25 -1.08
N GLN B 115 13.07 -10.86 -2.01
CA GLN B 115 11.76 -11.49 -2.16
C GLN B 115 11.73 -12.34 -3.42
N GLN B 116 10.90 -13.37 -3.38
CA GLN B 116 10.84 -14.36 -4.45
C GLN B 116 10.30 -13.74 -5.74
N GLY B 117 10.84 -14.20 -6.86
CA GLY B 117 10.31 -13.82 -8.16
C GLY B 117 9.01 -14.54 -8.45
N GLU B 118 8.06 -13.80 -9.02
CA GLU B 118 6.70 -14.30 -9.16
C GLU B 118 6.65 -15.53 -10.05
N ASP B 119 5.77 -16.47 -9.71
CA ASP B 119 5.54 -17.67 -10.51
C ASP B 119 4.47 -17.42 -11.56
N ALA B 120 4.69 -17.96 -12.75
CA ALA B 120 3.69 -17.84 -13.81
C ALA B 120 2.47 -18.71 -13.52
N CYS B 121 2.69 -19.91 -12.99
CA CYS B 121 1.64 -20.83 -12.62
C CYS B 121 1.84 -21.27 -11.17
N PRO B 122 0.75 -21.46 -10.42
CA PRO B 122 -0.64 -21.34 -10.86
C PRO B 122 -1.12 -19.90 -10.94
N SER B 123 -2.18 -19.66 -11.70
CA SER B 123 -2.74 -18.33 -11.88
C SER B 123 -4.21 -18.30 -11.47
N THR B 124 -4.69 -17.10 -11.17
CA THR B 124 -6.08 -16.90 -10.78
C THR B 124 -6.95 -16.47 -11.94
N ASN B 125 -6.43 -16.54 -13.17
CA ASN B 125 -7.16 -16.26 -14.39
C ASN B 125 -7.37 -17.56 -15.15
N GLN B 126 -8.60 -17.79 -15.61
CA GLN B 126 -8.95 -19.12 -16.10
C GLN B 126 -8.26 -19.45 -17.43
N LEU B 127 -7.98 -18.44 -18.26
CA LEU B 127 -7.32 -18.71 -19.54
C LEU B 127 -5.86 -19.05 -19.31
N ILE B 128 -5.16 -18.24 -18.52
CA ILE B 128 -3.79 -18.56 -18.17
C ILE B 128 -3.72 -19.89 -17.43
N GLN B 129 -4.72 -20.19 -16.58
CA GLN B 129 -4.73 -21.49 -15.91
C GLN B 129 -4.86 -22.61 -16.93
N LYS B 130 -5.69 -22.40 -17.96
CA LYS B 130 -5.79 -23.38 -19.03
C LYS B 130 -4.43 -23.61 -19.67
N VAL B 131 -3.61 -22.57 -19.79
CA VAL B 131 -2.23 -22.80 -20.23
C VAL B 131 -1.44 -23.57 -19.18
N CYS B 132 -1.70 -23.30 -17.90
CA CYS B 132 -0.87 -23.89 -16.85
C CYS B 132 -1.09 -25.38 -16.70
N ILE B 133 -2.32 -25.85 -16.91
CA ILE B 133 -2.59 -27.27 -16.82
C ILE B 133 -2.43 -27.98 -18.17
N GLY B 134 -2.39 -27.24 -19.27
CA GLY B 134 -2.17 -27.82 -20.58
C GLY B 134 -3.32 -27.67 -21.55
N GLU B 135 -4.52 -27.28 -21.08
CA GLU B 135 -5.70 -27.20 -21.95
C GLU B 135 -5.62 -26.09 -22.99
N ASN B 136 -4.72 -25.12 -22.83
CA ASN B 136 -4.55 -24.03 -23.78
C ASN B 136 -3.13 -24.09 -24.34
N ASN B 137 -3.01 -24.21 -25.65
CA ASN B 137 -1.73 -24.38 -26.33
C ASN B 137 -1.48 -23.27 -27.34
N VAL B 138 -1.86 -22.04 -27.00
CA VAL B 138 -1.66 -20.95 -27.93
C VAL B 138 -0.18 -20.64 -28.08
N ILE B 139 0.60 -20.81 -27.01
CA ILE B 139 2.02 -20.51 -27.09
C ILE B 139 2.75 -21.58 -27.87
N GLU B 140 2.43 -22.86 -27.60
CA GLU B 140 3.09 -23.95 -28.32
C GLU B 140 2.78 -23.88 -29.82
N GLU B 141 1.54 -23.56 -30.17
CA GLU B 141 1.20 -23.41 -31.56
C GLU B 141 1.85 -22.17 -32.15
N GLU B 142 2.01 -21.10 -31.37
CA GLU B 142 2.72 -19.94 -31.90
C GLU B 142 4.20 -20.26 -32.12
N ILE B 143 4.78 -21.17 -31.32
CA ILE B 143 6.17 -21.54 -31.51
C ILE B 143 6.32 -22.43 -32.74
N ARG B 144 5.35 -23.32 -32.97
CA ARG B 144 5.44 -24.20 -34.14
C ARG B 144 5.13 -23.45 -35.43
N VAL B 145 4.06 -22.66 -35.43
CA VAL B 145 3.64 -21.94 -36.64
C VAL B 145 4.58 -20.79 -36.94
N ASN B 146 4.90 -19.97 -35.95
CA ASN B 146 5.83 -18.86 -36.10
C ASN B 146 7.11 -19.18 -35.34
N ARG B 147 8.26 -18.74 -35.87
CA ARG B 147 9.52 -19.18 -35.26
C ARG B 147 9.68 -18.69 -33.83
N SER B 148 8.99 -17.60 -33.45
CA SER B 148 9.14 -17.06 -32.10
C SER B 148 7.80 -16.70 -31.47
N VAL B 149 7.84 -16.02 -30.33
CA VAL B 149 6.65 -15.63 -29.58
C VAL B 149 6.53 -14.12 -29.59
N HIS B 150 5.48 -13.60 -30.24
CA HIS B 150 5.32 -12.16 -30.32
C HIS B 150 3.97 -11.69 -29.80
N GLU B 151 2.92 -12.51 -29.97
CA GLU B 151 1.60 -12.14 -29.50
C GLU B 151 1.26 -12.73 -28.13
N TRP B 152 1.47 -14.03 -27.95
CA TRP B 152 1.16 -14.68 -26.67
C TRP B 152 2.39 -14.68 -25.75
N ALA B 153 2.86 -13.48 -25.47
CA ALA B 153 3.99 -13.34 -24.55
C ALA B 153 3.53 -13.59 -23.11
N GLY B 154 4.50 -13.79 -22.25
CA GLY B 154 4.24 -14.13 -20.86
C GLY B 154 4.46 -15.60 -20.57
N GLY B 155 4.46 -15.92 -19.28
CA GLY B 155 4.73 -17.25 -18.80
C GLY B 155 6.14 -17.42 -18.26
N GLY B 156 7.05 -16.50 -18.58
CA GLY B 156 8.40 -16.57 -18.06
C GLY B 156 8.42 -16.03 -16.65
N GLY B 157 8.94 -16.83 -15.72
CA GLY B 157 8.86 -16.46 -14.32
C GLY B 157 9.68 -15.22 -14.01
N GLY B 158 9.30 -14.56 -12.92
CA GLY B 158 9.99 -13.35 -12.53
C GLY B 158 11.29 -13.64 -11.78
N GLY B 159 12.28 -12.79 -12.02
CA GLY B 159 13.56 -12.95 -11.34
C GLY B 159 13.44 -12.64 -9.86
N GLY B 160 14.16 -13.40 -9.05
CA GLY B 160 14.09 -13.24 -7.61
C GLY B 160 15.07 -12.18 -7.11
N GLY B 161 14.64 -11.45 -6.09
CA GLY B 161 15.45 -10.38 -5.56
C GLY B 161 16.60 -10.92 -4.72
N ALA B 162 17.66 -10.13 -4.63
CA ALA B 162 18.81 -10.50 -3.83
C ALA B 162 18.66 -9.96 -2.40
N THR B 163 19.47 -10.52 -1.50
CA THR B 163 19.52 -10.06 -0.11
C THR B 163 20.73 -9.15 0.05
N TYR B 164 20.49 -7.94 0.58
CA TYR B 164 21.50 -6.88 0.69
C TYR B 164 21.70 -6.50 2.14
N VAL B 165 22.90 -6.73 2.66
CA VAL B 165 23.26 -6.38 4.02
C VAL B 165 24.38 -5.36 3.88
N PHE B 166 24.09 -4.10 4.23
CA PHE B 166 25.04 -3.03 4.02
C PHE B 166 24.94 -2.03 5.17
N LYS B 167 25.82 -1.03 5.12
CA LYS B 167 25.87 -0.01 6.16
C LYS B 167 26.31 1.30 5.55
N MET B 168 25.96 2.40 6.23
CA MET B 168 26.23 3.74 5.74
C MET B 168 27.60 4.24 6.20
N LYS B 169 28.14 5.20 5.44
CA LYS B 169 29.43 5.80 5.74
C LYS B 169 29.44 7.21 5.15
N ASP B 170 29.30 8.22 6.03
CA ASP B 170 29.24 9.64 5.65
C ASP B 170 28.09 9.95 4.70
N GLY B 171 27.08 9.07 4.63
CA GLY B 171 25.95 9.29 3.77
C GLY B 171 25.81 8.32 2.62
N VAL B 172 26.94 7.93 2.02
CA VAL B 172 26.96 7.00 0.90
C VAL B 172 26.97 5.58 1.47
N PRO B 173 26.21 4.64 0.90
CA PRO B 173 26.17 3.30 1.48
C PRO B 173 27.33 2.43 1.02
N VAL B 174 27.77 1.56 1.93
CA VAL B 174 28.89 0.65 1.69
C VAL B 174 28.35 -0.76 1.83
N PRO B 175 28.61 -1.65 0.87
CA PRO B 175 28.07 -3.02 0.94
C PRO B 175 28.92 -3.96 1.77
N LEU B 176 28.23 -4.87 2.46
CA LEU B 176 28.88 -5.90 3.27
C LEU B 176 28.61 -7.30 2.71
N ILE B 177 27.36 -7.77 2.74
CA ILE B 177 26.98 -9.08 2.23
C ILE B 177 25.88 -8.88 1.19
N ILE B 178 26.09 -9.42 -0.01
CA ILE B 178 25.04 -9.42 -1.03
C ILE B 178 24.88 -10.85 -1.56
N ALA B 179 23.78 -11.49 -1.18
CA ALA B 179 23.47 -12.85 -1.62
C ALA B 179 22.53 -12.77 -2.82
N ALA B 180 23.04 -13.16 -3.99
CA ALA B 180 22.31 -12.96 -5.23
C ALA B 180 21.00 -13.73 -5.24
N GLY B 181 20.11 -13.31 -6.12
CA GLY B 181 18.83 -13.95 -6.28
C GLY B 181 18.79 -14.78 -7.54
N GLY B 182 17.80 -15.67 -7.60
CA GLY B 182 17.70 -16.61 -8.70
C GLY B 182 16.97 -16.00 -9.89
N GLY B 183 17.48 -16.31 -11.08
CA GLY B 183 16.82 -15.89 -12.30
C GLY B 183 15.62 -16.77 -12.60
N GLY B 184 14.54 -16.14 -13.00
CA GLY B 184 13.29 -16.86 -13.22
C GLY B 184 13.40 -17.81 -14.38
N ARG B 185 12.58 -18.85 -14.33
CA ARG B 185 12.58 -19.87 -15.36
C ARG B 185 11.57 -19.49 -16.42
N ALA B 186 12.00 -19.47 -17.69
CA ALA B 186 11.17 -19.11 -18.82
C ALA B 186 10.08 -20.16 -19.08
N TYR B 187 9.05 -19.73 -19.82
CA TYR B 187 7.87 -20.56 -20.05
C TYR B 187 8.24 -21.98 -20.46
N GLY B 188 8.85 -22.13 -21.63
CA GLY B 188 9.18 -23.46 -22.12
C GLY B 188 10.53 -23.95 -21.63
N ALA B 189 10.71 -24.00 -20.31
CA ALA B 189 11.95 -24.49 -19.75
C ALA B 189 11.96 -26.01 -19.76
N LYS B 190 13.10 -26.58 -20.14
CA LYS B 190 13.22 -28.02 -20.25
C LYS B 190 14.48 -28.57 -19.60
N THR B 191 15.61 -27.88 -19.72
CA THR B 191 16.89 -28.30 -19.16
C THR B 191 17.29 -27.37 -18.01
N ASP B 192 18.26 -27.80 -17.22
CA ASP B 192 18.67 -27.09 -16.02
C ASP B 192 20.10 -26.56 -16.15
N THR B 193 20.52 -25.84 -15.10
CA THR B 193 21.70 -25.01 -15.12
C THR B 193 22.98 -25.83 -15.27
N PHE B 194 24.06 -25.12 -15.63
CA PHE B 194 25.41 -25.65 -15.76
C PHE B 194 26.41 -24.70 -15.10
N HIS B 195 26.16 -23.41 -15.29
CA HIS B 195 27.06 -22.36 -14.82
C HIS B 195 27.09 -22.29 -13.30
N PRO B 196 28.26 -22.06 -12.70
CA PRO B 196 28.36 -22.01 -11.23
C PRO B 196 27.98 -20.65 -10.66
N GLU B 197 28.04 -20.53 -9.34
CA GLU B 197 27.68 -19.29 -8.67
C GLU B 197 28.79 -18.26 -8.85
N ARG B 198 28.39 -17.01 -9.06
CA ARG B 198 29.32 -15.91 -9.28
C ARG B 198 29.44 -15.09 -8.02
N LEU B 199 30.68 -14.84 -7.58
CA LEU B 199 30.95 -14.09 -6.36
C LEU B 199 32.09 -13.10 -6.60
N GLU B 200 31.90 -11.87 -6.13
CA GLU B 200 32.86 -10.79 -6.27
C GLU B 200 33.28 -10.29 -4.89
N ASN B 201 34.54 -9.85 -4.80
CA ASN B 201 35.08 -9.30 -3.56
C ASN B 201 35.72 -7.92 -3.73
N ASN B 202 36.15 -7.55 -4.92
CA ASN B 202 36.75 -6.24 -5.16
C ASN B 202 35.65 -5.19 -5.33
N SER B 203 35.71 -4.13 -4.52
CA SER B 203 34.77 -3.02 -4.67
C SER B 203 35.05 -2.17 -5.90
N SER B 204 36.22 -2.33 -6.52
CA SER B 204 36.52 -1.58 -7.73
C SER B 204 35.57 -1.97 -8.86
N VAL B 205 35.26 -3.26 -8.99
CA VAL B 205 34.36 -3.72 -10.04
C VAL B 205 32.99 -3.09 -9.84
N LEU B 206 32.43 -2.53 -10.91
CA LEU B 206 31.18 -1.79 -10.83
C LEU B 206 30.00 -2.74 -10.75
N GLY B 207 29.12 -2.51 -9.76
CA GLY B 207 27.93 -3.32 -9.60
C GLY B 207 26.79 -2.88 -10.50
N LEU B 208 26.93 -3.13 -11.79
CA LEU B 208 25.98 -2.62 -12.77
C LEU B 208 24.70 -3.45 -12.78
N ASN B 209 23.73 -2.96 -13.56
CA ASN B 209 22.48 -3.66 -13.77
C ASN B 209 22.66 -4.72 -14.85
N GLY B 210 21.87 -5.79 -14.73
CA GLY B 210 21.89 -6.82 -15.74
C GLY B 210 21.19 -6.36 -17.01
N ASN B 211 21.69 -6.85 -18.14
CA ASN B 211 21.10 -6.49 -19.43
C ASN B 211 19.66 -6.97 -19.52
N SER B 212 18.85 -6.23 -20.27
CA SER B 212 17.41 -6.57 -20.41
C SER B 212 17.01 -6.68 -21.88
N GLY B 213 16.04 -7.55 -22.17
CA GLY B 213 15.48 -7.75 -23.50
C GLY B 213 13.97 -7.67 -23.40
N ALA B 214 13.27 -8.74 -23.79
CA ALA B 214 11.80 -8.78 -23.61
C ALA B 214 11.53 -8.74 -22.10
N ALA B 215 12.34 -9.48 -21.34
CA ALA B 215 12.24 -9.57 -19.90
C ALA B 215 13.27 -8.67 -19.24
N GLY B 216 13.12 -8.48 -17.93
CA GLY B 216 13.90 -7.51 -17.22
C GLY B 216 15.14 -8.09 -16.57
N GLY B 217 16.26 -7.41 -16.77
CA GLY B 217 17.51 -7.82 -16.16
C GLY B 217 17.46 -7.65 -14.66
N GLY B 218 18.58 -7.94 -14.03
CA GLY B 218 18.67 -7.91 -12.59
C GLY B 218 19.15 -6.56 -12.08
N GLY B 219 18.75 -6.24 -10.87
CA GLY B 219 19.18 -5.00 -10.26
C GLY B 219 20.52 -5.11 -9.57
N GLY B 220 21.47 -4.28 -9.98
CA GLY B 220 22.79 -4.29 -9.39
C GLY B 220 22.87 -3.50 -8.10
N TRP B 221 24.11 -3.23 -7.68
CA TRP B 221 24.34 -2.46 -6.46
C TRP B 221 24.03 -0.98 -6.68
N ASN B 222 24.51 -0.42 -7.79
CA ASN B 222 24.29 1.00 -8.10
C ASN B 222 24.39 1.18 -9.60
N ASP B 223 23.25 1.46 -10.24
CA ASP B 223 23.18 1.74 -11.66
C ASP B 223 21.86 2.44 -11.95
N ASN B 224 21.84 3.25 -13.00
CA ASN B 224 20.66 4.04 -13.33
C ASN B 224 19.72 3.19 -14.18
N THR B 225 18.54 2.88 -13.64
CA THR B 225 17.56 2.07 -14.35
C THR B 225 16.63 2.95 -15.17
N SER B 226 16.36 2.52 -16.39
CA SER B 226 15.54 3.25 -17.33
C SER B 226 14.21 2.58 -17.62
N LEU B 227 14.17 1.25 -17.76
CA LEU B 227 12.97 0.57 -18.19
C LEU B 227 12.11 0.14 -17.00
N LEU B 228 10.86 -0.20 -17.31
CA LEU B 228 9.90 -0.62 -16.30
C LEU B 228 10.01 -2.10 -15.96
N TRP B 229 10.28 -2.96 -16.94
CA TRP B 229 10.41 -4.39 -16.67
C TRP B 229 11.73 -4.74 -15.99
N ALA B 230 12.78 -3.95 -16.18
CA ALA B 230 14.06 -4.22 -15.54
C ALA B 230 13.97 -3.91 -14.05
N GLY B 231 14.70 -4.70 -13.26
CA GLY B 231 14.69 -4.51 -11.82
C GLY B 231 15.58 -3.35 -11.43
N LYS B 232 15.10 -2.57 -10.46
CA LYS B 232 15.86 -1.41 -10.01
C LYS B 232 17.04 -1.84 -9.15
N SER B 233 18.11 -1.05 -9.20
CA SER B 233 19.23 -1.30 -8.32
C SER B 233 18.90 -0.86 -6.90
N LEU B 234 19.75 -1.26 -5.94
CA LEU B 234 19.48 -0.97 -4.54
C LEU B 234 19.45 0.52 -4.26
N GLN B 235 20.52 1.22 -4.64
CA GLN B 235 20.59 2.66 -4.45
C GLN B 235 19.48 3.41 -5.20
N GLU B 236 18.75 2.73 -6.08
CA GLU B 236 17.59 3.31 -6.74
C GLU B 236 16.27 2.94 -6.06
N GLY B 237 16.23 1.84 -5.30
CA GLY B 237 15.01 1.40 -4.66
C GLY B 237 14.89 -0.11 -4.53
N ALA B 238 15.57 -0.84 -5.41
CA ALA B 238 15.57 -2.31 -5.44
C ALA B 238 14.16 -2.86 -5.61
N THR B 239 13.41 -2.29 -6.55
CA THR B 239 12.04 -2.70 -6.82
C THR B 239 11.99 -3.78 -7.90
N GLY B 240 11.04 -4.69 -7.76
CA GLY B 240 10.86 -5.74 -8.75
C GLY B 240 10.32 -5.18 -10.06
N GLY B 241 10.96 -5.54 -11.16
CA GLY B 241 10.54 -5.05 -12.45
C GLY B 241 9.15 -5.55 -12.83
N HIS B 242 8.49 -4.78 -13.69
CA HIS B 242 7.17 -5.14 -14.20
C HIS B 242 7.30 -6.19 -15.28
N SER B 243 6.18 -6.80 -15.62
CA SER B 243 6.18 -7.72 -16.75
C SER B 243 6.16 -6.94 -18.07
N CYS B 244 6.65 -7.61 -19.11
CA CYS B 244 6.71 -6.96 -20.41
C CYS B 244 5.31 -6.58 -20.89
N PRO B 245 5.15 -5.42 -21.55
CA PRO B 245 3.79 -4.93 -21.83
C PRO B 245 2.96 -5.87 -22.69
N GLN B 246 3.56 -6.54 -23.67
CA GLN B 246 2.77 -7.44 -24.52
C GLN B 246 2.12 -8.56 -23.71
N ALA B 247 2.85 -9.09 -22.72
CA ALA B 247 2.32 -10.10 -21.83
C ALA B 247 1.16 -9.55 -21.00
N MET B 248 1.28 -8.31 -20.52
CA MET B 248 0.22 -7.71 -19.71
C MET B 248 -0.94 -7.18 -20.54
N LYS B 249 -0.79 -7.09 -21.85
CA LYS B 249 -1.84 -6.60 -22.74
C LYS B 249 -2.67 -7.74 -23.31
N LYS B 250 -2.02 -8.81 -23.81
CA LYS B 250 -2.76 -9.88 -24.48
C LYS B 250 -3.73 -10.59 -23.53
N TRP B 251 -3.25 -10.95 -22.33
CA TRP B 251 -4.08 -11.65 -21.34
C TRP B 251 -3.77 -11.25 -19.90
N GLY B 252 -2.76 -10.41 -19.67
CA GLY B 252 -2.48 -9.94 -18.33
C GLY B 252 -1.69 -10.91 -17.49
N TRP B 253 -0.72 -11.60 -18.08
CA TRP B 253 0.08 -12.61 -17.38
C TRP B 253 1.19 -11.90 -16.62
N GLU B 254 0.88 -11.48 -15.39
CA GLU B 254 1.83 -10.82 -14.52
C GLU B 254 2.86 -11.82 -14.03
N THR B 255 4.13 -11.42 -14.05
CA THR B 255 5.26 -12.20 -13.55
C THR B 255 6.33 -11.20 -13.14
N ARG B 256 6.05 -10.44 -12.08
CA ARG B 256 6.95 -9.36 -11.71
C ARG B 256 8.17 -9.89 -10.96
N GLY B 257 9.23 -9.09 -10.99
CA GLY B 257 10.42 -9.42 -10.24
C GLY B 257 10.25 -9.23 -8.74
N GLY B 258 11.16 -9.85 -7.99
CA GLY B 258 11.08 -9.82 -6.56
C GLY B 258 11.87 -8.66 -5.96
N PHE B 259 11.43 -8.24 -4.79
CA PHE B 259 12.07 -7.13 -4.09
C PHE B 259 13.54 -7.42 -3.89
N GLY B 260 14.39 -6.58 -4.45
CA GLY B 260 15.81 -6.76 -4.32
C GLY B 260 16.49 -6.91 -5.66
N GLY B 261 15.96 -6.21 -6.67
CA GLY B 261 16.55 -6.24 -7.99
C GLY B 261 15.95 -7.27 -8.91
N GLY B 262 14.84 -7.89 -8.53
CA GLY B 262 14.24 -8.92 -9.37
C GLY B 262 13.74 -8.36 -10.69
N GLY B 263 14.17 -8.96 -11.79
CA GLY B 263 13.68 -8.55 -13.09
C GLY B 263 12.30 -9.11 -13.38
N GLY B 264 11.58 -8.43 -14.26
CA GLY B 264 10.25 -8.87 -14.62
C GLY B 264 10.29 -9.82 -15.80
N GLY B 265 9.34 -10.75 -15.83
CA GLY B 265 9.39 -11.79 -16.86
C GLY B 265 8.32 -11.70 -17.94
N CYS B 266 8.77 -11.79 -19.19
CA CYS B 266 7.89 -11.86 -20.39
C CYS B 266 7.84 -13.34 -20.77
N SER B 267 8.01 -13.68 -22.05
CA SER B 267 8.08 -15.12 -22.40
C SER B 267 9.32 -15.72 -21.74
N SER B 268 10.45 -14.99 -21.79
CA SER B 268 11.69 -15.37 -21.16
C SER B 268 11.64 -15.08 -19.66
N GLY B 269 12.60 -15.62 -18.93
CA GLY B 269 12.64 -15.40 -17.51
C GLY B 269 13.31 -14.09 -17.15
N GLY B 270 12.92 -13.54 -16.01
CA GLY B 270 13.54 -12.32 -15.53
C GLY B 270 14.82 -12.60 -14.79
N GLY B 271 15.77 -11.66 -14.91
CA GLY B 271 17.06 -11.82 -14.25
C GLY B 271 16.97 -11.60 -12.75
N GLY B 272 17.90 -12.23 -12.04
CA GLY B 272 17.94 -12.12 -10.59
C GLY B 272 18.83 -10.97 -10.13
N GLY B 273 18.52 -10.44 -8.95
CA GLY B 273 19.27 -9.32 -8.44
C GLY B 273 20.60 -9.74 -7.86
N GLY B 274 21.39 -8.74 -7.48
CA GLY B 274 22.65 -9.00 -6.81
C GLY B 274 23.52 -7.76 -6.86
N TYR B 275 24.82 -7.97 -6.63
CA TYR B 275 25.78 -6.89 -6.80
C TYR B 275 25.85 -6.46 -8.26
N ILE B 276 26.03 -7.42 -9.18
CA ILE B 276 25.88 -7.21 -10.61
C ILE B 276 24.67 -8.03 -11.04
N GLY B 277 23.69 -7.36 -11.64
CA GLY B 277 22.41 -8.01 -11.89
C GLY B 277 22.53 -9.15 -12.87
N GLY B 278 21.52 -10.02 -12.84
CA GLY B 278 21.50 -11.18 -13.72
C GLY B 278 20.92 -10.84 -15.08
N ASN B 279 21.63 -11.24 -16.14
CA ASN B 279 21.24 -10.85 -17.50
C ASN B 279 20.02 -11.62 -17.97
N ALA B 280 19.12 -10.93 -18.65
CA ALA B 280 17.95 -11.55 -19.24
C ALA B 280 18.10 -11.53 -20.75
N ALA B 281 17.46 -12.50 -21.40
CA ALA B 281 17.66 -12.72 -22.82
C ALA B 281 17.40 -11.45 -23.61
N SER B 282 18.31 -11.15 -24.55
CA SER B 282 18.23 -9.92 -25.33
C SER B 282 16.97 -9.88 -26.20
N ASN B 283 16.44 -11.04 -26.58
CA ASN B 283 15.18 -11.16 -27.31
C ASN B 283 14.20 -11.97 -26.46
N ASN B 284 12.99 -12.16 -27.00
CA ASN B 284 11.98 -12.98 -26.34
C ASN B 284 12.13 -14.44 -26.78
N ASP B 285 12.46 -15.31 -25.83
CA ASP B 285 12.71 -16.72 -26.11
C ASP B 285 12.15 -17.60 -24.99
N PRO B 286 11.16 -18.44 -25.27
CA PRO B 286 10.54 -19.20 -24.18
C PRO B 286 11.43 -20.27 -23.57
N GLU B 287 12.61 -20.53 -24.15
CA GLU B 287 13.56 -21.47 -23.57
C GLU B 287 14.68 -20.79 -22.79
N MET B 288 15.01 -19.54 -23.12
CA MET B 288 16.09 -18.82 -22.44
C MET B 288 15.54 -18.25 -21.14
N ASP B 289 16.01 -18.76 -20.03
CA ASP B 289 15.58 -18.28 -18.73
C ASP B 289 16.64 -17.39 -18.10
N GLY B 290 16.20 -16.54 -17.19
CA GLY B 290 17.04 -15.48 -16.70
C GLY B 290 18.22 -16.00 -15.90
N GLU B 291 19.29 -15.21 -15.89
CA GLU B 291 20.51 -15.53 -15.17
C GLU B 291 20.40 -15.13 -13.71
N ASP B 292 21.13 -15.84 -12.86
CA ASP B 292 21.23 -15.46 -11.47
C ASP B 292 22.13 -14.23 -11.34
N GLY B 293 22.02 -13.56 -10.21
CA GLY B 293 22.84 -12.40 -9.95
C GLY B 293 24.24 -12.80 -9.56
N VAL B 294 25.05 -11.78 -9.27
CA VAL B 294 26.42 -11.93 -8.81
C VAL B 294 26.45 -11.51 -7.34
N SER B 295 26.95 -12.38 -6.49
CA SER B 295 26.98 -12.11 -5.06
C SER B 295 28.23 -11.30 -4.71
N PHE B 296 28.25 -10.75 -3.50
CA PHE B 296 29.32 -9.87 -3.08
C PHE B 296 29.69 -10.10 -1.62
N ILE B 297 30.97 -9.94 -1.33
CA ILE B 297 31.52 -10.01 0.02
C ILE B 297 32.51 -8.87 0.18
N SER B 298 32.36 -8.08 1.25
CA SER B 298 33.20 -6.91 1.46
C SER B 298 34.62 -7.33 1.85
N PRO B 299 35.63 -6.56 1.44
CA PRO B 299 37.00 -6.88 1.87
C PRO B 299 37.26 -6.67 3.35
N LEU B 300 36.40 -5.94 4.06
CA LEU B 300 36.52 -5.81 5.50
C LEU B 300 35.97 -7.01 6.27
N GLY B 301 35.48 -8.03 5.55
CA GLY B 301 34.95 -9.22 6.18
C GLY B 301 35.59 -10.47 5.59
N ILE B 302 35.39 -11.58 6.29
CA ILE B 302 35.99 -12.86 5.93
C ILE B 302 34.91 -13.76 5.34
N LEU B 303 35.28 -14.50 4.29
CA LEU B 303 34.36 -15.43 3.64
C LEU B 303 34.33 -16.74 4.42
N TYR B 304 33.19 -17.04 5.04
CA TYR B 304 33.03 -18.28 5.81
C TYR B 304 32.78 -19.47 4.90
N THR B 305 31.77 -19.38 4.04
CA THR B 305 31.45 -20.41 3.07
C THR B 305 31.17 -19.73 1.74
N PRO B 306 31.50 -20.39 0.62
CA PRO B 306 31.28 -19.75 -0.68
C PRO B 306 29.82 -19.71 -1.09
N ALA B 307 29.56 -19.14 -2.27
CA ALA B 307 28.19 -18.91 -2.73
C ALA B 307 27.56 -20.23 -3.15
N LEU B 308 26.42 -20.58 -2.54
CA LEU B 308 25.76 -21.86 -2.79
C LEU B 308 24.26 -21.66 -2.89
N LYS B 309 23.65 -22.28 -3.90
CA LYS B 309 22.22 -22.11 -4.16
C LYS B 309 21.42 -22.96 -3.20
N VAL B 310 20.49 -22.35 -2.45
CA VAL B 310 19.75 -23.09 -1.44
C VAL B 310 18.25 -22.76 -1.45
N MET B 311 17.92 -21.46 -1.40
CA MET B 311 16.54 -21.06 -1.11
C MET B 311 15.55 -21.43 -2.21
N GLU B 312 14.45 -22.09 -1.80
CA GLU B 312 13.32 -22.41 -2.66
C GLU B 312 12.32 -21.27 -2.76
N GLY B 313 12.14 -20.49 -1.70
CA GLY B 313 11.21 -19.37 -1.72
C GLY B 313 11.89 -18.03 -1.46
N HIS B 314 11.48 -17.35 -0.40
CA HIS B 314 12.04 -16.03 -0.10
C HIS B 314 13.47 -16.17 0.43
N GLY B 315 14.09 -15.02 0.72
CA GLY B 315 15.40 -14.97 1.33
C GLY B 315 15.30 -14.87 2.84
N GLU B 316 16.47 -14.65 3.47
CA GLU B 316 16.52 -14.50 4.92
C GLU B 316 17.93 -14.11 5.32
N VAL B 317 18.05 -13.51 6.50
CA VAL B 317 19.38 -13.18 7.02
C VAL B 317 19.49 -13.58 8.48
N ASN B 318 20.49 -14.39 8.82
CA ASN B 318 20.70 -14.83 10.20
C ASN B 318 22.05 -14.36 10.71
N ILE B 319 22.06 -13.60 11.81
CA ILE B 319 23.35 -13.19 12.34
C ILE B 319 23.48 -13.54 13.81
N LYS B 320 24.72 -13.81 14.21
CA LYS B 320 25.06 -14.25 15.56
C LYS B 320 26.51 -13.93 15.89
N HIS B 321 26.85 -14.02 17.18
CA HIS B 321 28.23 -13.78 17.63
C HIS B 321 29.13 -14.95 17.22
N TYR B 322 30.32 -14.63 16.74
CA TYR B 322 31.26 -15.64 16.25
C TYR B 322 32.46 -15.78 17.18
N LEU B 323 33.01 -17.00 17.21
CA LEU B 323 34.20 -17.32 18.00
C LEU B 323 35.01 -18.37 17.26
N ASN B 324 36.22 -18.65 17.77
CA ASN B 324 37.18 -19.59 17.16
C ASN B 324 37.56 -19.17 15.73
N ARG B 391 23.79 -38.67 14.43
CA ARG B 391 23.91 -40.10 14.13
C ARG B 391 22.91 -40.51 13.04
N MET B 392 21.62 -40.48 13.36
CA MET B 392 20.58 -40.70 12.36
C MET B 392 20.45 -39.53 11.39
N LYS B 393 20.65 -38.31 11.89
CA LYS B 393 20.68 -37.13 11.05
C LYS B 393 21.84 -37.20 10.07
N ASP B 394 22.94 -37.83 10.45
CA ASP B 394 24.14 -37.88 9.62
C ASP B 394 23.88 -38.67 8.35
N LYS B 395 23.06 -39.71 8.43
CA LYS B 395 22.70 -40.54 7.29
C LYS B 395 21.48 -40.03 6.55
N PHE B 396 20.65 -39.22 7.22
CA PHE B 396 19.48 -38.65 6.54
C PHE B 396 19.90 -37.82 5.33
N LEU B 397 21.02 -37.09 5.42
CA LEU B 397 21.48 -36.31 4.29
C LEU B 397 22.05 -37.21 3.19
N LYS B 398 22.80 -38.25 3.58
CA LYS B 398 23.34 -39.20 2.61
C LYS B 398 22.24 -39.91 1.83
N HIS B 399 21.03 -39.97 2.37
CA HIS B 399 19.94 -40.49 1.54
C HIS B 399 19.50 -39.50 0.47
N LEU B 400 19.61 -38.19 0.74
CA LEU B 400 19.22 -37.14 -0.21
C LEU B 400 20.29 -36.85 -1.25
N THR B 401 21.56 -37.04 -0.91
CA THR B 401 22.67 -36.88 -1.84
C THR B 401 23.55 -38.13 -1.80
N GLY B 402 23.90 -38.65 -2.97
CA GLY B 402 24.73 -39.84 -3.05
C GLY B 402 26.22 -39.53 -3.01
N PRO B 403 26.91 -39.75 -4.12
CA PRO B 403 28.33 -39.39 -4.18
C PRO B 403 28.53 -37.89 -4.04
N LEU B 404 29.60 -37.51 -3.35
CA LEU B 404 29.87 -36.10 -3.08
C LEU B 404 31.38 -35.89 -2.94
N TYR B 405 32.13 -36.23 -4.00
CA TYR B 405 33.58 -36.14 -4.03
C TYR B 405 34.07 -34.80 -3.50
N PHE B 406 34.94 -34.84 -2.50
CA PHE B 406 35.48 -33.64 -1.88
C PHE B 406 37.01 -33.64 -1.93
N SER B 407 37.58 -32.53 -1.51
CA SER B 407 39.00 -32.26 -1.46
C SER B 407 39.40 -31.90 -0.03
N PRO B 408 40.62 -32.25 0.38
CA PRO B 408 41.05 -31.90 1.74
C PRO B 408 41.17 -30.39 1.97
N LYS B 409 41.19 -29.58 0.90
CA LYS B 409 41.23 -28.13 1.07
C LYS B 409 39.90 -27.60 1.59
N CYS B 410 38.79 -28.10 1.07
CA CYS B 410 37.46 -27.68 1.48
C CYS B 410 36.83 -28.61 2.50
N SER B 411 37.63 -29.43 3.19
CA SER B 411 37.10 -30.17 4.32
C SER B 411 36.66 -29.24 5.44
N LYS B 412 37.39 -28.14 5.63
CA LYS B 412 37.02 -27.13 6.62
C LYS B 412 35.68 -26.49 6.26
N HIS B 413 35.51 -26.18 4.97
CA HIS B 413 34.26 -25.62 4.47
C HIS B 413 33.10 -26.55 4.77
N PHE B 414 33.31 -27.87 4.63
CA PHE B 414 32.28 -28.84 4.95
C PHE B 414 31.95 -28.81 6.43
N HIS B 415 32.97 -28.78 7.30
CA HIS B 415 32.68 -28.77 8.74
C HIS B 415 31.79 -27.59 9.11
N ARG B 416 32.15 -26.40 8.63
CA ARG B 416 31.35 -25.23 9.02
C ARG B 416 29.98 -25.24 8.36
N LEU B 417 29.86 -25.82 7.16
CA LEU B 417 28.54 -25.95 6.53
C LEU B 417 27.66 -26.99 7.23
N TYR B 418 28.27 -27.94 7.95
CA TYR B 418 27.54 -29.05 8.56
C TYR B 418 27.15 -28.79 10.01
N HIS B 419 27.89 -27.93 10.73
CA HIS B 419 27.56 -27.70 12.14
C HIS B 419 27.18 -26.28 12.49
N ASN B 420 27.72 -25.28 11.80
CA ASN B 420 27.39 -23.88 12.10
C ASN B 420 26.23 -23.35 11.28
N THR B 421 25.98 -23.91 10.11
CA THR B 421 24.89 -23.46 9.25
C THR B 421 23.54 -23.89 9.82
N ARG B 422 22.63 -22.92 10.01
CA ARG B 422 21.34 -23.22 10.59
C ARG B 422 20.50 -24.13 9.71
N ASP B 423 20.82 -24.21 8.41
CA ASP B 423 20.13 -25.16 7.54
C ASP B 423 20.48 -26.61 7.86
N CYS B 424 21.66 -26.85 8.45
CA CYS B 424 22.11 -28.19 8.81
C CYS B 424 22.04 -28.48 10.29
N THR B 425 21.47 -27.58 11.09
CA THR B 425 21.24 -27.83 12.50
C THR B 425 19.76 -27.87 12.88
N ILE B 426 18.87 -27.51 11.97
CA ILE B 426 17.43 -27.63 12.17
C ILE B 426 16.95 -28.79 11.30
N PRO B 427 16.38 -29.84 11.87
CA PRO B 427 15.98 -30.99 11.04
C PRO B 427 14.98 -30.63 9.95
N ALA B 428 14.05 -29.71 10.21
CA ALA B 428 13.08 -29.30 9.18
C ALA B 428 13.76 -28.78 7.92
N TYR B 429 14.90 -28.12 8.05
CA TYR B 429 15.63 -27.62 6.90
C TYR B 429 16.63 -28.62 6.34
N TYR B 430 16.51 -29.92 6.66
CA TYR B 430 17.51 -30.84 6.12
C TYR B 430 17.50 -30.88 4.58
N LYS B 431 16.34 -30.69 3.95
CA LYS B 431 16.28 -30.59 2.50
C LYS B 431 17.13 -29.43 1.99
N ARG B 432 17.18 -28.34 2.74
CA ARG B 432 18.12 -27.27 2.44
C ARG B 432 19.55 -27.74 2.59
N CYS B 433 19.85 -28.46 3.70
CA CYS B 433 21.21 -28.87 3.98
C CYS B 433 21.77 -29.66 2.80
N ALA B 434 21.00 -30.65 2.30
CA ALA B 434 21.38 -31.40 1.11
C ALA B 434 21.76 -30.46 -0.03
N ARG B 435 20.87 -29.53 -0.38
CA ARG B 435 21.19 -28.62 -1.49
C ARG B 435 22.54 -27.98 -1.27
N LEU B 436 22.78 -27.45 -0.07
CA LEU B 436 24.07 -26.82 0.22
C LEU B 436 25.20 -27.78 -0.11
N LEU B 437 25.19 -28.97 0.51
CA LEU B 437 26.27 -29.93 0.27
C LEU B 437 26.36 -30.29 -1.21
N THR B 438 25.22 -30.46 -1.88
CA THR B 438 25.28 -30.80 -3.30
C THR B 438 26.05 -29.71 -4.06
N ARG B 439 25.67 -28.45 -3.84
CA ARG B 439 26.37 -27.36 -4.51
C ARG B 439 27.86 -27.38 -4.18
N LEU B 440 28.21 -27.72 -2.92
CA LEU B 440 29.60 -27.67 -2.49
C LEU B 440 30.45 -28.70 -3.24
N ALA B 441 29.84 -29.77 -3.74
CA ALA B 441 30.67 -30.75 -4.43
C ALA B 441 30.98 -30.35 -5.87
N VAL B 442 30.27 -29.36 -6.42
CA VAL B 442 30.52 -28.96 -7.81
C VAL B 442 31.26 -27.62 -7.90
N SER B 443 31.42 -26.93 -6.77
CA SER B 443 32.00 -25.59 -6.79
C SER B 443 33.46 -25.65 -7.24
N PRO B 444 33.98 -24.55 -7.79
CA PRO B 444 35.37 -24.58 -8.27
C PRO B 444 36.40 -24.64 -7.15
N VAL B 445 36.17 -23.93 -6.05
CA VAL B 445 37.15 -23.94 -4.96
C VAL B 445 37.17 -25.29 -4.24
N CYS B 446 36.07 -26.03 -4.31
CA CYS B 446 35.96 -27.35 -3.67
C CYS B 446 35.68 -28.46 -4.67
N THR C 18 27.50 32.26 9.08
CA THR C 18 26.20 32.09 8.43
C THR C 18 25.66 30.68 8.65
N VAL C 19 26.48 29.83 9.28
CA VAL C 19 26.08 28.43 9.48
C VAL C 19 25.00 28.36 10.55
N HIS C 20 23.96 27.57 10.28
CA HIS C 20 22.86 27.42 11.22
C HIS C 20 22.29 26.01 11.08
N TRP C 21 21.67 25.54 12.17
CA TRP C 21 21.06 24.22 12.20
C TRP C 21 19.55 24.41 12.36
N LEU C 22 18.79 23.96 11.37
CA LEU C 22 17.35 24.14 11.35
C LEU C 22 16.68 22.79 11.53
N PHE C 23 15.99 22.61 12.65
CA PHE C 23 15.25 21.41 12.98
C PHE C 23 13.79 21.65 12.61
N THR C 24 13.24 20.79 11.75
CA THR C 24 11.87 20.93 11.29
C THR C 24 11.05 19.74 11.77
N THR C 25 9.88 19.58 11.18
CA THR C 25 9.00 18.48 11.53
C THR C 25 9.34 17.21 10.76
N CYS C 26 10.35 17.25 9.89
CA CYS C 26 10.78 16.12 9.07
C CYS C 26 9.67 15.59 8.18
N GLY C 27 8.64 16.39 7.90
CA GLY C 27 7.55 15.96 7.06
C GLY C 27 6.44 15.24 7.79
N ALA C 28 6.48 15.19 9.12
CA ALA C 28 5.45 14.51 9.88
C ALA C 28 4.34 15.49 10.25
N SER C 29 3.15 14.95 10.50
CA SER C 29 2.00 15.77 10.84
C SER C 29 1.04 14.95 11.69
N GLY C 30 0.24 15.65 12.49
CA GLY C 30 -0.75 15.00 13.32
C GLY C 30 -0.24 14.71 14.72
N PRO C 31 -0.94 13.85 15.46
CA PRO C 31 -0.59 13.64 16.88
C PRO C 31 0.71 12.89 17.08
N HIS C 32 1.23 12.23 16.07
CA HIS C 32 2.44 11.42 16.19
C HIS C 32 3.57 12.03 15.38
N GLY C 33 4.75 12.13 15.99
CA GLY C 33 5.87 12.82 15.41
C GLY C 33 6.57 12.06 14.30
N PRO C 34 7.81 12.43 14.02
CA PRO C 34 8.55 11.81 12.93
C PRO C 34 9.41 10.63 13.38
N THR C 35 9.77 9.80 12.40
CA THR C 35 10.65 8.66 12.60
C THR C 35 12.07 9.02 12.20
N GLN C 36 13.01 8.14 12.53
CA GLN C 36 14.42 8.39 12.22
C GLN C 36 14.64 8.49 10.72
N ALA C 37 13.96 7.65 9.92
CA ALA C 37 14.13 7.71 8.49
C ALA C 37 13.52 8.97 7.89
N GLN C 38 12.40 9.44 8.45
CA GLN C 38 11.80 10.70 7.97
C GLN C 38 12.76 11.87 8.14
N CYS C 39 13.51 11.89 9.23
CA CYS C 39 14.45 12.97 9.50
C CYS C 39 15.72 12.82 8.69
N ASN C 40 16.20 11.59 8.51
CA ASN C 40 17.33 11.40 7.61
C ASN C 40 16.95 11.80 6.19
N ASN C 41 15.67 11.68 5.83
CA ASN C 41 15.17 12.16 4.54
C ASN C 41 15.05 13.68 4.50
N ALA C 42 14.74 14.31 5.64
CA ALA C 42 14.63 15.77 5.68
C ALA C 42 16.01 16.43 5.66
N TYR C 43 16.93 15.98 6.51
CA TYR C 43 18.29 16.53 6.53
C TYR C 43 19.23 15.64 5.73
N GLN C 44 18.88 15.47 4.46
CA GLN C 44 19.56 14.51 3.59
C GLN C 44 20.92 15.05 3.17
N ASN C 45 20.94 16.20 2.50
CA ASN C 45 22.20 16.78 2.07
C ASN C 45 22.49 18.08 2.80
N SER C 46 22.48 18.02 4.13
CA SER C 46 22.81 19.15 4.97
C SER C 46 23.79 18.71 6.05
N ASN C 47 24.44 19.69 6.67
CA ASN C 47 25.36 19.41 7.77
C ASN C 47 24.63 19.22 9.10
N LEU C 48 23.43 18.63 9.06
CA LEU C 48 22.65 18.35 10.25
C LEU C 48 22.26 16.88 10.26
N SER C 49 22.37 16.26 11.44
CA SER C 49 21.98 14.87 11.61
C SER C 49 21.51 14.68 13.04
N VAL C 50 20.36 14.05 13.23
CA VAL C 50 19.76 13.90 14.54
C VAL C 50 19.38 12.45 14.76
N GLU C 51 19.21 12.10 16.04
CA GLU C 51 18.78 10.77 16.48
C GLU C 51 17.34 10.87 16.96
N VAL C 52 16.45 10.10 16.35
CA VAL C 52 15.03 10.15 16.67
C VAL C 52 14.64 8.83 17.33
N GLY C 53 13.99 8.93 18.49
CA GLY C 53 13.61 7.74 19.23
C GLY C 53 12.51 6.95 18.54
N SER C 54 12.46 5.66 18.88
CA SER C 54 11.51 4.74 18.27
C SER C 54 10.36 4.33 19.18
N GLU C 55 10.53 4.44 20.50
CA GLU C 55 9.50 4.03 21.44
C GLU C 55 9.62 4.82 22.73
N GLY C 56 8.53 4.82 23.50
CA GLY C 56 8.55 5.39 24.83
C GLY C 56 8.28 6.87 24.82
N PRO C 57 8.82 7.57 25.82
CA PRO C 57 8.59 9.02 25.90
C PRO C 57 9.37 9.83 24.88
N LEU C 58 10.49 9.32 24.37
CA LEU C 58 11.30 10.03 23.41
C LEU C 58 10.92 9.70 21.97
N LYS C 59 9.73 9.15 21.75
CA LYS C 59 9.28 8.77 20.41
C LYS C 59 8.93 10.04 19.63
N GLY C 60 9.79 10.40 18.69
CA GLY C 60 9.62 11.59 17.86
C GLY C 60 10.58 12.72 18.19
N ILE C 61 11.27 12.65 19.30
CA ILE C 61 12.16 13.73 19.72
C ILE C 61 13.51 13.55 19.02
N GLN C 62 14.12 14.67 18.62
CA GLN C 62 15.36 14.65 17.85
C GLN C 62 16.54 15.01 18.75
N ILE C 63 17.45 14.07 18.96
CA ILE C 63 18.62 14.31 19.79
C ILE C 63 19.76 14.83 18.90
N TRP C 64 20.37 15.94 19.34
CA TRP C 64 21.36 16.69 18.56
C TRP C 64 22.61 16.91 19.39
N LYS C 65 23.77 16.51 18.84
CA LYS C 65 25.03 16.68 19.55
C LYS C 65 25.59 18.07 19.24
N VAL C 66 25.83 18.87 20.27
CA VAL C 66 26.39 20.20 20.07
C VAL C 66 27.79 20.07 19.50
N PRO C 67 28.12 20.71 18.38
CA PRO C 67 29.41 20.46 17.73
C PRO C 67 30.59 21.17 18.40
N ALA C 68 30.36 22.28 19.09
CA ALA C 68 31.48 22.97 19.71
C ALA C 68 30.98 23.73 20.93
N THR C 69 31.92 24.13 21.78
CA THR C 69 31.61 24.87 23.00
C THR C 69 31.55 26.36 22.67
N ASP C 70 30.36 26.93 22.67
CA ASP C 70 30.19 28.33 22.29
C ASP C 70 28.84 28.80 22.80
N THR C 71 28.55 30.08 22.55
CA THR C 71 27.28 30.68 22.93
C THR C 71 26.37 30.65 21.72
N TYR C 72 25.32 29.83 21.79
CA TYR C 72 24.37 29.62 20.72
C TYR C 72 23.11 30.42 20.95
N SER C 73 22.39 30.67 19.86
CA SER C 73 21.07 31.26 19.92
C SER C 73 20.11 30.19 19.41
N ILE C 74 19.28 29.71 20.33
CA ILE C 74 18.25 28.72 20.03
C ILE C 74 16.94 29.47 19.87
N SER C 75 16.39 29.45 18.66
CA SER C 75 15.12 30.09 18.34
C SER C 75 14.10 28.98 18.17
N GLY C 76 13.18 28.86 19.13
CA GLY C 76 12.15 27.83 19.06
C GLY C 76 10.81 28.43 18.67
N TYR C 77 10.12 27.75 17.76
CA TYR C 77 8.85 28.19 17.20
C TYR C 77 7.83 27.09 17.41
N GLY C 78 6.75 27.40 18.13
CA GLY C 78 5.65 26.50 18.28
C GLY C 78 4.81 26.39 17.01
N ALA C 79 3.80 25.52 17.09
CA ALA C 79 2.99 25.15 15.95
C ALA C 79 1.61 25.77 16.01
N ALA C 80 1.11 26.19 14.85
CA ALA C 80 -0.17 26.88 14.74
C ALA C 80 -1.33 25.93 14.98
N GLY C 81 -2.51 26.50 15.18
CA GLY C 81 -3.71 25.72 15.41
C GLY C 81 -4.53 25.51 14.15
N GLY C 82 -5.57 24.69 14.29
CA GLY C 82 -6.39 24.29 13.16
C GLY C 82 -7.51 25.27 12.84
N LYS C 83 -7.86 25.34 11.55
CA LYS C 83 -8.93 26.22 11.10
C LYS C 83 -10.28 25.72 11.62
N GLY C 84 -11.29 26.59 11.48
CA GLY C 84 -12.62 26.29 11.94
C GLY C 84 -13.46 25.60 10.89
N GLY C 85 -14.74 25.42 11.21
CA GLY C 85 -15.68 24.78 10.32
C GLY C 85 -16.04 25.61 9.10
N LYS C 86 -15.12 26.49 8.70
CA LYS C 86 -15.27 27.32 7.52
C LYS C 86 -13.91 27.41 6.85
N ASN C 87 -13.89 27.30 5.52
CA ASN C 87 -12.61 27.37 4.80
C ASN C 87 -11.94 28.71 4.98
N THR C 88 -12.73 29.79 5.09
CA THR C 88 -12.21 31.15 5.23
C THR C 88 -12.15 31.48 6.71
N MET C 89 -11.15 30.92 7.39
CA MET C 89 -10.94 31.11 8.82
C MET C 89 -9.45 31.29 9.08
N MET C 90 -9.10 32.30 9.88
CA MET C 90 -7.71 32.57 10.22
C MET C 90 -7.32 31.79 11.48
N ARG C 91 -6.20 31.09 11.42
CA ARG C 91 -5.77 30.16 12.46
C ARG C 91 -4.95 30.86 13.53
N SER C 92 -4.96 30.29 14.73
CA SER C 92 -4.20 30.81 15.85
C SER C 92 -2.73 30.47 15.66
N HIS C 93 -1.87 31.50 15.61
CA HIS C 93 -0.48 31.30 15.26
C HIS C 93 0.32 30.74 16.42
N GLY C 94 1.45 30.11 16.09
CA GLY C 94 2.32 29.53 17.10
C GLY C 94 3.34 30.51 17.63
N VAL C 95 3.63 30.37 18.92
CA VAL C 95 4.46 31.33 19.67
C VAL C 95 5.93 31.08 19.40
N SER C 96 6.71 32.17 19.31
CA SER C 96 8.14 32.14 19.05
C SER C 96 8.90 32.63 20.27
N VAL C 97 9.95 31.90 20.65
CA VAL C 97 10.80 32.20 21.81
C VAL C 97 12.25 32.15 21.36
N LEU C 98 12.97 33.25 21.57
CA LEU C 98 14.36 33.36 21.17
C LEU C 98 15.24 33.44 22.42
N GLY C 99 16.24 32.57 22.53
CA GLY C 99 17.10 32.58 23.70
C GLY C 99 18.55 32.38 23.35
N ILE C 100 19.43 32.93 24.19
CA ILE C 100 20.87 32.76 24.05
C ILE C 100 21.35 31.88 25.19
N PHE C 101 22.04 30.79 24.85
CA PHE C 101 22.51 29.80 25.81
C PHE C 101 23.98 29.49 25.60
N ASN C 102 24.73 29.37 26.69
CA ASN C 102 26.11 28.92 26.64
C ASN C 102 26.11 27.40 26.65
N LEU C 103 26.60 26.78 25.58
CA LEU C 103 26.56 25.33 25.44
C LEU C 103 27.96 24.76 25.30
N GLU C 104 28.10 23.54 25.81
CA GLU C 104 29.36 22.76 25.87
C GLU C 104 29.37 21.74 24.75
N LYS C 105 30.54 21.40 24.25
CA LYS C 105 30.64 20.44 23.16
C LYS C 105 30.18 19.06 23.62
N ASP C 106 29.58 18.32 22.69
CA ASP C 106 29.04 16.98 22.92
C ASP C 106 27.88 16.98 23.91
N ASP C 107 27.17 18.10 24.06
CA ASP C 107 25.97 18.14 24.87
C ASP C 107 24.77 17.67 24.04
N MET C 108 24.01 16.71 24.58
CA MET C 108 22.87 16.14 23.87
C MET C 108 21.65 17.02 24.08
N LEU C 109 21.23 17.71 23.01
CA LEU C 109 20.06 18.57 23.01
C LEU C 109 18.87 17.83 22.41
N TYR C 110 17.86 17.55 23.23
CA TYR C 110 16.65 16.89 22.79
C TYR C 110 15.68 17.97 22.30
N ILE C 111 15.28 17.90 21.02
CA ILE C 111 14.48 18.92 20.37
C ILE C 111 13.22 18.29 19.81
N LEU C 112 12.07 18.70 20.34
CA LEU C 112 10.78 18.32 19.81
C LEU C 112 10.23 19.47 19.00
N VAL C 113 10.01 19.26 17.71
CA VAL C 113 9.44 20.27 16.83
C VAL C 113 7.95 20.05 16.76
N GLY C 114 7.18 21.05 17.22
CA GLY C 114 5.75 20.88 17.34
C GLY C 114 5.06 20.81 16.00
N GLN C 115 3.93 20.11 15.97
CA GLN C 115 3.15 19.89 14.76
C GLN C 115 1.82 20.61 14.87
N GLN C 116 1.40 21.23 13.75
CA GLN C 116 0.16 22.00 13.75
C GLN C 116 -1.05 21.08 13.88
N GLY C 117 -2.15 21.65 14.37
CA GLY C 117 -3.35 20.88 14.60
C GLY C 117 -4.17 20.71 13.34
N GLU C 118 -5.03 19.69 13.37
CA GLU C 118 -5.79 19.30 12.19
C GLU C 118 -6.84 20.35 11.86
N ASP C 119 -6.90 20.74 10.59
CA ASP C 119 -7.88 21.72 10.14
C ASP C 119 -9.24 21.05 9.93
N ALA C 120 -10.31 21.80 10.23
CA ALA C 120 -11.64 21.29 9.98
C ALA C 120 -11.98 21.32 8.49
N CYS C 121 -11.40 22.28 7.76
CA CYS C 121 -11.65 22.45 6.35
C CYS C 121 -10.32 22.62 5.61
N PRO C 122 -10.15 21.95 4.46
CA PRO C 122 -11.12 21.06 3.81
C PRO C 122 -11.13 19.65 4.39
N SER C 123 -11.99 18.78 3.86
CA SER C 123 -12.12 17.40 4.34
C SER C 123 -12.66 16.50 3.24
N THR C 124 -12.13 15.29 3.19
CA THR C 124 -12.46 14.27 2.16
C THR C 124 -13.94 13.87 2.20
N ASN C 125 -14.53 13.75 3.39
CA ASN C 125 -15.96 13.35 3.45
C ASN C 125 -16.80 14.39 2.72
N GLN C 126 -17.69 13.96 1.84
CA GLN C 126 -18.55 14.90 1.07
C GLN C 126 -19.47 15.67 2.01
N LEU C 127 -20.06 15.00 3.01
CA LEU C 127 -21.00 15.65 3.96
C LEU C 127 -20.26 16.75 4.73
N ILE C 128 -19.04 16.46 5.18
CA ILE C 128 -18.21 17.41 5.90
C ILE C 128 -17.78 18.55 4.97
N GLN C 129 -17.39 18.19 3.75
CA GLN C 129 -16.96 19.18 2.76
C GLN C 129 -18.10 20.10 2.35
N LYS C 130 -19.32 19.57 2.24
CA LYS C 130 -20.47 20.41 1.93
C LYS C 130 -20.76 21.41 3.03
N VAL C 131 -20.34 21.13 4.27
CA VAL C 131 -20.43 22.11 5.34
C VAL C 131 -19.36 23.17 5.16
N CYS C 132 -18.16 22.76 4.73
CA CYS C 132 -17.08 23.74 4.62
C CYS C 132 -17.32 24.79 3.53
N ILE C 133 -18.04 24.44 2.45
CA ILE C 133 -18.33 25.42 1.40
C ILE C 133 -19.54 26.30 1.74
N GLY C 134 -20.32 25.93 2.76
CA GLY C 134 -21.37 26.77 3.28
C GLY C 134 -22.78 26.37 2.90
N GLU C 135 -22.96 25.31 2.10
CA GLU C 135 -24.30 24.97 1.63
C GLU C 135 -25.07 24.14 2.66
N ASN C 136 -24.41 23.20 3.32
CA ASN C 136 -25.07 22.42 4.37
C ASN C 136 -25.02 23.17 5.69
N ASN C 137 -26.17 23.31 6.35
CA ASN C 137 -26.30 24.07 7.59
C ASN C 137 -27.02 23.25 8.66
N VAL C 138 -26.51 22.06 8.92
CA VAL C 138 -27.09 21.24 9.99
C VAL C 138 -26.69 21.75 11.38
N ILE C 139 -25.48 22.27 11.51
CA ILE C 139 -25.00 22.82 12.76
C ILE C 139 -25.80 24.05 13.16
N GLU C 140 -26.14 24.91 12.18
CA GLU C 140 -26.91 26.11 12.48
C GLU C 140 -28.30 25.79 13.00
N GLU C 141 -28.85 24.63 12.61
CA GLU C 141 -30.15 24.20 13.07
C GLU C 141 -30.08 23.55 14.45
N GLU C 142 -28.93 22.97 14.79
CA GLU C 142 -28.79 22.35 16.11
C GLU C 142 -29.10 23.31 17.26
N ILE C 143 -28.58 24.55 17.22
CA ILE C 143 -28.83 25.49 18.31
C ILE C 143 -30.27 25.96 18.32
N ARG C 144 -30.95 25.92 17.18
CA ARG C 144 -32.35 26.31 17.11
C ARG C 144 -33.26 25.28 17.77
N VAL C 145 -33.01 23.99 17.53
CA VAL C 145 -33.88 22.97 18.09
C VAL C 145 -33.61 22.76 19.58
N ASN C 146 -32.37 22.44 19.94
CA ASN C 146 -31.99 22.18 21.31
C ASN C 146 -31.04 23.27 21.82
N ARG C 147 -31.08 23.49 23.14
CA ARG C 147 -30.26 24.55 23.73
C ARG C 147 -28.79 24.15 23.76
N SER C 148 -28.50 22.90 24.07
CA SER C 148 -27.13 22.41 24.18
C SER C 148 -26.78 21.54 22.98
N VAL C 149 -25.60 21.75 22.42
CA VAL C 149 -25.14 21.02 21.25
C VAL C 149 -24.40 19.77 21.73
N HIS C 150 -24.99 18.59 21.47
CA HIS C 150 -24.37 17.33 21.86
C HIS C 150 -24.55 16.23 20.83
N GLU C 151 -25.19 16.49 19.70
CA GLU C 151 -25.37 15.51 18.64
C GLU C 151 -24.60 15.83 17.37
N TRP C 152 -24.60 17.10 16.95
CA TRP C 152 -23.84 17.52 15.76
C TRP C 152 -22.45 18.02 16.16
N ALA C 153 -21.70 17.14 16.84
CA ALA C 153 -20.37 17.49 17.31
C ALA C 153 -19.34 17.36 16.19
N GLY C 154 -18.43 18.33 16.11
CA GLY C 154 -17.38 18.31 15.10
C GLY C 154 -17.39 19.57 14.27
N GLY C 155 -16.25 20.24 14.22
CA GLY C 155 -16.11 21.42 13.41
C GLY C 155 -15.00 22.35 13.88
N GLY C 156 -14.41 22.04 15.03
CA GLY C 156 -13.37 22.86 15.60
C GLY C 156 -12.03 22.63 14.95
N GLY C 157 -11.01 23.23 15.56
CA GLY C 157 -9.65 23.12 15.08
C GLY C 157 -8.76 22.42 16.09
N GLY C 158 -7.75 21.72 15.59
CA GLY C 158 -6.85 21.00 16.45
C GLY C 158 -5.86 21.91 17.16
N GLY C 159 -5.48 21.49 18.36
CA GLY C 159 -4.51 22.25 19.14
C GLY C 159 -3.11 22.06 18.60
N GLY C 160 -2.41 23.18 18.40
CA GLY C 160 -1.05 23.11 17.89
C GLY C 160 -0.08 22.56 18.92
N GLY C 161 0.85 21.73 18.46
CA GLY C 161 1.84 21.17 19.34
C GLY C 161 2.88 22.20 19.74
N ALA C 162 3.51 21.95 20.88
CA ALA C 162 4.55 22.83 21.40
C ALA C 162 5.92 22.33 20.98
N THR C 163 6.86 23.26 20.91
CA THR C 163 8.24 22.96 20.55
C THR C 163 9.12 23.00 21.79
N TYR C 164 9.78 21.89 22.09
CA TYR C 164 10.62 21.76 23.27
C TYR C 164 12.08 21.65 22.89
N VAL C 165 12.95 22.28 23.67
CA VAL C 165 14.40 22.18 23.52
C VAL C 165 14.92 21.99 24.93
N PHE C 166 15.30 20.75 25.27
CA PHE C 166 15.63 20.38 26.64
C PHE C 166 16.82 19.42 26.67
N LYS C 167 17.53 19.43 27.80
CA LYS C 167 18.68 18.56 28.04
C LYS C 167 18.33 17.55 29.14
N MET C 168 19.28 16.66 29.42
CA MET C 168 19.04 15.59 30.38
C MET C 168 20.15 15.61 31.41
N LYS C 169 19.78 15.77 32.69
CA LYS C 169 20.73 15.80 33.80
C LYS C 169 20.57 14.51 34.60
N ASP C 170 21.54 13.60 34.46
CA ASP C 170 21.51 12.33 35.21
C ASP C 170 20.20 11.58 34.96
N GLY C 171 19.72 11.60 33.73
CA GLY C 171 18.51 10.90 33.37
C GLY C 171 17.22 11.65 33.61
N VAL C 172 17.24 12.77 34.33
CA VAL C 172 16.04 13.57 34.56
C VAL C 172 16.06 14.74 33.58
N PRO C 173 14.93 15.06 32.94
CA PRO C 173 14.94 16.11 31.91
C PRO C 173 14.92 17.51 32.51
N VAL C 174 15.66 18.40 31.86
CA VAL C 174 15.77 19.80 32.26
C VAL C 174 15.38 20.65 31.07
N PRO C 175 14.46 21.59 31.19
CA PRO C 175 14.05 22.38 30.03
C PRO C 175 14.93 23.61 29.82
N LEU C 176 15.08 23.98 28.55
CA LEU C 176 15.80 25.18 28.14
C LEU C 176 14.92 26.17 27.39
N ILE C 177 14.22 25.72 26.35
CA ILE C 177 13.31 26.57 25.59
C ILE C 177 12.03 25.79 25.35
N ILE C 178 10.88 26.39 25.62
CA ILE C 178 9.61 25.78 25.26
C ILE C 178 8.75 26.83 24.60
N ALA C 179 8.45 26.63 23.32
CA ALA C 179 7.61 27.53 22.54
C ALA C 179 6.21 26.94 22.43
N ALA C 180 5.24 27.61 23.03
CA ALA C 180 3.89 27.07 23.10
C ALA C 180 3.22 27.05 21.73
N GLY C 181 2.32 26.09 21.56
CA GLY C 181 1.54 25.97 20.33
C GLY C 181 0.15 26.54 20.52
N GLY C 182 -0.35 27.21 19.48
CA GLY C 182 -1.65 27.85 19.55
C GLY C 182 -2.80 26.85 19.41
N GLY C 183 -3.84 27.05 20.23
CA GLY C 183 -5.02 26.24 20.13
C GLY C 183 -5.88 26.60 18.92
N GLY C 184 -6.53 25.57 18.38
CA GLY C 184 -7.29 25.76 17.15
C GLY C 184 -8.57 26.54 17.35
N ARG C 185 -9.07 27.09 16.24
CA ARG C 185 -10.24 27.94 16.24
C ARG C 185 -11.51 27.12 16.10
N ALA C 186 -12.63 27.75 16.46
CA ALA C 186 -13.93 27.09 16.51
C ALA C 186 -14.64 27.19 15.16
N TYR C 187 -15.79 26.52 15.09
CA TYR C 187 -16.63 26.52 13.89
C TYR C 187 -17.01 27.93 13.47
N GLY C 188 -17.85 28.60 14.26
CA GLY C 188 -18.25 29.95 13.97
C GLY C 188 -17.38 30.98 14.64
N ALA C 189 -16.08 30.97 14.33
CA ALA C 189 -15.13 31.91 14.93
C ALA C 189 -15.16 33.21 14.13
N LYS C 190 -16.19 34.01 14.39
CA LYS C 190 -16.33 35.30 13.72
C LYS C 190 -15.56 36.40 14.42
N THR C 191 -15.51 36.37 15.75
CA THR C 191 -14.79 37.38 16.52
C THR C 191 -13.46 36.84 17.03
N ASP C 192 -12.55 37.77 17.31
CA ASP C 192 -11.20 37.43 17.72
C ASP C 192 -11.07 37.49 19.24
N THR C 193 -9.94 37.00 19.71
CA THR C 193 -9.70 36.82 21.13
C THR C 193 -9.08 38.09 21.73
N PHE C 194 -8.84 38.06 23.05
CA PHE C 194 -8.46 39.25 23.79
C PHE C 194 -7.37 38.93 24.81
N HIS C 195 -6.43 38.04 24.44
CA HIS C 195 -5.40 37.66 25.40
C HIS C 195 -4.00 37.60 24.81
N PRO C 196 -2.99 37.92 25.62
CA PRO C 196 -1.61 37.95 25.12
C PRO C 196 -0.86 36.66 25.44
N GLU C 197 0.41 36.64 25.02
CA GLU C 197 1.24 35.46 25.20
C GLU C 197 1.66 35.30 26.65
N ARG C 198 1.66 34.05 27.11
CA ARG C 198 2.02 33.70 28.47
C ARG C 198 3.42 33.06 28.47
N LEU C 199 4.30 33.55 29.34
CA LEU C 199 5.67 33.05 29.42
C LEU C 199 6.06 32.85 30.88
N GLU C 200 6.71 31.70 31.15
CA GLU C 200 7.22 31.35 32.46
C GLU C 200 8.75 31.38 32.43
N ASN C 201 9.35 31.85 33.51
CA ASN C 201 10.80 31.95 33.58
C ASN C 201 11.40 31.26 34.80
N ASN C 202 10.59 30.61 35.64
CA ASN C 202 11.06 29.94 36.84
C ASN C 202 10.65 28.48 36.83
N SER C 203 11.57 27.61 37.24
CA SER C 203 11.27 26.19 37.42
C SER C 203 10.44 25.92 38.67
N SER C 204 10.29 26.91 39.55
CA SER C 204 9.43 26.75 40.71
C SER C 204 7.98 26.53 40.30
N VAL C 205 7.52 27.23 39.28
CA VAL C 205 6.17 27.04 38.75
C VAL C 205 6.08 25.66 38.11
N LEU C 206 5.15 24.84 38.60
CA LEU C 206 5.02 23.48 38.10
C LEU C 206 4.24 23.48 36.79
N GLY C 207 4.84 22.92 35.74
CA GLY C 207 4.19 22.85 34.44
C GLY C 207 3.25 21.66 34.30
N LEU C 208 1.95 21.91 34.44
CA LEU C 208 0.94 20.86 34.44
C LEU C 208 0.08 20.95 33.19
N ASN C 209 -0.76 19.94 33.01
CA ASN C 209 -1.64 19.87 31.86
C ASN C 209 -2.74 20.93 31.94
N GLY C 210 -3.37 21.18 30.79
CA GLY C 210 -4.41 22.19 30.72
C GLY C 210 -5.81 21.64 31.02
N ASN C 211 -6.73 22.57 31.26
CA ASN C 211 -8.11 22.21 31.56
C ASN C 211 -8.81 21.71 30.31
N SER C 212 -9.47 20.55 30.43
CA SER C 212 -10.09 19.87 29.30
C SER C 212 -11.59 19.71 29.55
N GLY C 213 -12.39 20.04 28.53
CA GLY C 213 -13.83 19.81 28.57
C GLY C 213 -14.22 18.69 27.63
N ALA C 214 -15.18 18.95 26.74
CA ALA C 214 -15.48 18.00 25.69
C ALA C 214 -14.35 17.97 24.66
N ALA C 215 -13.89 19.15 24.24
CA ALA C 215 -12.69 19.26 23.43
C ALA C 215 -11.48 19.26 24.34
N GLY C 216 -10.54 18.34 24.11
CA GLY C 216 -9.42 18.18 25.02
C GLY C 216 -8.54 19.40 25.10
N GLY C 217 -7.82 19.50 26.22
CA GLY C 217 -6.91 20.60 26.46
C GLY C 217 -5.50 20.29 25.98
N GLY C 218 -4.58 21.18 26.34
CA GLY C 218 -3.20 21.06 25.92
C GLY C 218 -2.41 20.04 26.70
N GLY C 219 -1.09 20.16 26.62
CA GLY C 219 -0.20 19.27 27.31
C GLY C 219 0.98 20.01 27.90
N GLY C 220 1.33 19.68 29.14
CA GLY C 220 2.37 20.37 29.85
C GLY C 220 3.73 19.72 29.69
N TRP C 221 4.62 20.04 30.62
CA TRP C 221 5.97 19.50 30.61
C TRP C 221 6.05 18.18 31.35
N ASN C 222 5.36 18.07 32.50
CA ASN C 222 5.37 16.86 33.32
C ASN C 222 4.00 16.71 33.96
N ASP C 223 3.30 15.63 33.60
CA ASP C 223 1.92 15.47 34.06
C ASP C 223 1.54 14.00 34.00
N ASN C 224 0.32 13.71 34.45
CA ASN C 224 -0.25 12.35 34.46
C ASN C 224 -1.58 12.39 33.71
N THR C 225 -1.50 12.52 32.38
CA THR C 225 -2.71 12.63 31.58
C THR C 225 -3.46 11.31 31.53
N SER C 226 -4.80 11.39 31.57
CA SER C 226 -5.67 10.23 31.50
C SER C 226 -6.72 10.33 30.40
N LEU C 227 -7.18 11.52 30.08
CA LEU C 227 -8.20 11.69 29.05
C LEU C 227 -7.63 11.40 27.67
N LEU C 228 -8.33 10.57 26.89
CA LEU C 228 -7.86 10.25 25.54
C LEU C 228 -7.99 11.45 24.61
N TRP C 229 -9.02 12.28 24.78
CA TRP C 229 -9.22 13.43 23.91
C TRP C 229 -8.36 14.62 24.28
N ALA C 230 -7.62 14.55 25.39
CA ALA C 230 -6.74 15.62 25.82
C ALA C 230 -5.29 15.30 25.44
N GLY C 231 -4.53 16.36 25.20
CA GLY C 231 -3.13 16.18 24.87
C GLY C 231 -2.32 15.68 26.06
N LYS C 232 -1.22 15.01 25.76
CA LYS C 232 -0.35 14.43 26.78
C LYS C 232 0.91 15.26 26.95
N SER C 233 1.52 15.16 28.13
CA SER C 233 2.69 15.96 28.46
C SER C 233 3.96 15.32 27.89
N LEU C 234 5.06 16.07 27.97
CA LEU C 234 6.32 15.62 27.38
C LEU C 234 6.89 14.42 28.12
N GLN C 235 6.82 14.41 29.44
CA GLN C 235 7.32 13.27 30.21
C GLN C 235 6.60 11.99 29.83
N GLU C 236 5.39 12.11 29.29
CA GLU C 236 4.61 10.97 28.86
C GLU C 236 4.81 10.63 27.40
N GLY C 237 5.29 11.58 26.60
CA GLY C 237 5.55 11.33 25.19
C GLY C 237 5.12 12.47 24.30
N ALA C 238 4.36 13.41 24.85
CA ALA C 238 3.90 14.60 24.13
C ALA C 238 3.07 14.24 22.91
N THR C 239 2.31 13.15 22.99
CA THR C 239 1.45 12.73 21.89
C THR C 239 0.19 13.57 21.85
N GLY C 240 -0.25 13.89 20.64
CA GLY C 240 -1.41 14.74 20.49
C GLY C 240 -2.69 14.02 20.87
N GLY C 241 -3.62 14.78 21.44
CA GLY C 241 -4.88 14.21 21.88
C GLY C 241 -5.83 14.00 20.71
N HIS C 242 -6.59 12.91 20.77
CA HIS C 242 -7.55 12.59 19.74
C HIS C 242 -8.81 13.43 19.91
N SER C 243 -9.74 13.29 18.97
CA SER C 243 -10.97 14.05 19.07
C SER C 243 -11.94 13.36 20.01
N CYS C 244 -12.95 14.18 20.44
CA CYS C 244 -13.98 13.69 21.35
C CYS C 244 -14.77 12.55 20.71
N PRO C 245 -15.24 11.49 21.44
CA PRO C 245 -15.96 10.36 20.86
C PRO C 245 -17.24 10.76 20.17
N GLN C 246 -18.01 11.70 20.75
CA GLN C 246 -19.30 12.09 20.18
C GLN C 246 -19.16 12.73 18.80
N ALA C 247 -18.01 13.33 18.49
CA ALA C 247 -17.80 13.85 17.14
C ALA C 247 -17.57 12.75 16.12
N MET C 248 -17.16 11.56 16.56
CA MET C 248 -16.95 10.46 15.62
C MET C 248 -18.23 9.63 15.41
N LYS C 249 -19.33 10.04 16.04
CA LYS C 249 -20.53 9.20 16.09
C LYS C 249 -21.14 9.02 14.69
N LYS C 250 -21.43 10.12 14.01
CA LYS C 250 -22.11 10.03 12.72
C LYS C 250 -21.15 10.19 11.55
N TRP C 251 -20.70 11.42 11.28
CA TRP C 251 -19.84 11.66 10.13
C TRP C 251 -18.37 11.37 10.39
N GLY C 252 -17.94 11.38 11.66
CA GLY C 252 -16.56 11.09 11.98
C GLY C 252 -15.61 12.22 11.63
N TRP C 253 -15.92 13.42 12.12
CA TRP C 253 -15.09 14.60 11.88
C TRP C 253 -13.80 14.51 12.69
N GLU C 254 -12.76 13.93 12.10
CA GLU C 254 -11.49 13.74 12.81
C GLU C 254 -10.74 15.07 12.84
N THR C 255 -10.48 15.58 14.05
CA THR C 255 -9.73 16.83 14.26
C THR C 255 -8.83 16.59 15.48
N ARG C 256 -7.68 15.98 15.24
CA ARG C 256 -6.77 15.63 16.33
C ARG C 256 -5.74 16.74 16.53
N GLY C 257 -5.24 16.83 17.77
CA GLY C 257 -4.27 17.84 18.10
C GLY C 257 -2.87 17.44 17.66
N GLY C 258 -2.05 18.47 17.40
CA GLY C 258 -0.72 18.23 16.87
C GLY C 258 0.23 17.63 17.89
N PHE C 259 1.29 17.00 17.35
CA PHE C 259 2.33 16.42 18.18
C PHE C 259 3.06 17.51 18.95
N GLY C 260 3.11 17.38 20.27
CA GLY C 260 3.77 18.35 21.11
C GLY C 260 2.93 18.73 22.31
N GLY C 261 1.79 18.05 22.46
CA GLY C 261 0.84 18.32 23.49
C GLY C 261 -0.44 19.02 23.05
N GLY C 262 -0.80 18.93 21.76
CA GLY C 262 -2.01 19.58 21.30
C GLY C 262 -3.26 18.82 21.68
N GLY C 263 -4.39 19.51 21.67
CA GLY C 263 -5.65 18.95 22.13
C GLY C 263 -6.66 18.81 20.99
N GLY C 264 -7.48 17.77 21.09
CA GLY C 264 -8.53 17.58 20.10
C GLY C 264 -9.63 18.62 20.22
N GLY C 265 -10.23 18.96 19.08
CA GLY C 265 -11.00 20.18 18.99
C GLY C 265 -12.52 20.12 19.14
N CYS C 266 -13.11 18.98 18.78
CA CYS C 266 -14.60 18.86 18.78
C CYS C 266 -15.14 19.98 17.89
N SER C 267 -16.08 20.78 18.40
CA SER C 267 -16.61 21.92 17.66
C SER C 267 -16.02 23.24 18.13
N SER C 268 -15.64 23.32 19.40
CA SER C 268 -15.13 24.56 19.96
C SER C 268 -13.66 24.79 19.61
N GLY C 269 -12.90 23.73 19.37
CA GLY C 269 -11.48 23.88 19.14
C GLY C 269 -10.66 23.72 20.41
N GLY C 270 -9.69 22.80 20.40
CA GLY C 270 -8.92 22.50 21.58
C GLY C 270 -7.67 23.34 21.71
N GLY C 271 -7.06 23.28 22.89
CA GLY C 271 -5.91 24.10 23.18
C GLY C 271 -4.59 23.43 22.87
N GLY C 272 -3.59 24.26 22.60
CA GLY C 272 -2.25 23.78 22.32
C GLY C 272 -1.45 23.51 23.58
N GLY C 273 -0.24 22.99 23.38
CA GLY C 273 0.62 22.61 24.48
C GLY C 273 1.67 23.66 24.80
N GLY C 274 2.53 23.30 25.76
CA GLY C 274 3.58 24.19 26.19
C GLY C 274 4.18 23.69 27.49
N TYR C 275 4.80 24.62 28.22
CA TYR C 275 5.25 24.30 29.58
C TYR C 275 4.05 24.00 30.47
N ILE C 276 2.98 24.79 30.34
CA ILE C 276 1.69 24.54 30.97
C ILE C 276 0.66 24.40 29.85
N GLY C 277 -0.15 23.36 29.93
CA GLY C 277 -1.10 23.09 28.87
C GLY C 277 -2.13 24.19 28.70
N GLY C 278 -2.61 24.35 27.47
CA GLY C 278 -3.63 25.33 27.19
C GLY C 278 -5.01 24.92 27.71
N ASN C 279 -5.84 25.93 27.93
CA ASN C 279 -7.16 25.72 28.52
C ASN C 279 -8.22 25.52 27.45
N ALA C 280 -9.25 24.75 27.80
CA ALA C 280 -10.38 24.49 26.91
C ALA C 280 -11.67 24.63 27.70
N ALA C 281 -12.75 25.00 27.01
CA ALA C 281 -14.03 25.26 27.64
C ALA C 281 -14.74 23.96 28.02
N SER C 282 -15.61 24.05 29.03
CA SER C 282 -16.33 22.87 29.51
C SER C 282 -17.52 22.51 28.61
N ASN C 283 -18.17 23.50 28.02
CA ASN C 283 -19.34 23.26 27.17
C ASN C 283 -19.00 23.54 25.71
N ASN C 284 -19.60 22.74 24.82
CA ASN C 284 -19.33 22.81 23.38
C ASN C 284 -19.91 24.11 22.83
N ASP C 285 -19.06 25.13 22.71
CA ASP C 285 -19.47 26.43 22.20
C ASP C 285 -18.79 26.71 20.87
N PRO C 286 -19.53 26.94 19.78
CA PRO C 286 -18.89 27.17 18.49
C PRO C 286 -18.31 28.57 18.31
N GLU C 287 -18.34 29.41 19.34
CA GLU C 287 -17.72 30.73 19.29
C GLU C 287 -16.44 30.81 20.12
N MET C 288 -16.33 30.03 21.19
CA MET C 288 -15.17 30.07 22.06
C MET C 288 -14.05 29.20 21.49
N ASP C 289 -12.86 29.77 21.36
CA ASP C 289 -11.70 29.08 20.82
C ASP C 289 -10.96 28.35 21.93
N GLY C 290 -9.81 27.77 21.59
CA GLY C 290 -9.00 27.09 22.58
C GLY C 290 -7.77 27.86 23.00
N GLU C 291 -7.60 28.10 24.31
CA GLU C 291 -6.48 28.89 24.79
C GLU C 291 -5.16 28.20 24.52
N ASP C 292 -4.18 28.98 24.09
CA ASP C 292 -2.85 28.48 23.78
C ASP C 292 -2.07 28.22 25.06
N GLY C 293 -0.94 27.52 24.92
CA GLY C 293 -0.13 27.13 26.06
C GLY C 293 0.77 28.24 26.56
N VAL C 294 1.55 27.90 27.58
CA VAL C 294 2.45 28.82 28.24
C VAL C 294 3.89 28.46 27.84
N SER C 295 4.59 29.41 27.25
CA SER C 295 5.97 29.21 26.86
C SER C 295 6.89 29.21 28.09
N PHE C 296 8.12 28.77 27.88
CA PHE C 296 9.07 28.67 28.98
C PHE C 296 10.47 28.99 28.49
N ILE C 297 11.18 29.78 29.28
CA ILE C 297 12.60 29.98 29.10
C ILE C 297 13.24 29.89 30.47
N SER C 298 14.26 29.04 30.54
CA SER C 298 15.01 28.68 31.72
C SER C 298 15.93 29.81 32.16
N PRO C 299 16.20 29.90 33.47
CA PRO C 299 16.95 31.06 34.00
C PRO C 299 18.39 31.17 33.49
N LEU C 300 18.97 30.04 33.06
CA LEU C 300 20.39 29.99 32.62
C LEU C 300 20.62 30.68 31.27
N GLY C 301 19.56 30.97 30.51
CA GLY C 301 19.69 31.59 29.21
C GLY C 301 19.06 32.98 29.22
N ILE C 302 19.64 33.87 28.41
CA ILE C 302 19.14 35.22 28.25
C ILE C 302 18.03 35.24 27.22
N LEU C 303 17.04 36.11 27.43
CA LEU C 303 15.91 36.26 26.52
C LEU C 303 16.22 37.37 25.52
N TYR C 304 16.29 37.02 24.24
CA TYR C 304 16.62 37.98 23.18
C TYR C 304 15.42 38.85 22.81
N THR C 305 14.23 38.25 22.74
CA THR C 305 13.02 38.94 22.33
C THR C 305 11.85 38.22 22.99
N PRO C 306 10.77 38.93 23.31
CA PRO C 306 9.65 38.29 24.02
C PRO C 306 8.88 37.32 23.13
N ALA C 307 7.94 36.61 23.76
CA ALA C 307 7.16 35.59 23.09
C ALA C 307 6.14 36.23 22.16
N LEU C 308 6.12 35.78 20.90
CA LEU C 308 5.24 36.37 19.90
C LEU C 308 4.68 35.29 18.98
N LYS C 309 3.38 35.39 18.70
CA LYS C 309 2.67 34.44 17.85
C LYS C 309 2.99 34.74 16.38
N VAL C 310 3.66 33.80 15.70
CA VAL C 310 4.06 34.04 14.31
C VAL C 310 3.91 32.83 13.39
N MET C 311 3.96 31.62 13.93
CA MET C 311 3.98 30.46 13.04
C MET C 311 2.60 30.18 12.43
N GLU C 312 2.58 29.95 11.11
CA GLU C 312 1.37 29.62 10.37
C GLU C 312 1.20 28.12 10.14
N GLY C 313 2.26 27.33 10.26
CA GLY C 313 2.15 25.89 10.08
C GLY C 313 2.76 25.11 11.22
N HIS C 314 3.64 24.16 10.91
CA HIS C 314 4.36 23.45 11.95
C HIS C 314 5.40 24.36 12.59
N GLY C 315 5.97 23.91 13.70
CA GLY C 315 7.00 24.65 14.39
C GLY C 315 8.36 24.45 13.76
N GLU C 316 9.39 24.95 14.44
CA GLU C 316 10.76 24.77 13.95
C GLU C 316 11.74 25.30 14.98
N VAL C 317 13.01 24.98 14.78
CA VAL C 317 14.06 25.42 15.70
C VAL C 317 15.28 25.81 14.91
N ASN C 318 15.78 27.02 15.13
CA ASN C 318 16.99 27.47 14.44
C ASN C 318 18.06 27.79 15.47
N ILE C 319 19.17 27.04 15.42
CA ILE C 319 20.29 27.23 16.32
C ILE C 319 21.45 27.83 15.54
N LYS C 320 22.06 28.87 16.08
CA LYS C 320 23.23 29.39 15.38
C LYS C 320 24.17 30.08 16.37
N HIS C 321 25.44 30.14 16.01
CA HIS C 321 26.42 30.76 16.89
C HIS C 321 26.10 32.24 17.08
N TYR C 322 26.05 32.68 18.34
CA TYR C 322 25.64 34.04 18.67
C TYR C 322 26.81 35.01 18.53
N LEU C 323 26.49 36.23 18.08
CA LEU C 323 27.44 37.31 17.89
C LEU C 323 27.16 38.43 18.87
N ASN C 324 28.19 39.20 19.20
CA ASN C 324 28.11 40.31 20.18
C ASN C 324 27.51 39.86 21.52
N MET C 392 8.71 44.53 -2.77
CA MET C 392 7.36 44.99 -3.09
C MET C 392 6.47 44.96 -1.85
N LYS C 393 6.56 43.87 -1.08
CA LYS C 393 5.76 43.71 0.13
C LYS C 393 6.44 44.29 1.37
N ASP C 394 7.46 45.13 1.18
CA ASP C 394 8.11 45.80 2.31
C ASP C 394 7.21 46.87 2.92
N LYS C 395 6.26 47.40 2.14
CA LYS C 395 5.41 48.47 2.65
C LYS C 395 4.49 47.99 3.78
N PHE C 396 4.06 46.72 3.74
CA PHE C 396 3.20 46.21 4.80
C PHE C 396 3.90 46.13 6.15
N LEU C 397 5.24 46.14 6.15
CA LEU C 397 6.02 46.16 7.39
C LEU C 397 6.27 47.58 7.89
N LYS C 398 6.36 48.54 6.96
CA LYS C 398 6.67 49.92 7.33
C LYS C 398 5.55 50.59 8.11
N HIS C 399 4.32 50.05 8.04
CA HIS C 399 3.24 50.56 8.86
C HIS C 399 3.51 50.32 10.35
N LEU C 400 4.29 49.29 10.66
CA LEU C 400 4.61 48.94 12.03
C LEU C 400 5.99 49.42 12.45
N THR C 401 6.94 49.49 11.52
CA THR C 401 8.28 49.93 11.87
C THR C 401 8.33 51.38 12.33
N GLY C 402 7.36 52.19 11.93
CA GLY C 402 7.33 53.59 12.30
C GLY C 402 7.24 53.82 13.80
N PRO C 403 6.08 53.48 14.40
CA PRO C 403 5.92 53.75 15.83
C PRO C 403 6.88 52.97 16.70
N LEU C 404 7.09 51.69 16.40
CA LEU C 404 7.91 50.84 17.27
C LEU C 404 9.31 51.40 17.46
N TYR C 405 9.80 52.20 16.52
CA TYR C 405 11.20 52.61 16.55
C TYR C 405 11.50 53.49 17.77
N PHE C 406 10.77 54.58 17.94
CA PHE C 406 11.08 55.52 19.02
C PHE C 406 9.95 55.69 20.01
N SER C 407 8.93 54.84 19.99
CA SER C 407 7.82 55.06 20.91
C SER C 407 8.10 54.46 22.29
N PRO C 408 8.45 53.16 22.40
CA PRO C 408 8.47 52.55 23.74
C PRO C 408 9.86 52.40 24.32
N LYS C 409 9.95 51.59 25.39
CA LYS C 409 11.22 51.18 25.96
C LYS C 409 11.78 49.92 25.29
N CYS C 410 10.95 49.21 24.53
CA CYS C 410 11.37 48.06 23.73
C CYS C 410 11.75 48.44 22.30
N SER C 411 12.55 49.49 22.13
CA SER C 411 13.03 49.85 20.80
C SER C 411 14.11 48.87 20.32
N LYS C 412 15.02 48.50 21.23
CA LYS C 412 16.06 47.53 20.91
C LYS C 412 15.46 46.18 20.55
N HIS C 413 14.34 45.81 21.18
CA HIS C 413 13.68 44.55 20.87
C HIS C 413 13.29 44.53 19.39
N PHE C 414 12.68 45.60 18.90
CA PHE C 414 12.30 45.69 17.49
C PHE C 414 13.54 45.65 16.60
N HIS C 415 14.62 46.35 16.97
CA HIS C 415 15.79 46.36 16.10
C HIS C 415 16.40 44.96 15.95
N ARG C 416 16.59 44.26 17.07
CA ARG C 416 17.18 42.93 16.98
C ARG C 416 16.25 41.93 16.31
N LEU C 417 14.94 42.10 16.47
CA LEU C 417 13.95 41.27 15.77
C LEU C 417 13.94 41.52 14.26
N TYR C 418 14.19 42.76 13.82
CA TYR C 418 14.16 43.10 12.41
C TYR C 418 15.47 42.78 11.70
N HIS C 419 16.59 42.73 12.44
CA HIS C 419 17.88 42.49 11.80
C HIS C 419 18.47 41.11 12.06
N ASN C 420 18.01 40.37 13.07
CA ASN C 420 18.63 39.10 13.40
C ASN C 420 17.75 37.87 13.19
N THR C 421 16.43 38.02 13.14
CA THR C 421 15.54 36.88 12.96
C THR C 421 15.55 36.42 11.50
N ARG C 422 15.50 35.10 11.29
CA ARG C 422 15.39 34.58 9.94
C ARG C 422 14.01 34.80 9.33
N ASP C 423 13.03 35.23 10.14
CA ASP C 423 11.74 35.62 9.59
C ASP C 423 11.86 36.94 8.82
N CYS C 424 12.65 37.86 9.35
CA CYS C 424 12.77 39.19 8.76
C CYS C 424 13.96 39.33 7.82
N THR C 425 14.95 38.44 7.91
CA THR C 425 16.11 38.53 7.02
C THR C 425 15.89 37.80 5.70
N ILE C 426 15.14 36.71 5.72
CA ILE C 426 14.79 36.01 4.48
C ILE C 426 13.56 36.66 3.87
N PRO C 427 13.65 37.18 2.64
CA PRO C 427 12.51 37.89 2.06
C PRO C 427 11.28 37.03 1.84
N ALA C 428 11.42 35.70 1.78
CA ALA C 428 10.25 34.87 1.56
C ALA C 428 9.34 34.83 2.79
N TYR C 429 9.91 34.92 3.99
CA TYR C 429 9.14 34.84 5.23
C TYR C 429 8.61 36.20 5.69
N TYR C 430 8.41 37.11 4.74
CA TYR C 430 7.94 38.45 5.09
C TYR C 430 6.65 38.43 5.90
N LYS C 431 5.68 37.60 5.51
CA LYS C 431 4.45 37.47 6.29
C LYS C 431 4.76 37.16 7.74
N ARG C 432 5.66 36.20 8.00
CA ARG C 432 6.02 35.91 9.37
C ARG C 432 6.56 37.15 10.06
N CYS C 433 7.45 37.88 9.40
CA CYS C 433 7.97 39.09 10.00
C CYS C 433 6.84 40.09 10.27
N ALA C 434 5.85 40.18 9.36
CA ALA C 434 4.72 41.06 9.60
C ALA C 434 3.95 40.66 10.87
N ARG C 435 3.81 39.35 11.12
CA ARG C 435 3.14 38.94 12.36
C ARG C 435 3.99 39.22 13.58
N LEU C 436 5.32 39.29 13.41
CA LEU C 436 6.19 39.57 14.54
C LEU C 436 5.95 40.99 15.04
N LEU C 437 6.21 41.98 14.17
CA LEU C 437 6.03 43.38 14.53
C LEU C 437 4.64 43.66 15.09
N THR C 438 3.59 43.23 14.38
CA THR C 438 2.23 43.36 14.91
C THR C 438 2.16 42.87 16.35
N ARG C 439 2.59 41.64 16.62
CA ARG C 439 2.49 41.13 17.97
C ARG C 439 3.40 41.85 18.96
N LEU C 440 4.47 42.50 18.49
CA LEU C 440 5.28 43.27 19.43
C LEU C 440 4.52 44.49 19.92
N ALA C 441 3.59 45.03 19.11
CA ALA C 441 2.91 46.26 19.51
C ALA C 441 1.79 45.99 20.51
N VAL C 442 1.06 44.88 20.34
CA VAL C 442 -0.04 44.54 21.23
C VAL C 442 0.46 43.97 22.56
N SER C 443 1.72 43.56 22.64
CA SER C 443 2.18 42.84 23.83
C SER C 443 2.25 43.78 25.03
N PRO C 444 1.88 43.32 26.22
CA PRO C 444 1.92 44.19 27.41
C PRO C 444 3.32 44.52 27.88
N VAL C 445 4.37 43.88 27.34
CA VAL C 445 5.72 44.25 27.72
C VAL C 445 6.12 45.58 27.09
N CYS C 446 5.40 46.02 26.06
CA CYS C 446 5.68 47.31 25.43
C CYS C 446 4.55 48.31 25.65
N THR D 18 -17.46 -28.78 -26.64
CA THR D 18 -16.77 -29.06 -25.39
C THR D 18 -16.92 -27.89 -24.42
N VAL D 19 -18.04 -27.18 -24.51
CA VAL D 19 -18.23 -25.96 -23.74
C VAL D 19 -18.59 -26.31 -22.31
N HIS D 20 -18.04 -25.56 -21.37
CA HIS D 20 -18.29 -25.78 -19.95
C HIS D 20 -17.97 -24.50 -19.20
N TRP D 21 -18.53 -24.38 -18.00
CA TRP D 21 -18.34 -23.21 -17.14
C TRP D 21 -17.70 -23.67 -15.84
N LEU D 22 -16.46 -23.24 -15.60
CA LEU D 22 -15.69 -23.60 -14.42
C LEU D 22 -15.62 -22.39 -13.49
N PHE D 23 -16.25 -22.51 -12.32
CA PHE D 23 -16.29 -21.50 -11.29
C PHE D 23 -15.18 -21.77 -10.28
N THR D 24 -14.33 -20.79 -10.07
CA THR D 24 -13.23 -20.82 -9.13
C THR D 24 -13.55 -19.89 -7.95
N THR D 25 -12.62 -19.82 -6.99
CA THR D 25 -12.74 -18.88 -5.90
C THR D 25 -12.30 -17.47 -6.28
N CYS D 26 -12.15 -17.20 -7.58
CA CYS D 26 -11.87 -15.87 -8.10
C CYS D 26 -10.60 -15.27 -7.52
N GLY D 27 -9.69 -16.11 -7.04
CA GLY D 27 -8.45 -15.66 -6.46
C GLY D 27 -8.52 -15.35 -4.98
N ALA D 28 -9.72 -15.31 -4.40
CA ALA D 28 -9.86 -15.05 -2.98
C ALA D 28 -9.46 -16.28 -2.17
N SER D 29 -9.07 -16.04 -0.93
CA SER D 29 -8.64 -17.11 -0.04
C SER D 29 -8.81 -16.64 1.39
N GLY D 30 -9.39 -17.50 2.23
CA GLY D 30 -9.58 -17.17 3.61
C GLY D 30 -11.02 -17.27 4.03
N PRO D 31 -11.39 -16.55 5.09
CA PRO D 31 -12.77 -16.65 5.60
C PRO D 31 -13.76 -15.76 4.88
N HIS D 32 -13.32 -14.88 3.98
CA HIS D 32 -14.21 -13.96 3.27
C HIS D 32 -14.20 -14.25 1.77
N GLY D 33 -15.39 -14.28 1.18
CA GLY D 33 -15.52 -14.59 -0.24
C GLY D 33 -14.96 -13.50 -1.14
N PRO D 34 -15.09 -13.71 -2.44
CA PRO D 34 -14.56 -12.77 -3.42
C PRO D 34 -15.54 -11.65 -3.75
N THR D 35 -15.06 -10.69 -4.53
CA THR D 35 -15.87 -9.56 -4.99
C THR D 35 -16.00 -9.57 -6.51
N GLN D 36 -16.88 -8.71 -7.01
CA GLN D 36 -17.14 -8.67 -8.45
C GLN D 36 -15.88 -8.34 -9.23
N ALA D 37 -15.03 -7.46 -8.70
CA ALA D 37 -13.81 -7.13 -9.42
C ALA D 37 -12.87 -8.32 -9.45
N GLN D 38 -12.83 -9.08 -8.34
CA GLN D 38 -11.99 -10.28 -8.29
C GLN D 38 -12.44 -11.33 -9.31
N CYS D 39 -13.75 -11.57 -9.40
CA CYS D 39 -14.27 -12.54 -10.34
C CYS D 39 -14.19 -12.06 -11.79
N ASN D 40 -14.39 -10.76 -12.01
CA ASN D 40 -14.20 -10.20 -13.35
C ASN D 40 -12.76 -10.40 -13.79
N ASN D 41 -11.80 -10.18 -12.88
CA ASN D 41 -10.41 -10.46 -13.22
C ASN D 41 -10.18 -11.94 -13.43
N ALA D 42 -10.94 -12.78 -12.72
CA ALA D 42 -10.70 -14.22 -12.79
C ALA D 42 -11.32 -14.86 -14.02
N TYR D 43 -12.40 -14.28 -14.55
CA TYR D 43 -13.10 -14.86 -15.70
C TYR D 43 -13.07 -13.96 -16.93
N GLN D 44 -12.04 -13.14 -17.11
CA GLN D 44 -12.17 -12.07 -18.08
C GLN D 44 -12.10 -12.58 -19.51
N ASN D 45 -11.17 -13.48 -19.80
CA ASN D 45 -11.02 -13.98 -21.17
C ASN D 45 -11.74 -15.31 -21.38
N SER D 46 -12.89 -15.49 -20.74
CA SER D 46 -13.71 -16.68 -20.91
C SER D 46 -15.15 -16.27 -21.20
N ASN D 47 -15.99 -17.26 -21.43
CA ASN D 47 -17.41 -17.03 -21.64
C ASN D 47 -18.19 -17.28 -20.36
N LEU D 48 -17.73 -16.68 -19.28
CA LEU D 48 -18.34 -16.80 -17.96
C LEU D 48 -18.45 -15.43 -17.31
N SER D 49 -19.65 -15.09 -16.87
CA SER D 49 -19.91 -13.81 -16.23
C SER D 49 -20.91 -14.06 -15.10
N VAL D 50 -20.52 -13.67 -13.89
CA VAL D 50 -21.34 -13.91 -12.70
C VAL D 50 -21.52 -12.60 -11.95
N GLU D 51 -22.58 -12.56 -11.14
CA GLU D 51 -22.89 -11.43 -10.28
C GLU D 51 -22.54 -11.81 -8.84
N VAL D 52 -21.62 -11.07 -8.23
CA VAL D 52 -21.19 -11.31 -6.86
C VAL D 52 -21.70 -10.17 -5.99
N GLY D 53 -22.44 -10.52 -4.94
CA GLY D 53 -22.99 -9.50 -4.07
C GLY D 53 -21.95 -8.86 -3.18
N SER D 54 -22.34 -7.71 -2.64
CA SER D 54 -21.64 -7.04 -1.56
C SER D 54 -22.44 -7.03 -0.28
N GLU D 55 -23.73 -7.37 -0.36
CA GLU D 55 -24.68 -7.42 0.75
C GLU D 55 -24.26 -8.40 1.84
N GLY D 56 -25.02 -8.46 2.92
CA GLY D 56 -24.68 -9.30 4.04
C GLY D 56 -24.79 -10.79 3.75
N PRO D 57 -26.02 -11.27 3.53
CA PRO D 57 -26.21 -12.72 3.40
C PRO D 57 -25.53 -13.34 2.19
N LEU D 58 -25.28 -12.57 1.12
CA LEU D 58 -24.65 -13.07 -0.09
C LEU D 58 -23.46 -12.18 -0.43
N LYS D 59 -22.40 -12.26 0.38
CA LYS D 59 -21.24 -11.40 0.15
C LYS D 59 -20.20 -12.02 -0.77
N GLY D 60 -20.28 -13.32 -1.05
CA GLY D 60 -19.33 -13.91 -1.96
C GLY D 60 -19.92 -14.98 -2.84
N ILE D 61 -21.24 -15.03 -2.91
CA ILE D 61 -21.92 -16.00 -3.75
C ILE D 61 -22.06 -15.43 -5.15
N GLN D 62 -21.60 -16.19 -6.15
CA GLN D 62 -21.68 -15.81 -7.55
C GLN D 62 -23.01 -16.26 -8.14
N ILE D 63 -23.69 -15.36 -8.86
CA ILE D 63 -24.97 -15.68 -9.50
C ILE D 63 -24.75 -15.83 -11.00
N TRP D 64 -25.06 -17.01 -11.53
CA TRP D 64 -24.86 -17.38 -12.91
C TRP D 64 -26.20 -17.65 -13.57
N LYS D 65 -26.44 -17.04 -14.73
CA LYS D 65 -27.70 -17.21 -15.43
C LYS D 65 -27.58 -18.38 -16.40
N VAL D 66 -28.48 -19.35 -16.29
CA VAL D 66 -28.43 -20.53 -17.16
C VAL D 66 -28.70 -20.08 -18.59
N PRO D 67 -27.83 -20.41 -19.55
CA PRO D 67 -28.03 -19.91 -20.92
C PRO D 67 -29.09 -20.64 -21.73
N ALA D 68 -29.45 -21.88 -21.38
CA ALA D 68 -30.40 -22.65 -22.18
C ALA D 68 -31.16 -23.64 -21.32
N THR D 69 -32.37 -24.00 -21.75
CA THR D 69 -33.14 -25.06 -21.09
C THR D 69 -32.57 -26.40 -21.53
N ASP D 70 -31.83 -27.05 -20.64
CA ASP D 70 -31.15 -28.29 -20.96
C ASP D 70 -30.95 -29.09 -19.68
N THR D 71 -30.43 -30.31 -19.85
CA THR D 71 -30.01 -31.13 -18.73
C THR D 71 -28.51 -30.93 -18.54
N TYR D 72 -28.13 -30.37 -17.39
CA TYR D 72 -26.75 -30.02 -17.09
C TYR D 72 -26.19 -31.00 -16.05
N SER D 73 -24.88 -31.13 -16.05
CA SER D 73 -24.16 -31.90 -15.04
C SER D 73 -23.32 -30.91 -14.26
N ILE D 74 -23.64 -30.81 -12.96
CA ILE D 74 -22.95 -29.92 -12.04
C ILE D 74 -22.04 -30.80 -11.17
N SER D 75 -20.75 -30.54 -11.27
CA SER D 75 -19.73 -31.21 -10.46
C SER D 75 -19.30 -30.21 -9.41
N GLY D 76 -19.61 -30.48 -8.15
CA GLY D 76 -19.17 -29.65 -7.05
C GLY D 76 -18.00 -30.26 -6.31
N TYR D 77 -17.14 -29.40 -5.77
CA TYR D 77 -15.91 -29.80 -5.10
C TYR D 77 -15.72 -28.90 -3.88
N GLY D 78 -15.92 -29.47 -2.68
CA GLY D 78 -15.60 -28.76 -1.46
C GLY D 78 -14.10 -28.57 -1.27
N ALA D 79 -13.76 -27.77 -0.27
CA ALA D 79 -12.38 -27.34 -0.05
C ALA D 79 -11.71 -28.19 1.03
N ALA D 80 -10.39 -28.15 1.02
CA ALA D 80 -9.58 -28.93 1.94
C ALA D 80 -9.41 -28.19 3.27
N GLY D 81 -9.01 -28.93 4.30
CA GLY D 81 -8.75 -28.38 5.61
C GLY D 81 -7.32 -27.90 5.76
N GLY D 82 -6.99 -27.52 6.99
CA GLY D 82 -5.68 -26.99 7.30
C GLY D 82 -4.73 -28.04 7.88
N LYS D 83 -3.46 -27.65 7.95
CA LYS D 83 -2.41 -28.51 8.46
C LYS D 83 -2.03 -28.08 9.88
N GLY D 84 -1.45 -29.01 10.62
CA GLY D 84 -1.06 -28.79 12.00
C GLY D 84 0.35 -28.25 12.16
N GLY D 85 0.92 -28.50 13.33
CA GLY D 85 2.25 -28.00 13.61
C GLY D 85 3.32 -28.66 12.76
N LYS D 86 3.35 -29.99 12.74
CA LYS D 86 4.23 -30.72 11.85
C LYS D 86 3.54 -30.96 10.51
N ASN D 87 4.31 -30.90 9.43
CA ASN D 87 3.77 -31.07 8.08
C ASN D 87 3.88 -32.50 7.59
N THR D 88 4.15 -33.46 8.47
CA THR D 88 4.09 -34.88 8.13
C THR D 88 2.66 -35.39 8.35
N MET D 89 1.73 -34.72 7.69
CA MET D 89 0.31 -35.06 7.78
C MET D 89 -0.39 -34.55 6.53
N MET D 90 -1.32 -35.35 6.02
CA MET D 90 -2.08 -35.02 4.83
C MET D 90 -3.37 -34.30 5.25
N ARG D 91 -3.65 -33.15 4.63
CA ARG D 91 -4.83 -32.37 5.02
C ARG D 91 -6.10 -32.96 4.44
N SER D 92 -7.16 -32.94 5.25
CA SER D 92 -8.42 -33.61 4.89
C SER D 92 -8.99 -33.03 3.61
N HIS D 93 -9.13 -33.88 2.59
CA HIS D 93 -9.50 -33.38 1.28
C HIS D 93 -10.98 -33.04 1.19
N GLY D 94 -11.30 -32.05 0.36
CA GLY D 94 -12.68 -31.63 0.16
C GLY D 94 -13.46 -32.62 -0.69
N VAL D 95 -14.66 -32.97 -0.19
CA VAL D 95 -15.60 -33.91 -0.82
C VAL D 95 -16.11 -33.35 -2.14
N SER D 96 -16.39 -34.25 -3.08
CA SER D 96 -16.90 -33.85 -4.40
C SER D 96 -18.21 -34.58 -4.68
N VAL D 97 -19.24 -33.81 -5.02
CA VAL D 97 -20.56 -34.36 -5.35
C VAL D 97 -20.86 -34.07 -6.81
N LEU D 98 -21.27 -35.09 -7.55
CA LEU D 98 -21.55 -34.94 -8.98
C LEU D 98 -23.02 -35.27 -9.22
N GLY D 99 -23.73 -34.37 -9.90
CA GLY D 99 -25.13 -34.64 -10.15
C GLY D 99 -25.59 -34.11 -11.50
N ILE D 100 -26.69 -34.66 -11.98
CA ILE D 100 -27.34 -34.22 -13.21
C ILE D 100 -28.68 -33.58 -12.85
N PHE D 101 -28.92 -32.38 -13.37
CA PHE D 101 -30.10 -31.59 -13.06
C PHE D 101 -30.75 -31.07 -14.35
N ASN D 102 -32.08 -30.94 -14.33
CA ASN D 102 -32.80 -30.30 -15.41
C ASN D 102 -32.97 -28.82 -15.09
N LEU D 103 -32.49 -27.94 -15.97
CA LEU D 103 -32.52 -26.52 -15.71
C LEU D 103 -33.10 -25.79 -16.92
N GLU D 104 -33.79 -24.69 -16.65
CA GLU D 104 -34.43 -23.88 -17.69
C GLU D 104 -33.59 -22.67 -18.04
N LYS D 105 -33.93 -22.05 -19.16
CA LYS D 105 -33.24 -20.84 -19.59
C LYS D 105 -33.65 -19.68 -18.69
N ASP D 106 -32.74 -18.72 -18.54
CA ASP D 106 -32.85 -17.54 -17.69
C ASP D 106 -32.88 -17.87 -16.19
N ASP D 107 -32.70 -19.12 -15.80
CA ASP D 107 -32.67 -19.48 -14.39
C ASP D 107 -31.39 -18.97 -13.75
N MET D 108 -31.50 -18.50 -12.50
CA MET D 108 -30.37 -17.99 -11.75
C MET D 108 -29.86 -19.07 -10.81
N LEU D 109 -28.54 -19.29 -10.83
CA LEU D 109 -27.89 -20.28 -9.98
C LEU D 109 -26.94 -19.55 -9.04
N TYR D 110 -26.95 -19.94 -7.78
CA TYR D 110 -26.16 -19.31 -6.74
C TYR D 110 -25.06 -20.29 -6.39
N ILE D 111 -23.83 -19.98 -6.80
CA ILE D 111 -22.66 -20.82 -6.60
C ILE D 111 -21.78 -20.15 -5.55
N LEU D 112 -21.48 -20.89 -4.49
CA LEU D 112 -20.48 -20.49 -3.50
C LEU D 112 -19.32 -21.47 -3.62
N VAL D 113 -18.20 -20.99 -4.15
CA VAL D 113 -16.99 -21.80 -4.25
C VAL D 113 -16.30 -21.77 -2.89
N GLY D 114 -16.20 -22.93 -2.26
CA GLY D 114 -15.68 -22.99 -0.89
C GLY D 114 -14.18 -22.76 -0.86
N GLN D 115 -13.74 -22.01 0.14
CA GLN D 115 -12.33 -21.68 0.30
C GLN D 115 -11.68 -22.59 1.34
N GLN D 116 -10.36 -22.71 1.22
CA GLN D 116 -9.57 -23.65 2.01
C GLN D 116 -9.32 -23.13 3.41
N GLY D 117 -9.22 -24.05 4.36
CA GLY D 117 -8.96 -23.68 5.73
C GLY D 117 -7.49 -23.33 5.97
N GLU D 118 -7.27 -22.37 6.85
CA GLU D 118 -5.92 -21.88 7.08
C GLU D 118 -5.03 -23.00 7.61
N ASP D 119 -3.77 -23.02 7.17
CA ASP D 119 -2.77 -23.92 7.70
C ASP D 119 -2.06 -23.25 8.87
N ALA D 120 -1.57 -24.07 9.80
CA ALA D 120 -0.83 -23.51 10.93
C ALA D 120 0.55 -23.08 10.50
N CYS D 121 1.18 -23.85 9.60
CA CYS D 121 2.52 -23.57 9.12
C CYS D 121 2.52 -23.45 7.59
N PRO D 122 3.36 -22.59 7.03
CA PRO D 122 4.30 -21.70 7.72
C PRO D 122 3.65 -20.38 8.17
N SER D 123 4.21 -19.75 9.19
CA SER D 123 3.67 -18.53 9.76
C SER D 123 4.61 -17.37 9.54
N THR D 124 4.04 -16.19 9.32
CA THR D 124 4.84 -14.99 9.14
C THR D 124 5.49 -14.55 10.45
N ASN D 125 4.86 -14.89 11.58
CA ASN D 125 5.39 -14.62 12.91
C ASN D 125 6.53 -15.59 13.20
N GLN D 126 7.73 -15.07 13.41
CA GLN D 126 8.89 -15.94 13.57
C GLN D 126 8.84 -16.76 14.88
N LEU D 127 8.12 -16.28 15.89
CA LEU D 127 7.99 -17.05 17.13
C LEU D 127 7.14 -18.28 16.91
N ILE D 128 6.05 -18.17 16.14
CA ILE D 128 5.24 -19.33 15.78
C ILE D 128 5.97 -20.18 14.74
N GLN D 129 6.76 -19.53 13.87
CA GLN D 129 7.59 -20.28 12.94
C GLN D 129 8.57 -21.19 13.69
N LYS D 130 9.05 -20.77 14.86
CA LYS D 130 9.94 -21.62 15.64
C LYS D 130 9.25 -22.89 16.10
N VAL D 131 7.95 -22.84 16.41
CA VAL D 131 7.20 -24.05 16.70
C VAL D 131 7.01 -24.88 15.44
N CYS D 132 6.91 -24.23 14.27
CA CYS D 132 6.73 -24.98 13.04
C CYS D 132 7.95 -25.82 12.69
N ILE D 133 9.16 -25.23 12.82
CA ILE D 133 10.39 -25.95 12.50
C ILE D 133 10.89 -26.81 13.65
N GLY D 134 10.18 -26.84 14.78
CA GLY D 134 10.54 -27.70 15.90
C GLY D 134 11.39 -27.06 16.97
N GLU D 135 12.04 -25.93 16.70
CA GLU D 135 12.92 -25.25 17.66
C GLU D 135 12.17 -24.67 18.90
N ASN D 136 10.88 -24.98 19.02
CA ASN D 136 10.05 -24.53 20.13
C ASN D 136 9.17 -25.69 20.54
N ASN D 137 9.20 -26.05 21.81
CA ASN D 137 8.46 -27.20 22.32
C ASN D 137 7.67 -26.81 23.57
N VAL D 138 6.97 -25.68 23.50
CA VAL D 138 6.16 -25.25 24.64
C VAL D 138 4.91 -26.11 24.75
N ILE D 139 4.32 -26.50 23.62
CA ILE D 139 3.14 -27.36 23.66
C ILE D 139 3.53 -28.79 24.03
N GLU D 140 4.71 -29.24 23.61
CA GLU D 140 5.16 -30.56 23.99
C GLU D 140 5.35 -30.67 25.51
N GLU D 141 5.94 -29.64 26.12
CA GLU D 141 6.10 -29.61 27.56
C GLU D 141 4.75 -29.44 28.25
N GLU D 142 3.84 -28.64 27.69
CA GLU D 142 2.53 -28.49 28.32
C GLU D 142 1.72 -29.77 28.26
N ILE D 143 1.89 -30.58 27.21
CA ILE D 143 1.21 -31.88 27.17
C ILE D 143 1.95 -32.92 27.99
N ARG D 144 3.22 -32.66 28.34
CA ARG D 144 3.94 -33.55 29.27
C ARG D 144 3.56 -33.28 30.73
N VAL D 145 3.88 -32.08 31.23
CA VAL D 145 3.62 -31.74 32.63
C VAL D 145 2.12 -31.73 32.92
N ASN D 146 1.36 -30.95 32.16
CA ASN D 146 -0.09 -30.95 32.29
C ASN D 146 -0.70 -31.99 31.35
N ARG D 147 -1.93 -32.39 31.65
CA ARG D 147 -2.59 -33.44 30.86
C ARG D 147 -3.18 -32.93 29.56
N SER D 148 -3.35 -31.62 29.41
CA SER D 148 -3.92 -31.05 28.20
C SER D 148 -3.46 -29.61 28.07
N VAL D 149 -3.52 -29.10 26.84
CA VAL D 149 -3.02 -27.75 26.54
C VAL D 149 -4.08 -26.72 26.93
N HIS D 150 -3.61 -25.60 27.48
CA HIS D 150 -4.50 -24.53 27.90
C HIS D 150 -3.92 -23.16 27.55
N GLU D 151 -2.64 -22.95 27.89
CA GLU D 151 -2.04 -21.63 27.67
C GLU D 151 -1.60 -21.44 26.23
N TRP D 152 -0.84 -22.39 25.68
CA TRP D 152 -0.31 -22.24 24.33
C TRP D 152 -1.23 -22.93 23.31
N ALA D 153 -2.45 -22.44 23.24
CA ALA D 153 -3.41 -22.97 22.27
C ALA D 153 -3.04 -22.51 20.85
N GLY D 154 -3.51 -23.27 19.87
CA GLY D 154 -3.21 -22.98 18.49
C GLY D 154 -2.54 -24.13 17.80
N GLY D 155 -2.53 -24.12 16.46
CA GLY D 155 -1.87 -25.13 15.66
C GLY D 155 -2.81 -25.97 14.85
N GLY D 156 -4.04 -26.19 15.31
CA GLY D 156 -4.98 -27.03 14.59
C GLY D 156 -5.54 -26.28 13.41
N GLY D 157 -5.40 -26.85 12.21
CA GLY D 157 -5.82 -26.17 11.01
C GLY D 157 -7.31 -25.87 10.99
N GLY D 158 -7.67 -24.81 10.27
CA GLY D 158 -9.06 -24.44 10.14
C GLY D 158 -9.81 -25.33 9.16
N GLY D 159 -11.12 -25.41 9.38
CA GLY D 159 -11.93 -26.28 8.55
C GLY D 159 -12.12 -25.73 7.16
N GLY D 160 -12.22 -26.64 6.19
CA GLY D 160 -12.42 -26.23 4.82
C GLY D 160 -13.87 -25.85 4.56
N GLY D 161 -14.05 -24.84 3.70
CA GLY D 161 -15.38 -24.38 3.37
C GLY D 161 -16.04 -25.28 2.33
N ALA D 162 -17.31 -25.59 2.57
CA ALA D 162 -18.07 -26.35 1.60
C ALA D 162 -18.44 -25.47 0.40
N THR D 163 -18.80 -26.14 -0.69
CA THR D 163 -19.21 -25.51 -1.94
C THR D 163 -20.69 -25.74 -2.16
N TYR D 164 -21.43 -24.66 -2.39
CA TYR D 164 -22.89 -24.72 -2.48
C TYR D 164 -23.35 -24.30 -3.88
N VAL D 165 -24.34 -25.01 -4.40
CA VAL D 165 -25.02 -24.69 -5.66
C VAL D 165 -26.51 -24.77 -5.38
N PHE D 166 -27.18 -23.60 -5.37
CA PHE D 166 -28.57 -23.50 -4.95
C PHE D 166 -29.32 -22.47 -5.78
N LYS D 167 -30.63 -22.40 -5.55
CA LYS D 167 -31.51 -21.51 -6.30
C LYS D 167 -32.51 -20.88 -5.34
N MET D 168 -33.42 -20.08 -5.89
CA MET D 168 -34.42 -19.39 -5.09
C MET D 168 -35.81 -19.70 -5.61
N LYS D 169 -36.74 -19.94 -4.68
CA LYS D 169 -38.13 -20.24 -4.99
C LYS D 169 -39.01 -19.40 -4.08
N ASP D 170 -39.67 -18.40 -4.66
CA ASP D 170 -40.50 -17.45 -3.91
C ASP D 170 -39.69 -16.72 -2.83
N GLY D 171 -38.39 -16.55 -3.06
CA GLY D 171 -37.54 -15.81 -2.16
C GLY D 171 -36.80 -16.65 -1.15
N VAL D 172 -37.16 -17.92 -0.98
CA VAL D 172 -36.46 -18.78 -0.03
C VAL D 172 -35.48 -19.69 -0.79
N PRO D 173 -34.27 -19.87 -0.30
CA PRO D 173 -33.28 -20.67 -1.04
C PRO D 173 -33.57 -22.17 -0.97
N VAL D 174 -33.29 -22.84 -2.08
CA VAL D 174 -33.49 -24.28 -2.22
C VAL D 174 -32.16 -24.89 -2.62
N PRO D 175 -31.67 -25.93 -1.95
CA PRO D 175 -30.37 -26.51 -2.29
C PRO D 175 -30.45 -27.52 -3.40
N LEU D 176 -29.34 -27.63 -4.14
CA LEU D 176 -29.24 -28.61 -5.21
C LEU D 176 -28.00 -29.48 -5.02
N ILE D 177 -26.83 -28.85 -4.91
CA ILE D 177 -25.57 -29.57 -4.72
C ILE D 177 -24.79 -28.89 -3.61
N ILE D 178 -24.34 -29.63 -2.63
CA ILE D 178 -23.47 -29.10 -1.59
C ILE D 178 -22.33 -30.09 -1.39
N ALA D 179 -21.16 -29.77 -1.95
CA ALA D 179 -19.96 -30.57 -1.79
C ALA D 179 -19.25 -30.13 -0.52
N ALA D 180 -19.24 -31.00 0.48
CA ALA D 180 -18.78 -30.59 1.80
C ALA D 180 -17.27 -30.37 1.82
N GLY D 181 -16.83 -29.49 2.71
CA GLY D 181 -15.43 -29.23 2.92
C GLY D 181 -14.85 -30.11 4.01
N GLY D 182 -13.53 -30.31 3.94
CA GLY D 182 -12.87 -31.19 4.89
C GLY D 182 -12.44 -30.44 6.14
N GLY D 183 -12.58 -31.11 7.28
CA GLY D 183 -12.23 -30.50 8.55
C GLY D 183 -10.73 -30.47 8.77
N GLY D 184 -10.26 -29.35 9.34
CA GLY D 184 -8.84 -29.12 9.46
C GLY D 184 -8.17 -30.06 10.44
N ARG D 185 -6.88 -30.32 10.20
CA ARG D 185 -6.12 -31.24 11.02
C ARG D 185 -5.57 -30.53 12.25
N ALA D 186 -5.63 -31.21 13.38
CA ALA D 186 -5.19 -30.63 14.64
C ALA D 186 -3.66 -30.51 14.68
N TYR D 187 -3.16 -29.90 15.75
CA TYR D 187 -1.73 -29.62 15.88
C TYR D 187 -0.90 -30.89 15.85
N GLY D 188 -1.20 -31.84 16.74
CA GLY D 188 -0.39 -33.03 16.83
C GLY D 188 -1.03 -34.28 16.26
N ALA D 189 -1.64 -34.17 15.08
CA ALA D 189 -2.24 -35.32 14.44
C ALA D 189 -1.15 -36.23 13.89
N LYS D 190 -1.20 -37.51 14.27
CA LYS D 190 -0.24 -38.51 13.80
C LYS D 190 -0.91 -39.72 13.17
N THR D 191 -2.00 -40.22 13.74
CA THR D 191 -2.71 -41.35 13.17
C THR D 191 -3.70 -40.88 12.10
N ASP D 192 -4.12 -41.83 11.26
CA ASP D 192 -5.04 -41.55 10.17
C ASP D 192 -6.37 -42.22 10.45
N THR D 193 -7.44 -41.42 10.49
CA THR D 193 -8.76 -41.90 10.85
C THR D 193 -9.47 -42.47 9.63
N PHE D 194 -10.11 -43.63 9.82
CA PHE D 194 -10.84 -44.30 8.74
C PHE D 194 -12.28 -43.77 8.72
N HIS D 195 -12.45 -42.59 8.11
CA HIS D 195 -13.76 -41.95 8.04
C HIS D 195 -14.26 -41.89 6.60
N PRO D 196 -15.51 -42.27 6.34
CA PRO D 196 -16.05 -42.16 4.98
C PRO D 196 -16.73 -40.81 4.74
N GLU D 197 -17.53 -40.72 3.70
CA GLU D 197 -18.19 -39.48 3.32
C GLU D 197 -19.70 -39.59 3.56
N ARG D 198 -20.26 -38.61 4.24
CA ARG D 198 -21.69 -38.55 4.49
C ARG D 198 -22.37 -37.76 3.39
N LEU D 199 -23.48 -38.28 2.86
CA LEU D 199 -24.25 -37.61 1.83
C LEU D 199 -25.73 -37.67 2.17
N GLU D 200 -26.42 -36.54 2.03
CA GLU D 200 -27.83 -36.45 2.36
C GLU D 200 -28.65 -36.19 1.10
N ASN D 201 -29.87 -36.73 1.09
CA ASN D 201 -30.83 -36.44 0.03
C ASN D 201 -32.21 -36.04 0.54
N ASN D 202 -32.52 -36.27 1.82
CA ASN D 202 -33.78 -35.84 2.40
C ASN D 202 -33.70 -34.36 2.80
N SER D 203 -34.60 -33.54 2.24
CA SER D 203 -34.68 -32.15 2.67
C SER D 203 -35.30 -32.01 4.05
N SER D 204 -36.01 -33.05 4.53
CA SER D 204 -36.57 -33.01 5.86
C SER D 204 -35.50 -32.97 6.94
N VAL D 205 -34.33 -33.53 6.66
CA VAL D 205 -33.21 -33.47 7.60
C VAL D 205 -32.67 -32.05 7.63
N LEU D 206 -32.68 -31.44 8.81
CA LEU D 206 -32.32 -30.04 8.91
C LEU D 206 -30.83 -29.84 8.71
N GLY D 207 -30.47 -28.76 8.03
CA GLY D 207 -29.08 -28.45 7.77
C GLY D 207 -28.47 -27.60 8.87
N LEU D 208 -28.02 -28.22 9.94
CA LEU D 208 -27.54 -27.50 11.11
C LEU D 208 -26.01 -27.43 11.13
N ASN D 209 -25.50 -26.63 12.06
CA ASN D 209 -24.06 -26.39 12.18
C ASN D 209 -23.39 -27.63 12.76
N GLY D 210 -22.14 -27.48 13.16
CA GLY D 210 -21.36 -28.55 13.76
C GLY D 210 -21.08 -28.25 15.22
N ASN D 211 -21.08 -29.28 16.05
CA ASN D 211 -20.77 -29.13 17.47
C ASN D 211 -19.42 -28.47 17.64
N SER D 212 -19.41 -27.31 18.29
CA SER D 212 -18.18 -26.53 18.48
C SER D 212 -17.77 -26.51 19.95
N GLY D 213 -16.46 -26.48 20.18
CA GLY D 213 -15.90 -26.36 21.50
C GLY D 213 -14.86 -25.26 21.53
N ALA D 214 -13.58 -25.61 21.69
CA ALA D 214 -12.53 -24.61 21.58
C ALA D 214 -12.38 -24.13 20.15
N ALA D 215 -12.33 -25.07 19.20
CA ALA D 215 -12.38 -24.77 17.78
C ALA D 215 -13.83 -24.77 17.30
N GLY D 216 -14.02 -24.27 16.08
CA GLY D 216 -15.35 -24.04 15.53
C GLY D 216 -15.79 -25.15 14.60
N GLY D 217 -17.04 -25.57 14.76
CA GLY D 217 -17.61 -26.55 13.86
C GLY D 217 -18.10 -25.91 12.58
N GLY D 218 -18.25 -26.75 11.56
CA GLY D 218 -18.64 -26.25 10.26
C GLY D 218 -20.06 -25.70 10.26
N GLY D 219 -20.31 -24.77 9.34
CA GLY D 219 -21.64 -24.21 9.19
C GLY D 219 -22.50 -25.05 8.27
N GLY D 220 -23.81 -25.03 8.55
CA GLY D 220 -24.76 -25.81 7.80
C GLY D 220 -25.48 -25.02 6.73
N TRP D 221 -26.62 -25.53 6.31
CA TRP D 221 -27.40 -24.89 5.25
C TRP D 221 -28.20 -23.71 5.79
N ASN D 222 -28.89 -23.90 6.89
CA ASN D 222 -29.72 -22.86 7.48
C ASN D 222 -29.63 -22.98 9.00
N ASP D 223 -28.93 -22.03 9.63
CA ASP D 223 -28.72 -22.08 11.08
C ASP D 223 -28.31 -20.70 11.56
N ASN D 224 -28.54 -20.46 12.85
CA ASN D 224 -28.16 -19.22 13.53
C ASN D 224 -26.94 -19.48 14.39
N THR D 225 -25.84 -18.80 14.08
CA THR D 225 -24.59 -18.95 14.80
C THR D 225 -24.40 -17.80 15.78
N SER D 226 -23.81 -18.10 16.93
CA SER D 226 -23.56 -17.11 17.98
C SER D 226 -22.10 -17.03 18.40
N LEU D 227 -21.23 -17.87 17.85
CA LEU D 227 -19.82 -17.92 18.25
C LEU D 227 -18.92 -17.42 17.13
N LEU D 228 -17.86 -16.70 17.51
CA LEU D 228 -16.95 -16.12 16.53
C LEU D 228 -16.15 -17.21 15.82
N TRP D 229 -15.59 -18.15 16.58
CA TRP D 229 -14.73 -19.18 16.03
C TRP D 229 -15.49 -20.22 15.21
N ALA D 230 -16.81 -20.27 15.31
CA ALA D 230 -17.62 -21.22 14.55
C ALA D 230 -18.00 -20.62 13.20
N GLY D 231 -17.80 -21.39 12.14
CA GLY D 231 -18.15 -20.90 10.81
C GLY D 231 -19.64 -20.74 10.67
N LYS D 232 -20.04 -19.67 9.99
CA LYS D 232 -21.45 -19.34 9.86
C LYS D 232 -22.13 -20.26 8.85
N SER D 233 -23.45 -20.36 8.96
CA SER D 233 -24.25 -21.15 8.04
C SER D 233 -24.41 -20.42 6.70
N LEU D 234 -24.79 -21.17 5.67
CA LEU D 234 -24.90 -20.58 4.33
C LEU D 234 -25.98 -19.51 4.29
N GLN D 235 -27.18 -19.83 4.77
CA GLN D 235 -28.26 -18.85 4.81
C GLN D 235 -27.99 -17.73 5.81
N GLU D 236 -26.83 -17.76 6.47
CA GLU D 236 -26.41 -16.74 7.42
C GLU D 236 -25.15 -16.00 6.98
N GLY D 237 -24.64 -16.27 5.78
CA GLY D 237 -23.43 -15.64 5.27
C GLY D 237 -22.29 -16.58 4.96
N ALA D 238 -22.26 -17.77 5.58
CA ALA D 238 -21.27 -18.82 5.30
C ALA D 238 -19.83 -18.35 5.55
N THR D 239 -19.65 -17.35 6.40
CA THR D 239 -18.32 -16.83 6.67
C THR D 239 -17.48 -17.84 7.44
N GLY D 240 -16.17 -17.78 7.24
CA GLY D 240 -15.28 -18.68 7.92
C GLY D 240 -15.06 -18.25 9.36
N GLY D 241 -15.01 -19.23 10.26
CA GLY D 241 -14.89 -18.95 11.67
C GLY D 241 -13.55 -18.33 12.05
N HIS D 242 -13.58 -17.62 13.17
CA HIS D 242 -12.39 -17.02 13.74
C HIS D 242 -11.50 -18.09 14.38
N SER D 243 -10.26 -17.70 14.65
CA SER D 243 -9.41 -18.53 15.48
C SER D 243 -9.82 -18.38 16.94
N CYS D 244 -9.59 -19.42 17.73
CA CYS D 244 -9.98 -19.40 19.12
C CYS D 244 -9.22 -18.34 19.90
N PRO D 245 -9.85 -17.74 20.91
CA PRO D 245 -9.28 -16.54 21.54
C PRO D 245 -7.96 -16.75 22.24
N GLN D 246 -7.73 -17.92 22.84
CA GLN D 246 -6.46 -18.15 23.53
C GLN D 246 -5.29 -18.14 22.57
N ALA D 247 -5.48 -18.71 21.37
CA ALA D 247 -4.43 -18.72 20.36
C ALA D 247 -4.11 -17.31 19.89
N MET D 248 -5.13 -16.44 19.77
CA MET D 248 -4.90 -15.06 19.39
C MET D 248 -4.23 -14.28 20.52
N LYS D 249 -4.63 -14.56 21.77
CA LYS D 249 -4.15 -13.82 22.93
C LYS D 249 -2.68 -14.10 23.19
N LYS D 250 -2.31 -15.39 23.26
CA LYS D 250 -0.96 -15.76 23.70
C LYS D 250 0.10 -15.35 22.68
N TRP D 251 0.00 -15.84 21.44
CA TRP D 251 0.96 -15.53 20.40
C TRP D 251 0.36 -15.09 19.07
N GLY D 252 -0.97 -15.07 18.94
CA GLY D 252 -1.58 -14.66 17.69
C GLY D 252 -1.53 -15.71 16.60
N TRP D 253 -1.75 -16.98 16.94
CA TRP D 253 -1.75 -18.08 15.97
C TRP D 253 -3.13 -18.17 15.33
N GLU D 254 -3.31 -17.39 14.27
CA GLU D 254 -4.58 -17.37 13.56
C GLU D 254 -4.65 -18.56 12.62
N THR D 255 -5.72 -19.34 12.76
CA THR D 255 -5.94 -20.46 11.88
C THR D 255 -7.43 -20.52 11.55
N ARG D 256 -7.89 -19.47 10.87
CA ARG D 256 -9.31 -19.30 10.56
C ARG D 256 -9.75 -20.28 9.49
N GLY D 257 -10.96 -20.81 9.65
CA GLY D 257 -11.54 -21.66 8.64
C GLY D 257 -11.85 -20.91 7.36
N GLY D 258 -12.10 -21.69 6.31
CA GLY D 258 -12.33 -21.13 5.00
C GLY D 258 -13.77 -20.73 4.74
N PHE D 259 -13.93 -19.73 3.88
CA PHE D 259 -15.23 -19.24 3.45
C PHE D 259 -16.07 -20.37 2.88
N GLY D 260 -17.22 -20.62 3.50
CA GLY D 260 -18.07 -21.72 3.10
C GLY D 260 -18.50 -22.59 4.27
N GLY D 261 -18.48 -22.01 5.46
CA GLY D 261 -18.86 -22.70 6.66
C GLY D 261 -17.69 -23.17 7.51
N GLY D 262 -16.48 -23.12 6.97
CA GLY D 262 -15.33 -23.71 7.61
C GLY D 262 -15.02 -23.13 8.97
N GLY D 263 -15.17 -23.93 10.02
CA GLY D 263 -14.94 -23.42 11.36
C GLY D 263 -13.47 -23.12 11.63
N GLY D 264 -13.25 -22.16 12.52
CA GLY D 264 -11.89 -21.72 12.79
C GLY D 264 -11.09 -22.70 13.61
N GLY D 265 -9.77 -22.60 13.48
CA GLY D 265 -8.79 -23.49 14.14
C GLY D 265 -8.46 -23.09 15.57
N CYS D 266 -7.76 -24.00 16.26
CA CYS D 266 -7.26 -23.87 17.66
C CYS D 266 -6.25 -24.99 17.87
N SER D 267 -6.03 -25.45 19.11
CA SER D 267 -5.08 -26.58 19.28
C SER D 267 -5.67 -27.76 18.50
N SER D 268 -6.98 -27.95 18.61
CA SER D 268 -7.72 -28.95 17.84
C SER D 268 -8.18 -28.35 16.52
N GLY D 269 -8.28 -29.22 15.51
CA GLY D 269 -8.66 -28.75 14.19
C GLY D 269 -10.12 -28.37 14.12
N GLY D 270 -10.42 -27.42 13.23
CA GLY D 270 -11.77 -26.94 13.07
C GLY D 270 -12.57 -27.79 12.11
N GLY D 271 -13.90 -27.79 12.31
CA GLY D 271 -14.76 -28.62 11.50
C GLY D 271 -15.11 -27.96 10.17
N GLY D 272 -15.19 -28.78 9.13
CA GLY D 272 -15.48 -28.28 7.79
C GLY D 272 -16.98 -28.18 7.52
N GLY D 273 -17.34 -27.23 6.67
CA GLY D 273 -18.73 -26.94 6.39
C GLY D 273 -19.40 -27.96 5.50
N GLY D 274 -20.68 -27.74 5.26
CA GLY D 274 -21.48 -28.64 4.46
C GLY D 274 -22.96 -28.32 4.61
N TYR D 275 -23.79 -29.23 4.12
CA TYR D 275 -25.22 -29.14 4.42
C TYR D 275 -25.46 -29.24 5.90
N ILE D 276 -24.79 -30.18 6.56
CA ILE D 276 -24.65 -30.24 8.02
C ILE D 276 -23.16 -30.14 8.31
N GLY D 277 -22.75 -29.03 8.94
CA GLY D 277 -21.33 -28.80 9.15
C GLY D 277 -20.72 -29.83 10.08
N GLY D 278 -19.42 -30.08 9.88
CA GLY D 278 -18.74 -31.10 10.64
C GLY D 278 -18.35 -30.60 12.04
N ASN D 279 -18.51 -31.48 13.01
CA ASN D 279 -18.29 -31.10 14.41
C ASN D 279 -16.82 -30.93 14.72
N ALA D 280 -16.53 -30.00 15.62
CA ALA D 280 -15.20 -29.84 16.18
C ALA D 280 -15.09 -30.64 17.47
N ALA D 281 -13.91 -30.64 18.07
CA ALA D 281 -13.71 -31.33 19.33
C ALA D 281 -14.43 -30.61 20.46
N SER D 282 -15.07 -31.40 21.34
CA SER D 282 -15.77 -30.83 22.48
C SER D 282 -14.80 -30.05 23.39
N ASN D 283 -13.58 -30.55 23.57
CA ASN D 283 -12.52 -29.89 24.29
C ASN D 283 -11.47 -29.40 23.30
N ASN D 284 -10.23 -29.28 23.77
CA ASN D 284 -9.12 -28.81 22.96
C ASN D 284 -8.05 -29.92 22.95
N ASP D 285 -8.34 -31.00 22.25
CA ASP D 285 -7.44 -32.14 22.16
C ASP D 285 -6.54 -32.01 20.94
N PRO D 286 -5.21 -31.86 21.10
CA PRO D 286 -4.32 -31.65 19.95
C PRO D 286 -4.25 -32.83 18.97
N GLU D 287 -4.87 -33.96 19.26
CA GLU D 287 -4.93 -35.08 18.32
C GLU D 287 -6.29 -35.19 17.62
N MET D 288 -7.27 -34.40 18.04
CA MET D 288 -8.63 -34.50 17.50
C MET D 288 -8.76 -33.62 16.26
N ASP D 289 -8.78 -34.25 15.08
CA ASP D 289 -9.01 -33.53 13.85
C ASP D 289 -10.46 -33.07 13.79
N GLY D 290 -10.69 -32.01 13.03
CA GLY D 290 -12.05 -31.56 12.78
C GLY D 290 -12.75 -32.44 11.75
N GLU D 291 -14.05 -32.61 11.94
CA GLU D 291 -14.84 -33.46 11.06
C GLU D 291 -15.17 -32.75 9.75
N ASP D 292 -15.23 -33.54 8.68
CA ASP D 292 -15.70 -33.06 7.39
C ASP D 292 -17.21 -32.81 7.44
N GLY D 293 -17.68 -32.00 6.50
CA GLY D 293 -19.09 -31.70 6.46
C GLY D 293 -19.91 -32.81 5.85
N VAL D 294 -21.23 -32.64 5.93
CA VAL D 294 -22.17 -33.57 5.31
C VAL D 294 -22.53 -33.03 3.93
N SER D 295 -22.30 -33.83 2.91
CA SER D 295 -22.60 -33.38 1.57
C SER D 295 -24.11 -33.51 1.31
N PHE D 296 -24.57 -32.90 0.22
CA PHE D 296 -26.00 -32.88 -0.07
C PHE D 296 -26.24 -32.93 -1.58
N ILE D 297 -27.30 -33.65 -1.97
CA ILE D 297 -27.83 -33.60 -3.32
C ILE D 297 -29.35 -33.66 -3.22
N SER D 298 -30.03 -32.77 -3.94
CA SER D 298 -31.47 -32.67 -3.81
C SER D 298 -32.13 -33.86 -4.51
N PRO D 299 -33.29 -34.30 -4.02
CA PRO D 299 -33.98 -35.43 -4.69
C PRO D 299 -34.37 -35.11 -6.13
N LEU D 300 -34.37 -33.84 -6.52
CA LEU D 300 -34.67 -33.50 -7.91
C LEU D 300 -33.55 -33.94 -8.85
N GLY D 301 -32.31 -33.95 -8.38
CA GLY D 301 -31.19 -34.35 -9.19
C GLY D 301 -30.93 -35.85 -9.16
N ILE D 302 -29.95 -36.26 -9.95
CA ILE D 302 -29.56 -37.66 -10.08
C ILE D 302 -28.07 -37.76 -9.78
N LEU D 303 -27.70 -38.54 -8.78
CA LEU D 303 -26.31 -38.63 -8.37
C LEU D 303 -25.53 -39.43 -9.41
N TYR D 304 -24.53 -38.79 -10.01
CA TYR D 304 -23.70 -39.44 -11.03
C TYR D 304 -22.67 -40.37 -10.38
N THR D 305 -21.86 -39.82 -9.48
CA THR D 305 -20.86 -40.56 -8.74
C THR D 305 -21.03 -40.25 -7.26
N PRO D 306 -20.63 -41.17 -6.39
CA PRO D 306 -20.79 -40.93 -4.95
C PRO D 306 -19.82 -39.87 -4.44
N ALA D 307 -20.12 -39.40 -3.22
CA ALA D 307 -19.31 -38.36 -2.60
C ALA D 307 -17.91 -38.89 -2.32
N LEU D 308 -16.91 -38.23 -2.91
CA LEU D 308 -15.54 -38.70 -2.81
C LEU D 308 -14.62 -37.51 -2.56
N LYS D 309 -13.65 -37.71 -1.66
CA LYS D 309 -12.72 -36.66 -1.27
C LYS D 309 -11.66 -36.49 -2.34
N VAL D 310 -11.44 -35.25 -2.78
CA VAL D 310 -10.46 -35.03 -3.83
C VAL D 310 -9.65 -33.76 -3.58
N MET D 311 -10.33 -32.65 -3.27
CA MET D 311 -9.63 -31.36 -3.33
C MET D 311 -8.57 -31.21 -2.24
N GLU D 312 -7.36 -30.83 -2.65
CA GLU D 312 -6.24 -30.52 -1.75
C GLU D 312 -6.11 -29.02 -1.49
N GLY D 313 -7.04 -28.20 -1.98
CA GLY D 313 -7.00 -26.77 -1.76
C GLY D 313 -8.39 -26.15 -1.81
N HIS D 314 -8.55 -25.04 -2.54
CA HIS D 314 -9.87 -24.43 -2.68
C HIS D 314 -10.77 -25.32 -3.53
N GLY D 315 -12.07 -25.16 -3.34
CA GLY D 315 -13.05 -25.95 -4.07
C GLY D 315 -13.25 -25.43 -5.47
N GLU D 316 -14.29 -25.96 -6.15
CA GLU D 316 -14.60 -25.50 -7.49
C GLU D 316 -15.94 -26.06 -7.93
N VAL D 317 -16.50 -25.47 -8.97
CA VAL D 317 -17.74 -25.99 -9.56
C VAL D 317 -17.57 -26.05 -11.06
N ASN D 318 -17.98 -27.17 -11.68
CA ASN D 318 -17.92 -27.29 -13.13
C ASN D 318 -19.28 -27.70 -13.65
N ILE D 319 -19.92 -26.82 -14.42
CA ILE D 319 -21.22 -27.10 -15.03
C ILE D 319 -21.04 -27.30 -16.53
N LYS D 320 -21.68 -28.34 -17.06
CA LYS D 320 -21.63 -28.53 -18.51
C LYS D 320 -22.85 -29.30 -18.98
N HIS D 321 -23.12 -29.21 -20.29
CA HIS D 321 -24.27 -29.93 -20.84
C HIS D 321 -24.05 -31.44 -20.75
N TYR D 322 -25.09 -32.16 -20.35
CA TYR D 322 -25.01 -33.61 -20.18
C TYR D 322 -25.25 -34.31 -21.51
N LEU D 323 -24.54 -35.43 -21.71
CA LEU D 323 -24.60 -36.21 -22.94
C LEU D 323 -24.86 -37.68 -22.62
N ASN D 324 -25.19 -38.45 -23.66
CA ASN D 324 -25.39 -39.90 -23.53
C ASN D 324 -24.39 -40.67 -24.41
N LYS D 393 3.15 -41.36 -15.14
CA LYS D 393 1.92 -40.89 -14.49
C LYS D 393 0.71 -41.79 -14.81
N ASP D 394 0.69 -42.34 -16.02
CA ASP D 394 -0.37 -43.30 -16.37
C ASP D 394 -0.17 -44.63 -15.63
N LYS D 395 1.09 -45.00 -15.43
CA LYS D 395 1.42 -46.19 -14.65
C LYS D 395 1.00 -46.02 -13.19
N PHE D 396 0.97 -44.77 -12.69
CA PHE D 396 0.53 -44.52 -11.32
C PHE D 396 -0.95 -44.86 -11.13
N LEU D 397 -1.76 -44.69 -12.18
CA LEU D 397 -3.18 -44.99 -12.12
C LEU D 397 -3.48 -46.45 -12.41
N LYS D 398 -2.61 -47.15 -13.15
CA LYS D 398 -2.88 -48.57 -13.43
C LYS D 398 -3.23 -49.39 -12.18
N HIS D 399 -2.47 -49.20 -11.08
CA HIS D 399 -2.66 -49.96 -9.85
C HIS D 399 -4.06 -49.84 -9.26
N LEU D 400 -4.78 -48.76 -9.58
CA LEU D 400 -6.15 -48.57 -9.13
C LEU D 400 -7.17 -48.89 -10.21
N THR D 401 -6.80 -48.72 -11.48
CA THR D 401 -7.76 -48.96 -12.55
C THR D 401 -8.01 -50.44 -12.77
N GLY D 402 -6.99 -51.29 -12.55
CA GLY D 402 -7.15 -52.73 -12.71
C GLY D 402 -8.35 -53.32 -11.97
N PRO D 403 -8.28 -53.36 -10.64
CA PRO D 403 -9.34 -54.01 -9.85
C PRO D 403 -10.72 -53.41 -10.00
N LEU D 404 -10.83 -52.12 -10.34
CA LEU D 404 -12.13 -51.49 -10.48
C LEU D 404 -12.82 -51.90 -11.78
N TYR D 405 -12.04 -52.14 -12.84
CA TYR D 405 -12.62 -52.55 -14.12
C TYR D 405 -13.50 -53.77 -13.97
N PHE D 406 -13.12 -54.70 -13.10
CA PHE D 406 -13.95 -55.84 -12.76
C PHE D 406 -15.01 -55.42 -11.74
N SER D 407 -16.26 -55.69 -12.05
CA SER D 407 -17.39 -55.01 -11.42
C SER D 407 -17.60 -55.43 -9.98
N PRO D 408 -17.35 -54.56 -9.00
CA PRO D 408 -17.87 -54.80 -7.66
C PRO D 408 -19.12 -53.96 -7.40
N LYS D 409 -20.02 -53.92 -8.39
CA LYS D 409 -21.08 -52.92 -8.47
C LYS D 409 -20.50 -51.51 -8.52
N CYS D 410 -19.28 -51.39 -9.06
CA CYS D 410 -18.63 -50.09 -9.21
C CYS D 410 -17.79 -49.98 -10.49
N SER D 411 -18.11 -50.76 -11.53
CA SER D 411 -17.37 -50.66 -12.78
C SER D 411 -17.84 -49.46 -13.59
N LYS D 412 -19.15 -49.24 -13.63
CA LYS D 412 -19.70 -48.08 -14.32
C LYS D 412 -19.36 -46.79 -13.61
N HIS D 413 -19.36 -46.80 -12.26
CA HIS D 413 -18.93 -45.61 -11.51
C HIS D 413 -17.50 -45.23 -11.90
N PHE D 414 -16.61 -46.22 -11.87
CA PHE D 414 -15.21 -45.99 -12.25
C PHE D 414 -15.11 -45.47 -13.68
N HIS D 415 -15.94 -46.00 -14.59
CA HIS D 415 -15.76 -45.64 -16.00
C HIS D 415 -16.40 -44.30 -16.35
N ARG D 416 -17.48 -43.91 -15.66
CA ARG D 416 -18.07 -42.59 -15.77
C ARG D 416 -17.39 -41.59 -14.86
N LEU D 417 -16.32 -42.01 -14.19
CA LEU D 417 -15.39 -41.08 -13.53
C LEU D 417 -14.06 -40.92 -14.26
N TYR D 418 -13.51 -42.00 -14.82
CA TYR D 418 -12.25 -41.95 -15.54
C TYR D 418 -12.37 -41.26 -16.91
N HIS D 419 -13.57 -41.23 -17.47
CA HIS D 419 -13.83 -40.69 -18.79
C HIS D 419 -14.70 -39.45 -18.76
N ASN D 420 -15.23 -39.06 -17.61
CA ASN D 420 -16.10 -37.89 -17.53
C ASN D 420 -15.55 -36.79 -16.64
N THR D 421 -15.15 -37.10 -15.42
CA THR D 421 -14.60 -36.10 -14.51
C THR D 421 -13.38 -35.42 -15.12
N ARG D 422 -13.33 -34.10 -15.03
CA ARG D 422 -12.16 -33.39 -15.54
C ARG D 422 -10.91 -33.63 -14.70
N ASP D 423 -11.05 -34.26 -13.53
CA ASP D 423 -9.87 -34.67 -12.79
C ASP D 423 -9.13 -35.80 -13.51
N CYS D 424 -9.86 -36.68 -14.17
CA CYS D 424 -9.26 -37.80 -14.88
C CYS D 424 -8.99 -37.53 -16.35
N THR D 425 -9.76 -36.63 -16.98
CA THR D 425 -9.59 -36.33 -18.40
C THR D 425 -8.48 -35.31 -18.64
N ILE D 426 -7.87 -34.78 -17.59
CA ILE D 426 -6.74 -33.87 -17.71
C ILE D 426 -5.52 -34.59 -17.16
N PRO D 427 -4.45 -34.77 -17.94
CA PRO D 427 -3.27 -35.45 -17.39
C PRO D 427 -2.60 -34.68 -16.27
N ALA D 428 -2.59 -33.34 -16.31
CA ALA D 428 -2.00 -32.57 -15.22
C ALA D 428 -2.72 -32.78 -13.90
N TYR D 429 -3.99 -33.19 -13.94
CA TYR D 429 -4.73 -33.53 -12.73
C TYR D 429 -4.67 -35.02 -12.40
N TYR D 430 -3.66 -35.74 -12.91
CA TYR D 430 -3.65 -37.19 -12.66
C TYR D 430 -3.48 -37.54 -11.19
N LYS D 431 -3.05 -36.60 -10.35
CA LYS D 431 -3.00 -36.88 -8.92
C LYS D 431 -4.37 -36.73 -8.28
N ARG D 432 -5.22 -35.87 -8.84
CA ARG D 432 -6.62 -35.82 -8.43
C ARG D 432 -7.31 -37.14 -8.70
N CYS D 433 -7.17 -37.61 -9.95
CA CYS D 433 -7.86 -38.83 -10.37
C CYS D 433 -7.49 -40.00 -9.47
N ALA D 434 -6.18 -40.17 -9.22
CA ALA D 434 -5.75 -41.17 -8.24
C ALA D 434 -6.61 -41.10 -6.99
N ARG D 435 -6.62 -39.94 -6.34
CA ARG D 435 -7.37 -39.80 -5.10
C ARG D 435 -8.80 -40.31 -5.27
N LEU D 436 -9.49 -39.90 -6.34
CA LEU D 436 -10.86 -40.37 -6.58
C LEU D 436 -10.90 -41.89 -6.62
N LEU D 437 -10.08 -42.51 -7.48
CA LEU D 437 -10.13 -43.96 -7.59
C LEU D 437 -9.70 -44.64 -6.30
N THR D 438 -8.89 -43.96 -5.48
CA THR D 438 -8.59 -44.52 -4.18
C THR D 438 -9.85 -44.52 -3.31
N ARG D 439 -10.52 -43.38 -3.23
CA ARG D 439 -11.70 -43.25 -2.38
C ARG D 439 -12.86 -44.12 -2.86
N LEU D 440 -12.95 -44.36 -4.17
CA LEU D 440 -13.97 -45.25 -4.67
C LEU D 440 -13.67 -46.70 -4.30
N ALA D 441 -12.40 -47.08 -4.19
CA ALA D 441 -12.08 -48.47 -3.93
C ALA D 441 -12.43 -48.87 -2.50
N VAL D 442 -12.37 -47.92 -1.57
CA VAL D 442 -12.67 -48.18 -0.16
C VAL D 442 -14.07 -47.70 0.23
N SER D 443 -14.89 -47.30 -0.75
CA SER D 443 -16.22 -46.78 -0.44
C SER D 443 -17.17 -47.91 -0.05
N PRO D 444 -18.13 -47.63 0.84
CA PRO D 444 -19.06 -48.69 1.25
C PRO D 444 -19.99 -49.16 0.14
N VAL D 445 -20.17 -48.36 -0.92
CA VAL D 445 -21.05 -48.77 -2.01
C VAL D 445 -20.40 -49.81 -2.91
N CYS D 446 -19.09 -50.05 -2.77
CA CYS D 446 -18.41 -51.09 -3.54
C CYS D 446 -18.15 -52.36 -2.72
C1 CIT E . 9.03 3.59 -5.16
O1 CIT E . 9.16 4.73 -4.67
O2 CIT E . 9.23 2.59 -4.44
C2 CIT E . 8.63 3.43 -6.60
C3 CIT E . 7.53 2.37 -6.76
O7 CIT E . 7.98 1.15 -6.13
C4 CIT E . 7.20 2.15 -8.23
C5 CIT E . 8.28 1.37 -8.97
O3 CIT E . 9.37 1.90 -9.26
O4 CIT E . 8.06 0.19 -9.32
C6 CIT E . 6.26 2.85 -6.08
O5 CIT E . 5.75 3.95 -6.36
O6 CIT E . 5.69 2.13 -5.21
C1 CIT F . 3.96 0.63 -9.11
O1 CIT F . 4.19 1.17 -8.00
O2 CIT F . 4.91 0.05 -9.69
C2 CIT F . 2.58 0.68 -9.71
C3 CIT F . 1.83 -0.59 -9.37
O7 CIT F . 2.54 -1.73 -9.92
C4 CIT F . 0.42 -0.55 -9.94
C5 CIT F . 0.45 -0.78 -11.43
O3 CIT F . 0.56 0.17 -12.23
O4 CIT F . 0.38 -1.94 -11.89
C6 CIT F . 1.75 -0.75 -7.86
O5 CIT F . 1.32 0.20 -7.14
O6 CIT F . 2.10 -1.82 -7.32
C1 NAG G . -36.80 -39.30 4.30
C2 NAG G . -36.72 -40.43 5.33
C3 NAG G . -37.97 -41.30 5.25
C4 NAG G . -39.21 -40.43 5.43
C5 NAG G . -39.21 -39.26 4.46
C6 NAG G . -40.32 -38.27 4.74
C7 NAG G . -34.73 -41.64 6.15
C8 NAG G . -33.55 -42.46 5.79
N2 NAG G . -35.52 -41.24 5.14
O3 NAG G . -37.92 -42.31 6.25
O4 NAG G . -40.39 -41.22 5.23
O5 NAG G . -37.98 -38.53 4.54
O6 NAG G . -40.13 -37.67 6.03
O7 NAG G . -34.99 -41.33 7.32
#